data_5XYA
#
_entry.id   5XYA
#
_cell.length_a   190.530
_cell.length_b   190.530
_cell.length_c   248.668
_cell.angle_alpha   90.00
_cell.angle_beta   90.00
_cell.angle_gamma   120.00
#
_symmetry.space_group_name_H-M   'P 62 2 2'
#
loop_
_entity.id
_entity.type
_entity.pdbx_description
1 polymer 'Chemokine protease C'
2 non-polymer '4-(2-AMINOETHYL)BENZENESULFONYL FLUORIDE'
3 non-polymer 'SULFATE ION'
4 non-polymer 'CALCIUM ION'
#
_entity_poly.entity_id   1
_entity_poly.type   'polypeptide(L)'
_entity_poly.pdbx_seq_one_letter_code
;SLPPVNTDIHDWVKTKGAWDKGYKGQGKVVAVIDTGIDPAHQS(MSE)RISDVSTAKVKSKED(MSE)LARQKAAGINYG
SWINDKVVFAHNYVENSDNIKENQFEDFDEDWENFEFDAEAEPKAIKKHKIYRPQSTQAPKETVIKTEETDGSHDIDWTQ
TDDDTKYESHG(MSE)HVTGIVAGNSKEAAATGERFLGIAPEAQV(MSE)F(MSE)RVFANDV(MSE)GSAESLFIKAIE
DAVALGADVINLSLGTANGAQLSGSKPL(MSE)EAIEKAKKAGVSVVVAAGNERVYGSDHDDPLATNPDYGLVGSPSTGR
TPTSVAAINSKWVIQRL(MSE)TVEELEKRADLNHGKAIYSESVDFKNIKDSLGYDKSHQFAYVKESTDAGYNAQDVKGK
IALIERDPNKTYDE(MSE)IALAKKHGALGVLIFNNKPGQSNRS(MSE)RLTANG(MSE)GIPSAFISHEFGKA(MSE)S
QLNGNGTGSLEFDSVVSKAPSQKGNE(MSE)NHFSNWGLTSDGYLKPDITAPGGDIYSTYNDNHYGSQTGTS(MSE)ASP
QIAGASLLVKQYLEKTQPNLPKEKIADIVKNLL(MSE)SNAQIHVNPETKTTTSPRQQGAGLLNIDGAVTSGLYVTGKDN
YGSISLGNITDT(MSE)TFDVTVHNLSNKDKTLRYDTELLTDHVDPQKGRFTLTSRSLKTYQGGEVTVPANGKVTVRVT
(MSE)DVSQFTKELTKQ(MSE)PNGYYLEGFVRFRDSQDDQLNRVNIPFVGFKGQFENLAVAEESIYRLKSQGKTGFYFD
ESGPKDDIYVGKHFTGLVTLGSETNVSTKTISDNGLHTLGTFKNADGKFILEKNAQGNPVLAISPNGDNNQDFAAFKGVF
LRKYQGLKASVYHASDKEHKNPLWVSPESFKGDKNFNSDIRFAKSTTLLGTAFSGKSLTGAELPDGYYHYVVSYYPDVVG
AKRQE(MSE)TFD(MSE)ILDRQKPVLSQATFDPETNRFKPEPLKDRGLAGVRKDSVFYLERKDNKPYTVTINDSYKYVS
VEDNKTFVERQADGSFILPLDKAKLGDFYY(MSE)VEDFAGNVAIAKLGDHLPQTLGKTPIKLKLTDGNYQTKETLKDNL
E(MSE)TQSDTGLVTNQAQLAVVHRNQPQSQLTK(MSE)NQDFFISPNEDGNKDFVAFKGLENNVYNDLTVNVYAKDDHQ
KQTPIWSSQAGAGASAIESTAWYGITARGSKV(MSE)PGDYQYVVTYRDEHGKEHQKQYTISVNDKKP(MSE)ITQGRFD
TINGVDHFTPDKTKALGSSGIVREEVFYLAKKNGRKFDVTEGKDGITVSDNKVYIPKNPDGSYTISKRDGVTLSDYYYLV
EDRAGNVSFATLRDLKAVGKDKAVVNFGLDLPVPEDKQIVNFTYLVRDADGKPIENLEYYNNSGNSLILPYGKYTVELLT
YDTNAAKLESDKIVSFTLSADNNFQQVTFK(MSE)T(MSE)LATSQITAHFDHLLPEGSRVSLKTAQGQLIPLEQSLYVP
KAYGKTVQEGTYEVVVSLPKGYRIEGNTKVNTLPNEVHELSLRLVKVGDASDSTGDHKV(MSE)SKNNSQALTASATPTK
TTTPATAKALPSTGEK(MSE)GLKLRIVGLVLLGLTCVFSRKKSTKD
;
_entity_poly.pdbx_strand_id   A
#
# COMPACT_ATOMS: atom_id res chain seq x y z
N SER A 1 38.33 3.55 -40.14
CA SER A 1 37.04 4.11 -40.56
C SER A 1 36.11 4.21 -39.36
N LEU A 2 36.62 4.91 -38.32
CA LEU A 2 35.97 5.22 -37.03
C LEU A 2 34.99 4.16 -36.55
N PRO A 3 35.44 2.93 -36.28
CA PRO A 3 34.52 1.91 -35.75
C PRO A 3 34.60 1.72 -34.24
N PRO A 4 35.24 2.65 -33.41
CA PRO A 4 35.68 2.19 -32.07
C PRO A 4 34.56 1.87 -31.06
N VAL A 5 34.32 0.56 -30.80
CA VAL A 5 33.20 0.09 -29.97
C VAL A 5 33.63 -0.06 -28.52
N ASN A 6 32.81 0.43 -27.61
CA ASN A 6 32.95 0.11 -26.20
C ASN A 6 32.48 -1.31 -25.93
N THR A 7 33.39 -2.13 -25.41
CA THR A 7 33.02 -3.48 -25.02
C THR A 7 33.22 -3.70 -23.52
N ASP A 8 33.30 -2.62 -22.73
CA ASP A 8 33.30 -2.77 -21.28
C ASP A 8 32.18 -3.67 -20.81
N ILE A 9 31.16 -3.81 -21.63
CA ILE A 9 29.96 -4.53 -21.27
C ILE A 9 29.84 -5.84 -22.05
N HIS A 10 30.12 -5.82 -23.35
CA HIS A 10 30.01 -7.02 -24.16
C HIS A 10 31.07 -8.06 -23.84
N ASP A 11 32.19 -7.61 -23.24
CA ASP A 11 33.31 -8.50 -22.97
C ASP A 11 32.85 -9.65 -22.10
N TRP A 12 32.36 -9.36 -20.89
CA TRP A 12 32.08 -10.46 -19.99
C TRP A 12 30.62 -10.93 -20.04
N VAL A 13 29.85 -10.58 -21.07
CA VAL A 13 28.66 -11.36 -21.38
C VAL A 13 28.85 -12.23 -22.62
N LYS A 14 30.02 -12.11 -23.28
CA LYS A 14 30.38 -12.94 -24.42
C LYS A 14 29.49 -12.62 -25.61
N THR A 15 29.24 -11.33 -25.82
CA THR A 15 28.31 -10.91 -26.88
C THR A 15 28.81 -11.37 -28.24
N LYS A 16 30.07 -11.04 -28.57
CA LYS A 16 30.64 -11.36 -29.87
C LYS A 16 30.57 -12.86 -30.17
N GLY A 17 30.64 -13.71 -29.13
CA GLY A 17 30.51 -15.14 -29.32
C GLY A 17 29.32 -15.56 -30.15
N ALA A 18 28.22 -14.79 -30.11
CA ALA A 18 27.04 -15.10 -30.92
C ALA A 18 26.83 -14.12 -32.06
N TRP A 19 27.66 -13.08 -32.16
CA TRP A 19 27.61 -12.17 -33.31
C TRP A 19 28.31 -12.74 -34.52
N ASP A 20 29.60 -13.05 -34.35
CA ASP A 20 30.41 -13.64 -35.39
C ASP A 20 29.75 -14.86 -35.99
N LYS A 21 28.90 -15.52 -35.21
CA LYS A 21 28.15 -16.69 -35.65
C LYS A 21 26.94 -16.34 -36.50
N GLY A 22 26.85 -15.10 -36.99
CA GLY A 22 25.72 -14.72 -37.83
C GLY A 22 24.43 -14.45 -37.08
N TYR A 23 24.44 -14.48 -35.75
CA TYR A 23 23.30 -14.08 -34.94
C TYR A 23 23.56 -12.65 -34.43
N LYS A 24 23.30 -11.69 -35.30
CA LYS A 24 23.13 -10.30 -34.90
C LYS A 24 21.63 -10.08 -34.70
N GLY A 25 21.17 -8.84 -34.57
CA GLY A 25 19.75 -8.66 -34.33
C GLY A 25 18.83 -9.01 -35.51
N GLN A 26 19.38 -9.20 -36.71
CA GLN A 26 18.57 -9.09 -37.92
C GLN A 26 17.50 -10.17 -38.00
N GLY A 27 16.30 -9.77 -38.38
CA GLY A 27 15.22 -10.69 -38.62
C GLY A 27 14.23 -10.82 -37.49
N LYS A 28 14.59 -10.40 -36.28
CA LYS A 28 13.72 -10.58 -35.13
C LYS A 28 13.28 -9.22 -34.62
N VAL A 29 12.31 -9.21 -33.70
CA VAL A 29 11.69 -7.97 -33.25
C VAL A 29 11.46 -7.97 -31.74
N VAL A 30 12.01 -6.94 -31.06
CA VAL A 30 11.91 -6.78 -29.61
C VAL A 30 11.01 -5.60 -29.30
N ALA A 31 9.98 -5.85 -28.49
CA ALA A 31 8.97 -4.87 -28.12
C ALA A 31 9.37 -4.27 -26.78
N VAL A 32 9.79 -3.01 -26.80
CA VAL A 32 10.14 -2.33 -25.56
C VAL A 32 8.95 -1.52 -25.06
N ILE A 33 8.41 -1.89 -23.89
CA ILE A 33 7.33 -1.17 -23.24
C ILE A 33 7.91 -0.31 -22.14
N ASP A 34 7.90 1.00 -22.32
CA ASP A 34 8.56 1.85 -21.36
C ASP A 34 8.10 3.28 -21.59
N THR A 35 8.82 4.24 -21.01
CA THR A 35 8.45 5.64 -21.06
C THR A 35 9.21 6.33 -22.18
N GLY A 36 8.74 6.13 -23.41
CA GLY A 36 9.13 6.97 -24.53
C GLY A 36 10.38 6.52 -25.29
N ILE A 37 10.63 7.23 -26.40
CA ILE A 37 11.86 7.13 -27.19
C ILE A 37 12.31 8.52 -27.67
N ASP A 38 13.25 8.55 -28.62
CA ASP A 38 13.47 9.67 -29.54
C ASP A 38 13.84 9.09 -30.91
N PRO A 39 12.91 8.34 -31.54
CA PRO A 39 13.30 7.28 -32.48
C PRO A 39 14.04 7.70 -33.74
N ALA A 40 14.46 8.97 -33.83
CA ALA A 40 15.34 9.41 -34.92
C ALA A 40 16.82 9.28 -34.57
N HIS A 41 17.13 9.05 -33.29
CA HIS A 41 18.50 8.98 -32.77
C HIS A 41 19.38 8.08 -33.63
N GLN A 42 20.68 8.42 -33.63
CA GLN A 42 21.73 7.72 -34.36
C GLN A 42 21.52 6.21 -34.28
N SER A 43 21.18 5.74 -33.08
CA SER A 43 21.25 4.31 -32.75
C SER A 43 20.08 3.51 -33.29
N ARG A 45 19.03 2.51 -35.94
CA ARG A 45 19.40 2.24 -37.32
C ARG A 45 19.39 0.74 -37.55
N ILE A 46 19.01 0.31 -38.75
CA ILE A 46 19.21 -1.05 -39.19
C ILE A 46 19.78 -0.99 -40.61
N SER A 47 20.88 -1.70 -40.83
CA SER A 47 21.44 -1.86 -42.17
C SER A 47 20.86 -3.11 -42.81
N ASP A 48 20.62 -3.04 -44.13
CA ASP A 48 19.97 -4.10 -44.88
C ASP A 48 18.53 -4.33 -44.40
N VAL A 49 17.72 -3.31 -44.63
CA VAL A 49 16.28 -3.37 -44.42
C VAL A 49 15.69 -4.55 -45.18
N SER A 50 16.42 -5.07 -46.18
CA SER A 50 15.89 -6.17 -46.98
C SER A 50 15.93 -7.50 -46.25
N THR A 51 16.73 -7.64 -45.21
CA THR A 51 16.75 -8.86 -44.41
C THR A 51 15.89 -8.76 -43.15
N ALA A 52 15.25 -7.61 -42.91
CA ALA A 52 14.42 -7.40 -41.74
C ALA A 52 13.15 -8.27 -41.81
N LYS A 53 12.37 -8.26 -40.70
CA LYS A 53 11.11 -8.98 -40.65
C LYS A 53 9.95 -8.17 -41.24
N VAL A 54 10.09 -6.84 -41.29
CA VAL A 54 9.08 -5.96 -41.85
C VAL A 54 9.75 -4.97 -42.82
N LYS A 55 9.18 -4.88 -44.03
CA LYS A 55 9.76 -4.12 -45.14
C LYS A 55 9.59 -2.62 -44.95
N SER A 56 8.34 -2.16 -44.84
CA SER A 56 8.03 -0.72 -44.85
C SER A 56 6.58 -0.52 -44.40
N LYS A 57 6.11 0.73 -44.51
CA LYS A 57 4.74 1.13 -44.22
C LYS A 57 3.73 0.11 -44.73
N GLU A 58 3.91 -0.31 -45.98
CA GLU A 58 3.01 -1.26 -46.61
C GLU A 58 2.95 -2.57 -45.82
N ASP A 59 4.10 -3.09 -45.39
CA ASP A 59 4.10 -4.32 -44.60
C ASP A 59 3.40 -4.08 -43.26
N LEU A 61 1.42 -1.49 -41.82
CA LEU A 61 -0.01 -1.15 -41.87
C LEU A 61 -0.85 -2.34 -42.31
N ALA A 62 -0.26 -3.30 -43.05
CA ALA A 62 -1.03 -4.46 -43.49
C ALA A 62 -1.17 -5.50 -42.39
N ARG A 63 -0.11 -5.72 -41.61
CA ARG A 63 -0.25 -6.54 -40.42
C ARG A 63 -1.23 -5.93 -39.42
N GLN A 64 -1.33 -4.58 -39.38
CA GLN A 64 -2.25 -3.93 -38.46
C GLN A 64 -3.70 -4.27 -38.76
N LYS A 65 -4.04 -4.40 -40.04
CA LYS A 65 -5.40 -4.66 -40.47
C LYS A 65 -5.75 -6.15 -40.53
N ALA A 66 -4.79 -7.05 -40.30
CA ALA A 66 -5.07 -8.47 -40.17
C ALA A 66 -5.27 -8.87 -38.72
N ALA A 67 -4.66 -8.14 -37.79
CA ALA A 67 -4.83 -8.42 -36.37
C ALA A 67 -6.10 -7.77 -35.83
N GLY A 68 -6.45 -6.61 -36.37
CA GLY A 68 -7.52 -5.81 -35.81
C GLY A 68 -7.01 -4.63 -35.01
N ILE A 69 -5.98 -3.94 -35.50
CA ILE A 69 -5.38 -2.80 -34.85
C ILE A 69 -5.61 -1.56 -35.69
N ASN A 70 -6.16 -0.51 -35.06
CA ASN A 70 -6.50 0.72 -35.78
C ASN A 70 -5.54 1.87 -35.51
N TYR A 71 -4.78 1.83 -34.42
CA TYR A 71 -3.96 2.96 -34.02
C TYR A 71 -2.49 2.73 -34.38
N GLY A 72 -1.70 3.82 -34.26
CA GLY A 72 -0.25 3.75 -34.36
C GLY A 72 0.34 3.33 -35.69
N SER A 73 1.61 3.63 -35.94
CA SER A 73 2.14 3.36 -37.26
C SER A 73 3.66 3.23 -37.19
N TRP A 74 4.25 2.78 -38.31
CA TRP A 74 5.71 2.68 -38.44
C TRP A 74 6.35 4.07 -38.54
N ILE A 75 7.62 4.16 -38.16
CA ILE A 75 8.33 5.43 -38.29
C ILE A 75 9.54 5.18 -39.18
N ASN A 76 10.51 4.41 -38.68
CA ASN A 76 11.73 4.03 -39.38
C ASN A 76 11.65 2.59 -39.84
N ASP A 77 12.77 2.10 -40.39
CA ASP A 77 12.97 0.66 -40.57
C ASP A 77 13.32 -0.03 -39.26
N LYS A 78 13.78 0.73 -38.26
CA LYS A 78 14.07 0.21 -36.92
C LYS A 78 12.88 0.35 -35.98
N VAL A 79 12.25 1.53 -35.97
CA VAL A 79 11.16 1.85 -35.03
C VAL A 79 9.87 1.59 -35.79
N VAL A 80 9.39 0.35 -35.78
CA VAL A 80 8.39 -0.09 -36.75
C VAL A 80 6.96 0.00 -36.23
N PHE A 81 6.75 0.28 -34.95
CA PHE A 81 5.43 0.49 -34.39
C PHE A 81 5.56 1.51 -33.29
N ALA A 82 4.54 2.33 -33.12
CA ALA A 82 4.54 3.17 -31.94
C ALA A 82 3.10 3.44 -31.60
N HIS A 83 2.87 3.72 -30.31
CA HIS A 83 1.55 4.09 -29.77
C HIS A 83 1.68 4.66 -28.37
N ASN A 84 1.37 5.94 -28.16
CA ASN A 84 1.60 6.47 -26.81
C ASN A 84 0.39 6.15 -25.97
N TYR A 85 0.38 4.97 -25.34
CA TYR A 85 -0.82 4.49 -24.68
C TYR A 85 -1.27 5.35 -23.49
N VAL A 86 -0.61 6.48 -23.16
CA VAL A 86 -1.10 7.26 -22.03
C VAL A 86 -2.44 7.89 -22.38
N GLU A 87 -2.56 8.53 -23.56
CA GLU A 87 -3.85 9.01 -24.06
C GLU A 87 -3.99 8.60 -25.53
N ASN A 88 -4.23 7.31 -25.78
CA ASN A 88 -4.56 6.69 -27.07
C ASN A 88 -3.87 7.35 -28.29
N SER A 89 -2.56 7.07 -28.49
CA SER A 89 -1.69 7.50 -29.60
C SER A 89 -1.28 8.97 -29.67
N ASP A 90 -0.37 9.41 -28.79
CA ASP A 90 0.27 10.72 -28.83
C ASP A 90 1.68 10.51 -29.39
N ASN A 91 2.52 11.55 -29.33
CA ASN A 91 3.95 11.39 -29.65
C ASN A 91 4.72 10.88 -28.44
N ILE A 92 5.83 10.16 -28.70
CA ILE A 92 6.63 9.52 -27.65
C ILE A 92 7.84 10.37 -27.28
N LYS A 93 7.58 11.53 -26.66
CA LYS A 93 8.65 12.54 -26.51
C LYS A 93 9.39 12.54 -25.16
N GLU A 94 8.69 12.85 -24.06
CA GLU A 94 9.32 13.00 -22.74
C GLU A 94 10.39 14.10 -22.68
N ASN A 95 10.32 15.10 -23.54
CA ASN A 95 11.38 16.11 -23.63
C ASN A 95 11.29 17.12 -22.49
N GLN A 96 11.99 18.25 -22.62
CA GLN A 96 12.21 19.21 -21.54
C GLN A 96 11.31 20.45 -21.62
N PHE A 97 11.40 21.22 -22.72
CA PHE A 97 10.58 22.43 -22.90
C PHE A 97 10.64 22.95 -24.34
N LYS A 158 19.84 17.69 -16.31
CA LYS A 158 19.51 16.46 -17.05
C LYS A 158 18.66 16.70 -18.30
N TYR A 159 18.75 15.79 -19.25
CA TYR A 159 17.79 15.65 -20.34
C TYR A 159 17.56 14.17 -20.60
N GLU A 160 17.36 13.40 -19.52
CA GLU A 160 17.36 11.94 -19.58
C GLU A 160 16.02 11.36 -20.06
N SER A 161 16.08 10.32 -20.89
CA SER A 161 14.88 9.55 -21.25
C SER A 161 15.08 8.10 -20.86
N HIS A 162 14.58 7.77 -19.67
CA HIS A 162 14.64 6.41 -19.14
C HIS A 162 14.19 5.36 -20.16
N GLY A 163 13.18 5.68 -20.97
CA GLY A 163 12.61 4.65 -21.81
C GLY A 163 13.44 4.24 -23.00
N HIS A 165 16.99 4.75 -23.14
CA HIS A 165 18.13 4.14 -22.47
C HIS A 165 17.91 2.63 -22.39
N VAL A 166 16.71 2.20 -21.98
CA VAL A 166 16.36 0.78 -21.99
C VAL A 166 16.58 0.18 -23.38
N THR A 167 15.89 0.71 -24.39
CA THR A 167 16.08 0.22 -25.75
C THR A 167 17.54 0.32 -26.16
N GLY A 168 18.24 1.39 -25.72
CA GLY A 168 19.64 1.53 -26.09
C GLY A 168 20.45 0.30 -25.77
N ILE A 169 20.12 -0.35 -24.65
CA ILE A 169 20.79 -1.59 -24.28
C ILE A 169 20.51 -2.67 -25.32
N VAL A 170 19.23 -2.85 -25.68
CA VAL A 170 18.85 -3.99 -26.50
C VAL A 170 19.28 -3.81 -27.94
N ALA A 171 19.22 -2.59 -28.48
CA ALA A 171 19.47 -2.56 -29.92
C ALA A 171 20.20 -1.32 -30.40
N GLY A 172 20.96 -0.65 -29.54
CA GLY A 172 21.54 0.62 -29.95
C GLY A 172 22.66 0.56 -30.98
N ASN A 173 22.35 0.16 -32.22
CA ASN A 173 23.29 -0.01 -33.33
C ASN A 173 23.79 1.32 -33.91
N SER A 174 24.49 2.10 -33.10
CA SER A 174 24.97 3.42 -33.48
C SER A 174 26.13 3.30 -34.47
N LYS A 175 26.56 4.47 -34.99
CA LYS A 175 27.74 4.62 -35.83
C LYS A 175 28.46 5.93 -35.57
N GLU A 176 28.37 6.45 -34.34
CA GLU A 176 29.05 7.71 -34.03
C GLU A 176 29.52 7.69 -32.58
N ALA A 177 30.57 8.47 -32.33
CA ALA A 177 31.26 8.50 -31.05
C ALA A 177 30.41 9.13 -29.95
N ALA A 178 30.53 8.57 -28.76
CA ALA A 178 30.04 9.23 -27.57
C ALA A 178 31.15 10.13 -27.01
N ALA A 179 30.96 10.62 -25.79
CA ALA A 179 31.88 11.58 -25.16
C ALA A 179 33.22 10.95 -24.76
N THR A 180 33.38 9.63 -24.89
CA THR A 180 34.70 9.05 -24.74
C THR A 180 35.41 8.95 -26.09
N GLY A 181 34.64 8.76 -27.15
CA GLY A 181 35.19 8.44 -28.44
C GLY A 181 34.83 7.06 -28.89
N GLU A 182 33.92 6.38 -28.21
CA GLU A 182 33.53 5.05 -28.61
C GLU A 182 32.13 5.01 -29.24
N ARG A 183 31.93 3.99 -30.05
CA ARG A 183 30.66 3.75 -30.73
C ARG A 183 29.97 2.60 -29.97
N PHE A 184 28.97 2.93 -29.17
CA PHE A 184 28.27 1.96 -28.33
C PHE A 184 27.22 1.24 -29.15
N LEU A 185 27.00 -0.03 -28.83
CA LEU A 185 26.11 -0.88 -29.62
C LEU A 185 25.34 -1.80 -28.69
N GLY A 186 24.10 -2.11 -29.07
CA GLY A 186 23.28 -2.99 -28.27
C GLY A 186 23.43 -4.48 -28.60
N ILE A 187 23.03 -5.30 -27.63
CA ILE A 187 23.25 -6.74 -27.66
C ILE A 187 22.72 -7.35 -28.96
N ALA A 188 21.55 -6.89 -29.41
CA ALA A 188 21.02 -7.25 -30.72
C ALA A 188 21.04 -6.01 -31.61
N PRO A 189 22.00 -5.88 -32.53
CA PRO A 189 22.10 -4.62 -33.29
C PRO A 189 20.97 -4.44 -34.27
N GLU A 190 20.52 -5.54 -34.87
CA GLU A 190 19.78 -5.54 -36.12
C GLU A 190 18.34 -6.05 -35.95
N ALA A 191 17.81 -6.07 -34.73
CA ALA A 191 16.43 -6.43 -34.50
C ALA A 191 15.55 -5.20 -34.54
N GLN A 192 14.31 -5.39 -34.96
CA GLN A 192 13.42 -4.26 -35.17
C GLN A 192 12.54 -4.05 -33.93
N VAL A 193 12.35 -2.77 -33.57
CA VAL A 193 11.90 -2.37 -32.23
C VAL A 193 10.54 -1.69 -32.36
N PHE A 195 7.71 -0.17 -30.37
CA PHE A 195 7.73 0.45 -29.05
C PHE A 195 6.32 0.78 -28.59
N ARG A 197 4.59 2.92 -25.67
CA ARG A 197 4.79 3.76 -24.48
C ARG A 197 3.66 3.54 -23.47
N VAL A 198 4.00 3.17 -22.23
CA VAL A 198 3.05 2.92 -21.13
C VAL A 198 3.71 3.21 -19.80
N PHE A 199 3.19 4.15 -19.02
CA PHE A 199 3.83 4.43 -17.74
C PHE A 199 2.82 4.97 -16.74
N ALA A 200 2.87 4.42 -15.52
CA ALA A 200 1.80 4.55 -14.54
C ALA A 200 1.95 5.81 -13.69
N ASN A 201 0.80 6.41 -13.35
CA ASN A 201 0.67 7.50 -12.41
C ASN A 201 -0.09 7.02 -11.18
N ASP A 202 -0.13 7.89 -10.17
CA ASP A 202 -0.84 7.55 -8.95
C ASP A 202 -2.30 7.93 -9.03
N VAL A 203 -2.62 8.99 -9.79
CA VAL A 203 -3.98 9.49 -9.99
C VAL A 203 -4.82 8.56 -10.85
N GLY A 205 -5.58 4.73 -11.13
CA GLY A 205 -6.41 3.54 -11.06
C GLY A 205 -5.54 2.29 -11.14
N SER A 206 -5.61 1.57 -12.27
CA SER A 206 -4.81 0.35 -12.52
C SER A 206 -4.25 0.39 -13.95
N ALA A 207 -2.96 0.72 -14.10
CA ALA A 207 -2.31 0.83 -15.41
C ALA A 207 -2.41 -0.46 -16.23
N GLU A 208 -2.96 -1.51 -15.63
CA GLU A 208 -2.75 -2.85 -16.17
C GLU A 208 -3.27 -2.99 -17.58
N SER A 209 -4.53 -2.62 -17.83
CA SER A 209 -5.07 -2.86 -19.15
C SER A 209 -4.22 -2.19 -20.23
N LEU A 210 -3.62 -1.03 -19.93
CA LEU A 210 -2.73 -0.40 -20.90
C LEU A 210 -1.64 -1.36 -21.35
N PHE A 211 -0.83 -1.81 -20.40
CA PHE A 211 0.14 -2.86 -20.67
C PHE A 211 -0.51 -4.04 -21.38
N ILE A 212 -1.57 -4.60 -20.80
CA ILE A 212 -2.17 -5.83 -21.32
C ILE A 212 -2.50 -5.72 -22.80
N LYS A 213 -2.84 -4.54 -23.28
CA LYS A 213 -3.01 -4.48 -24.72
C LYS A 213 -1.73 -4.08 -25.45
N ALA A 214 -0.76 -3.45 -24.79
CA ALA A 214 0.56 -3.35 -25.43
C ALA A 214 1.13 -4.75 -25.72
N ILE A 215 1.10 -5.64 -24.72
CA ILE A 215 1.43 -7.05 -24.90
C ILE A 215 0.60 -7.66 -26.03
N GLU A 216 -0.73 -7.55 -25.96
CA GLU A 216 -1.58 -8.15 -26.99
C GLU A 216 -1.23 -7.62 -28.39
N ASP A 217 -0.83 -6.35 -28.47
CA ASP A 217 -0.43 -5.72 -29.73
C ASP A 217 0.86 -6.35 -30.27
N ALA A 218 1.92 -6.33 -29.44
CA ALA A 218 3.16 -6.98 -29.81
C ALA A 218 2.90 -8.39 -30.34
N VAL A 219 2.08 -9.18 -29.64
CA VAL A 219 1.91 -10.58 -30.01
C VAL A 219 1.21 -10.72 -31.36
N ALA A 220 0.09 -10.00 -31.57
CA ALA A 220 -0.60 -10.14 -32.85
C ALA A 220 0.25 -9.59 -34.00
N LEU A 221 0.90 -8.44 -33.80
CA LEU A 221 1.81 -7.92 -34.82
C LEU A 221 2.93 -8.91 -35.14
N GLY A 222 3.47 -9.56 -34.12
CA GLY A 222 4.38 -10.67 -34.32
C GLY A 222 5.77 -10.56 -33.73
N ALA A 223 5.94 -9.77 -32.67
CA ALA A 223 7.24 -9.65 -32.04
C ALA A 223 7.73 -11.01 -31.54
N ASP A 224 8.99 -11.04 -31.13
CA ASP A 224 9.60 -12.27 -30.63
C ASP A 224 9.90 -12.24 -29.14
N VAL A 225 10.03 -11.04 -28.56
CA VAL A 225 10.35 -10.90 -27.16
C VAL A 225 10.02 -9.47 -26.76
N ILE A 226 9.43 -9.34 -25.57
CA ILE A 226 8.99 -8.06 -25.02
C ILE A 226 9.81 -7.75 -23.78
N ASN A 227 10.34 -6.54 -23.69
CA ASN A 227 11.07 -6.07 -22.51
C ASN A 227 10.14 -5.17 -21.70
N LEU A 228 9.56 -5.75 -20.67
CA LEU A 228 8.45 -5.16 -19.91
C LEU A 228 9.02 -4.58 -18.62
N SER A 229 8.99 -3.25 -18.49
CA SER A 229 9.47 -2.57 -17.28
C SER A 229 8.23 -2.32 -16.44
N LEU A 230 7.98 -3.21 -15.48
CA LEU A 230 6.73 -3.16 -14.71
C LEU A 230 6.93 -3.97 -13.44
N GLY A 231 6.87 -3.31 -12.27
CA GLY A 231 7.19 -4.01 -11.04
C GLY A 231 6.29 -3.71 -9.85
N THR A 232 5.76 -4.77 -9.24
CA THR A 232 4.95 -4.68 -8.03
C THR A 232 5.56 -5.63 -7.01
N ALA A 233 6.17 -5.09 -5.95
CA ALA A 233 7.06 -5.88 -5.10
C ALA A 233 6.34 -7.07 -4.49
N ASN A 234 7.14 -7.98 -3.95
CA ASN A 234 6.72 -9.25 -3.34
C ASN A 234 5.67 -9.97 -4.19
N GLY A 235 5.99 -10.12 -5.50
CA GLY A 235 5.10 -10.82 -6.41
C GLY A 235 4.94 -12.28 -6.06
N ALA A 236 3.85 -12.87 -6.55
CA ALA A 236 3.60 -14.31 -6.43
C ALA A 236 3.66 -14.94 -7.81
N GLN A 237 4.05 -16.21 -7.86
CA GLN A 237 4.20 -16.86 -9.16
C GLN A 237 2.90 -17.46 -9.67
N LEU A 238 2.00 -17.85 -8.79
CA LEU A 238 0.82 -18.55 -9.27
C LEU A 238 -0.43 -17.71 -9.24
N SER A 239 -0.49 -16.74 -8.32
CA SER A 239 -1.72 -15.97 -8.17
C SER A 239 -1.40 -14.51 -8.46
N GLY A 240 -0.68 -14.22 -9.53
CA GLY A 240 -0.52 -12.82 -9.91
C GLY A 240 -1.83 -12.18 -10.37
N SER A 241 -1.73 -11.09 -11.12
CA SER A 241 -2.93 -10.44 -11.67
C SER A 241 -3.48 -11.24 -12.86
N LYS A 242 -4.62 -11.91 -12.66
CA LYS A 242 -5.06 -12.92 -13.63
C LYS A 242 -5.18 -12.44 -15.08
N PRO A 243 -5.66 -11.24 -15.40
CA PRO A 243 -5.70 -10.86 -16.81
C PRO A 243 -4.33 -10.53 -17.36
N LEU A 244 -3.35 -10.21 -16.50
CA LEU A 244 -1.99 -9.93 -16.97
C LEU A 244 -1.19 -11.21 -17.17
N GLU A 246 -2.40 -14.25 -18.01
CA GLU A 246 -2.83 -14.86 -19.27
C GLU A 246 -2.44 -14.02 -20.48
N ALA A 247 -2.33 -12.70 -20.36
CA ALA A 247 -1.85 -11.93 -21.51
C ALA A 247 -0.42 -12.31 -21.84
N ILE A 248 0.40 -12.51 -20.81
CA ILE A 248 1.79 -12.95 -20.99
C ILE A 248 1.80 -14.38 -21.54
N GLU A 249 1.19 -15.33 -20.82
CA GLU A 249 1.11 -16.72 -21.26
C GLU A 249 0.65 -16.86 -22.70
N LYS A 250 -0.04 -15.85 -23.24
CA LYS A 250 -0.37 -15.86 -24.66
C LYS A 250 0.83 -15.45 -25.52
N ALA A 251 1.60 -14.45 -25.09
CA ALA A 251 2.87 -14.22 -25.75
C ALA A 251 3.72 -15.50 -25.76
N LYS A 252 3.87 -16.15 -24.59
CA LYS A 252 4.64 -17.39 -24.53
C LYS A 252 4.06 -18.47 -25.44
N LYS A 253 2.73 -18.51 -25.63
CA LYS A 253 2.20 -19.51 -26.57
C LYS A 253 2.54 -19.15 -28.02
N ALA A 254 2.82 -17.88 -28.31
CA ALA A 254 3.45 -17.52 -29.58
C ALA A 254 4.96 -17.47 -29.35
N GLY A 255 5.72 -17.11 -30.36
CA GLY A 255 7.15 -17.21 -30.19
C GLY A 255 7.75 -16.08 -29.38
N VAL A 256 7.18 -15.77 -28.21
CA VAL A 256 7.52 -14.53 -27.52
C VAL A 256 8.13 -14.84 -26.17
N SER A 257 9.26 -14.19 -25.89
CA SER A 257 9.85 -14.17 -24.56
C SER A 257 9.45 -12.87 -23.86
N VAL A 258 9.07 -12.96 -22.59
CA VAL A 258 8.63 -11.81 -21.81
C VAL A 258 9.69 -11.52 -20.77
N VAL A 259 10.47 -10.45 -20.97
CA VAL A 259 11.65 -10.18 -20.16
C VAL A 259 11.40 -8.95 -19.31
N VAL A 260 11.39 -9.15 -17.98
CA VAL A 260 10.93 -8.20 -16.99
C VAL A 260 12.01 -8.02 -15.94
N ALA A 261 12.32 -6.76 -15.59
CA ALA A 261 13.26 -6.53 -14.47
C ALA A 261 12.62 -7.02 -13.18
N ALA A 262 13.40 -7.02 -12.10
CA ALA A 262 12.92 -7.72 -10.93
C ALA A 262 12.72 -6.84 -9.72
N GLY A 263 13.31 -5.65 -9.70
CA GLY A 263 12.97 -4.64 -8.70
C GLY A 263 14.23 -4.07 -8.09
N ASN A 264 14.02 -2.97 -7.34
CA ASN A 264 15.15 -2.28 -6.71
C ASN A 264 14.86 -2.01 -5.24
N GLU A 265 14.22 -2.96 -4.55
CA GLU A 265 13.85 -2.81 -3.16
C GLU A 265 14.64 -3.74 -2.24
N ARG A 266 15.17 -4.80 -2.83
CA ARG A 266 16.27 -5.64 -2.44
C ARG A 266 16.03 -6.65 -1.35
N VAL A 267 15.31 -6.34 -0.27
CA VAL A 267 14.99 -7.29 0.81
C VAL A 267 14.20 -6.51 1.84
N TYR A 268 13.43 -7.22 2.67
CA TYR A 268 12.71 -6.59 3.78
C TYR A 268 13.60 -5.62 4.53
N GLY A 269 13.04 -4.45 4.82
CA GLY A 269 13.73 -3.46 5.63
C GLY A 269 14.96 -2.84 5.01
N SER A 270 15.08 -2.86 3.68
CA SER A 270 16.38 -2.54 3.08
C SER A 270 16.80 -1.10 3.39
N ASP A 271 15.85 -0.21 3.66
CA ASP A 271 16.17 1.17 4.03
C ASP A 271 16.18 1.37 5.55
N HIS A 272 16.11 0.31 6.33
CA HIS A 272 16.15 0.45 7.79
C HIS A 272 17.32 -0.29 8.42
N ASP A 273 17.39 -1.60 8.23
CA ASP A 273 18.37 -2.49 8.84
C ASP A 273 18.27 -3.84 8.16
N ASP A 274 19.38 -4.60 8.14
CA ASP A 274 19.30 -5.95 7.59
C ASP A 274 18.25 -6.77 8.34
N PRO A 275 17.63 -7.76 7.70
CA PRO A 275 16.52 -8.46 8.33
C PRO A 275 16.93 -9.43 9.43
N LEU A 276 16.17 -9.45 10.52
CA LEU A 276 16.47 -10.31 11.66
C LEU A 276 16.50 -11.78 11.27
N ALA A 277 17.33 -12.55 11.99
CA ALA A 277 17.53 -13.94 11.62
C ALA A 277 16.27 -14.77 11.78
N THR A 278 15.31 -14.31 12.56
CA THR A 278 14.10 -15.10 12.77
C THR A 278 13.10 -15.01 11.63
N ASN A 279 13.32 -14.12 10.66
CA ASN A 279 12.35 -13.81 9.61
C ASN A 279 12.98 -14.11 8.25
N PRO A 280 13.13 -15.38 7.91
CA PRO A 280 13.83 -15.73 6.67
C PRO A 280 13.16 -15.26 5.39
N ASP A 281 11.88 -14.88 5.42
CA ASP A 281 11.15 -14.56 4.20
C ASP A 281 11.25 -13.07 3.92
N TYR A 282 12.40 -12.67 3.41
CA TYR A 282 12.68 -11.25 3.16
C TYR A 282 12.78 -10.97 1.69
N GLY A 283 12.27 -11.83 0.87
CA GLY A 283 12.41 -11.57 -0.58
C GLY A 283 11.40 -10.59 -1.10
N LEU A 284 11.73 -9.91 -2.16
CA LEU A 284 10.84 -8.90 -2.73
C LEU A 284 10.85 -9.02 -4.25
N VAL A 285 10.93 -10.19 -4.85
CA VAL A 285 10.95 -10.16 -6.34
C VAL A 285 9.56 -9.77 -6.77
N GLY A 286 9.43 -9.02 -7.82
CA GLY A 286 8.09 -8.56 -8.10
C GLY A 286 7.43 -9.12 -9.32
N SER A 287 6.13 -9.12 -9.21
CA SER A 287 5.16 -9.40 -10.27
C SER A 287 5.25 -8.29 -11.33
N PRO A 288 5.15 -8.63 -12.62
CA PRO A 288 4.83 -9.95 -13.18
C PRO A 288 6.05 -10.87 -13.33
N SER A 289 7.28 -10.35 -13.15
CA SER A 289 8.47 -11.19 -13.36
C SER A 289 8.42 -12.46 -12.52
N THR A 290 7.83 -12.41 -11.34
CA THR A 290 7.65 -13.63 -10.55
C THR A 290 6.80 -14.66 -11.27
N GLY A 291 6.38 -14.36 -12.49
CA GLY A 291 5.62 -15.33 -13.24
C GLY A 291 6.49 -16.52 -13.62
N ARG A 292 5.85 -17.69 -13.67
CA ARG A 292 6.58 -18.81 -14.23
C ARG A 292 7.03 -18.49 -15.64
N THR A 293 6.11 -18.08 -16.51
CA THR A 293 6.50 -17.87 -17.90
C THR A 293 7.59 -16.82 -18.09
N PRO A 294 7.48 -15.57 -17.60
CA PRO A 294 8.48 -14.54 -17.98
C PRO A 294 9.89 -14.84 -17.49
N THR A 295 10.89 -14.05 -17.85
CA THR A 295 12.24 -14.30 -17.35
C THR A 295 12.63 -13.08 -16.53
N SER A 296 12.70 -13.27 -15.22
CA SER A 296 13.05 -12.18 -14.32
C SER A 296 14.55 -11.93 -14.33
N VAL A 297 14.94 -10.66 -14.16
CA VAL A 297 16.33 -10.24 -14.33
C VAL A 297 16.82 -9.46 -13.13
N ALA A 298 17.83 -9.99 -12.43
CA ALA A 298 18.53 -9.27 -11.38
C ALA A 298 19.71 -8.53 -12.00
N ALA A 299 20.43 -7.72 -11.21
CA ALA A 299 21.46 -6.88 -11.81
C ALA A 299 22.76 -6.82 -11.01
N ILE A 300 23.91 -6.96 -11.71
CA ILE A 300 25.26 -6.86 -11.15
C ILE A 300 25.93 -5.58 -11.66
N ASN A 301 26.61 -4.85 -10.79
CA ASN A 301 27.19 -3.60 -11.25
C ASN A 301 28.22 -3.83 -12.35
N SER A 302 28.33 -2.87 -13.27
CA SER A 302 29.34 -3.03 -14.31
C SER A 302 30.71 -2.75 -13.73
N LYS A 303 31.72 -3.36 -14.35
CA LYS A 303 33.10 -3.17 -13.90
C LYS A 303 33.60 -1.80 -14.29
N TRP A 304 33.07 -1.23 -15.38
CA TRP A 304 33.58 0.00 -15.97
C TRP A 304 32.52 1.08 -16.03
N VAL A 305 32.78 2.17 -15.32
CA VAL A 305 31.89 3.32 -15.31
C VAL A 305 32.44 4.35 -16.29
N ILE A 306 31.53 5.00 -17.01
CA ILE A 306 31.81 6.17 -17.82
C ILE A 306 31.27 7.38 -17.07
N GLN A 307 32.14 8.33 -16.69
CA GLN A 307 31.69 9.37 -15.78
C GLN A 307 32.53 10.63 -15.91
N ARG A 308 31.88 11.76 -15.63
CA ARG A 308 32.60 12.98 -15.34
C ARG A 308 33.32 12.80 -14.01
N LEU A 309 34.63 13.07 -13.99
CA LEU A 309 35.49 12.52 -12.95
C LEU A 309 36.68 13.45 -12.71
N THR A 311 40.42 14.85 -11.69
CA THR A 311 41.79 14.46 -11.99
C THR A 311 42.77 15.18 -11.07
N VAL A 312 43.97 14.60 -10.92
CA VAL A 312 45.07 15.24 -10.20
C VAL A 312 46.41 14.84 -10.81
N GLU A 313 47.15 15.82 -11.34
CA GLU A 313 48.47 15.52 -11.89
C GLU A 313 49.46 15.16 -10.80
N GLU A 314 49.23 15.60 -9.56
CA GLU A 314 50.15 15.30 -8.46
C GLU A 314 50.27 13.81 -8.15
N LEU A 315 49.32 12.99 -8.60
CA LEU A 315 49.36 11.53 -8.47
C LEU A 315 49.27 10.85 -9.83
N GLU A 316 49.70 11.54 -10.90
CA GLU A 316 49.42 11.11 -12.27
C GLU A 316 50.13 9.81 -12.63
N LYS A 317 51.32 9.58 -12.07
CA LYS A 317 52.00 8.30 -12.20
C LYS A 317 51.82 7.51 -10.91
N ARG A 318 50.61 6.99 -10.74
CA ARG A 318 50.26 6.09 -9.65
C ARG A 318 49.65 4.78 -10.12
N ALA A 319 48.73 4.82 -11.11
CA ALA A 319 48.15 3.65 -11.80
C ALA A 319 47.46 2.69 -10.84
N ASP A 320 47.56 3.00 -9.55
CA ASP A 320 46.78 2.38 -8.50
C ASP A 320 45.34 2.91 -8.52
N LEU A 321 45.20 4.21 -8.79
CA LEU A 321 43.96 4.94 -8.65
C LEU A 321 43.61 5.60 -9.98
N ASN A 322 43.65 4.80 -11.05
CA ASN A 322 43.43 5.26 -12.44
C ASN A 322 44.34 6.44 -12.80
N HIS A 323 45.51 6.49 -12.16
CA HIS A 323 46.56 7.48 -12.44
C HIS A 323 46.19 8.88 -11.93
N GLY A 324 45.50 8.93 -10.79
CA GLY A 324 45.07 10.16 -10.14
C GLY A 324 43.55 10.26 -10.12
N LYS A 325 42.96 9.96 -11.27
CA LYS A 325 41.53 10.05 -11.51
C LYS A 325 40.72 9.24 -10.48
N ALA A 326 39.98 9.94 -9.62
CA ALA A 326 39.21 9.37 -8.50
C ALA A 326 37.74 9.78 -8.63
N ILE A 327 36.83 8.92 -8.17
CA ILE A 327 35.40 9.15 -8.40
C ILE A 327 34.78 9.89 -7.21
N TYR A 328 34.07 10.97 -7.53
CA TYR A 328 33.40 11.85 -6.58
C TYR A 328 31.88 11.72 -6.70
N SER A 329 31.19 12.20 -5.66
CA SER A 329 29.74 12.14 -5.59
C SER A 329 29.22 13.40 -4.89
N GLU A 330 27.95 13.74 -5.19
CA GLU A 330 27.29 14.93 -4.63
C GLU A 330 25.90 14.55 -4.14
N SER A 331 25.62 14.88 -2.87
CA SER A 331 24.52 14.31 -2.09
C SER A 331 23.15 14.93 -2.39
N VAL A 332 22.20 14.75 -1.47
CA VAL A 332 20.77 15.09 -1.63
C VAL A 332 20.54 16.45 -2.26
N ASP A 333 21.48 17.38 -2.05
CA ASP A 333 21.35 18.75 -2.49
C ASP A 333 22.68 19.28 -3.03
N PHE A 334 22.63 20.48 -3.62
CA PHE A 334 23.77 21.39 -3.81
C PHE A 334 24.92 20.73 -4.59
N LYS A 335 24.64 20.46 -5.86
CA LYS A 335 25.64 19.99 -6.82
C LYS A 335 26.43 21.20 -7.33
N ASN A 336 27.47 21.59 -6.58
CA ASN A 336 28.31 22.75 -6.90
C ASN A 336 29.39 22.41 -7.94
N ILE A 337 28.93 22.03 -9.15
CA ILE A 337 29.84 21.96 -10.30
C ILE A 337 29.73 23.23 -11.13
N LYS A 338 28.60 23.93 -11.07
CA LYS A 338 28.49 25.32 -11.48
C LYS A 338 29.37 26.25 -10.64
N ASP A 339 30.07 25.67 -9.67
CA ASP A 339 31.10 26.33 -8.87
C ASP A 339 32.45 25.68 -9.23
N SER A 340 33.10 26.23 -10.26
CA SER A 340 34.50 25.90 -10.64
C SER A 340 34.66 24.42 -11.04
N LEU A 341 34.05 24.03 -12.16
CA LEU A 341 34.29 22.74 -12.83
C LEU A 341 35.08 22.93 -14.12
N GLY A 342 36.13 22.13 -14.30
CA GLY A 342 36.95 22.18 -15.49
C GLY A 342 38.26 22.93 -15.36
N TYR A 343 38.49 23.65 -14.24
CA TYR A 343 39.69 24.44 -14.03
C TYR A 343 40.36 24.03 -12.74
N ASP A 344 41.68 23.91 -12.78
CA ASP A 344 42.46 23.45 -11.63
C ASP A 344 42.23 24.34 -10.42
N LYS A 345 42.45 23.77 -9.22
CA LYS A 345 42.27 24.45 -7.94
C LYS A 345 43.33 23.94 -6.97
N SER A 346 43.25 24.36 -5.71
CA SER A 346 44.19 23.90 -4.67
C SER A 346 43.51 22.91 -3.71
N HIS A 347 44.20 22.60 -2.59
CA HIS A 347 43.68 21.87 -1.42
C HIS A 347 42.36 22.47 -0.93
N GLN A 348 42.02 23.66 -1.44
CA GLN A 348 40.82 24.38 -1.07
C GLN A 348 39.63 23.59 -1.60
N PHE A 349 39.31 22.49 -0.91
CA PHE A 349 38.22 21.64 -1.30
C PHE A 349 37.57 21.05 -0.04
N ALA A 350 36.54 20.23 -0.28
CA ALA A 350 35.67 19.62 0.72
C ALA A 350 35.88 18.10 0.63
N TYR A 351 37.15 17.70 0.72
CA TYR A 351 37.55 16.31 0.82
C TYR A 351 36.95 15.68 2.07
N VAL A 352 35.94 14.81 1.89
CA VAL A 352 35.17 14.30 3.01
C VAL A 352 36.04 13.56 4.02
N LYS A 353 36.48 12.35 3.68
CA LYS A 353 37.46 11.57 4.42
C LYS A 353 37.73 10.30 3.61
N GLU A 354 38.27 9.27 4.26
CA GLU A 354 38.19 7.91 3.70
C GLU A 354 36.76 7.37 3.75
N SER A 355 36.17 7.40 4.95
CA SER A 355 34.88 6.83 5.38
C SER A 355 34.93 5.33 5.64
N THR A 356 35.98 4.63 5.20
CA THR A 356 36.18 3.21 5.44
C THR A 356 37.47 2.78 4.76
N ASP A 357 37.78 1.48 4.80
CA ASP A 357 38.81 0.98 3.91
C ASP A 357 38.35 1.09 2.45
N ALA A 358 37.23 0.47 2.11
CA ALA A 358 36.83 0.35 0.70
C ALA A 358 35.33 0.64 0.52
N GLY A 359 34.86 1.79 1.02
CA GLY A 359 33.42 2.01 1.04
C GLY A 359 32.88 2.49 -0.30
N TYR A 360 33.25 3.71 -0.72
CA TYR A 360 32.65 4.35 -1.89
C TYR A 360 31.13 4.45 -1.77
N ASN A 361 30.68 5.10 -0.69
CA ASN A 361 29.30 5.04 -0.22
C ASN A 361 28.79 6.45 0.11
N ALA A 362 27.63 6.78 -0.43
CA ALA A 362 27.01 8.08 -0.20
C ALA A 362 25.53 8.03 -0.58
N PRO A 376 46.09 26.41 6.12
CA PRO A 376 45.07 27.44 6.09
C PRO A 376 43.75 26.84 5.61
N ASN A 377 42.92 27.63 4.90
CA ASN A 377 41.69 27.16 4.25
C ASN A 377 41.13 28.22 3.30
N LYS A 378 40.80 27.82 2.05
CA LYS A 378 40.26 28.76 1.05
C LYS A 378 38.85 28.40 0.59
N THR A 379 38.07 27.70 1.43
CA THR A 379 36.60 27.81 1.41
C THR A 379 36.03 27.62 2.82
N TYR A 380 36.62 28.27 3.84
CA TYR A 380 36.52 27.85 5.25
C TYR A 380 35.12 28.07 5.83
N ASP A 381 34.23 27.12 5.53
CA ASP A 381 32.84 27.12 5.99
C ASP A 381 32.49 26.00 6.96
N GLU A 382 33.46 25.15 7.33
CA GLU A 382 33.34 24.15 8.41
C GLU A 382 32.01 23.38 8.35
N ILE A 384 29.45 20.94 8.81
CA ILE A 384 28.87 19.81 9.52
C ILE A 384 27.38 19.66 9.23
N ALA A 385 26.82 20.55 8.37
CA ALA A 385 25.44 20.42 7.90
C ALA A 385 25.19 19.10 7.19
N LEU A 386 26.27 18.42 6.76
CA LEU A 386 26.23 17.06 6.26
C LEU A 386 26.91 16.06 7.18
N ALA A 387 27.99 16.44 7.88
CA ALA A 387 28.76 15.48 8.64
C ALA A 387 27.93 14.84 9.76
N LYS A 388 27.63 15.62 10.79
CA LYS A 388 26.64 15.28 11.80
C LYS A 388 26.93 14.03 12.65
N LYS A 389 27.90 13.19 12.26
CA LYS A 389 28.47 12.17 13.15
C LYS A 389 29.79 11.61 12.62
N HIS A 390 30.92 12.12 13.10
CA HIS A 390 32.21 11.56 12.68
C HIS A 390 32.78 10.58 13.71
N GLY A 391 32.86 11.00 14.97
CA GLY A 391 33.28 10.14 16.09
C GLY A 391 32.13 9.88 17.07
N ILE A 418 21.00 19.77 5.48
CA ILE A 418 21.41 20.01 4.10
C ILE A 418 21.56 21.51 3.81
N PRO A 419 22.72 22.07 4.20
CA PRO A 419 23.05 23.48 4.00
C PRO A 419 24.41 23.60 3.31
N SER A 420 24.47 24.43 2.26
CA SER A 420 25.47 24.32 1.18
C SER A 420 26.79 25.00 1.51
N ALA A 421 27.88 24.20 1.55
CA ALA A 421 29.25 24.69 1.47
C ALA A 421 29.99 24.17 0.23
N PHE A 422 30.18 22.85 0.09
CA PHE A 422 30.84 22.23 -1.06
C PHE A 422 30.69 20.69 -1.03
N ILE A 423 30.23 20.07 -2.12
CA ILE A 423 29.75 18.69 -2.11
C ILE A 423 30.69 17.74 -2.86
N SER A 424 31.23 16.73 -2.14
CA SER A 424 32.14 15.73 -2.70
C SER A 424 32.34 14.55 -1.73
N HIS A 425 32.26 13.33 -2.26
CA HIS A 425 32.57 12.11 -1.51
C HIS A 425 33.62 11.24 -2.17
N GLU A 426 34.77 11.05 -1.50
CA GLU A 426 35.91 10.34 -2.06
C GLU A 426 36.35 9.27 -1.08
N PHE A 427 36.81 8.13 -1.62
CA PHE A 427 37.10 6.95 -0.82
C PHE A 427 38.58 6.87 -0.41
N GLY A 428 38.87 6.07 0.63
CA GLY A 428 40.15 6.03 1.32
C GLY A 428 41.38 6.15 0.43
N LYS A 429 41.65 5.14 -0.39
CA LYS A 429 42.81 5.22 -1.26
C LYS A 429 42.73 6.37 -2.25
N ALA A 430 41.53 6.65 -2.75
CA ALA A 430 41.34 7.45 -3.96
C ALA A 430 42.00 8.83 -3.86
N SER A 432 41.97 10.06 -0.05
CA SER A 432 41.92 10.42 1.35
C SER A 432 43.17 9.97 2.08
N GLN A 433 43.84 8.94 1.58
CA GLN A 433 45.21 8.64 1.99
C GLN A 433 46.21 9.48 1.21
N LEU A 434 45.99 9.66 -0.10
CA LEU A 434 46.89 10.43 -0.94
C LEU A 434 46.80 11.90 -0.52
N ASN A 435 47.34 12.18 0.65
CA ASN A 435 47.30 13.47 1.30
C ASN A 435 48.67 13.75 1.92
N GLY A 436 49.73 13.63 1.12
CA GLY A 436 51.10 13.68 1.62
C GLY A 436 51.91 14.89 1.14
N ASN A 437 51.26 15.91 0.56
CA ASN A 437 51.91 17.21 0.39
C ASN A 437 50.97 18.34 0.85
N GLY A 438 49.66 18.08 0.74
CA GLY A 438 48.53 18.97 1.01
C GLY A 438 48.31 20.03 -0.08
N THR A 439 49.21 20.17 -1.07
CA THR A 439 49.06 21.22 -2.09
C THR A 439 47.95 20.90 -3.09
N GLY A 440 47.85 19.64 -3.51
CA GLY A 440 46.72 19.09 -4.24
C GLY A 440 46.12 19.86 -5.41
N SER A 441 46.90 20.08 -6.46
CA SER A 441 46.37 20.66 -7.70
C SER A 441 45.27 19.77 -8.28
N LEU A 442 44.06 20.32 -8.39
CA LEU A 442 42.85 19.51 -8.51
C LEU A 442 41.98 19.95 -9.69
N GLU A 443 42.29 19.50 -10.89
CA GLU A 443 41.37 19.71 -12.00
C GLU A 443 40.08 18.94 -11.71
N PHE A 444 38.99 19.38 -12.32
CA PHE A 444 37.65 18.86 -12.06
C PHE A 444 36.89 18.57 -13.34
N ASP A 445 37.47 17.78 -14.25
CA ASP A 445 36.66 17.27 -15.34
C ASP A 445 36.10 18.32 -16.30
N SER A 446 36.95 18.87 -17.15
CA SER A 446 36.35 19.56 -18.28
C SER A 446 35.74 18.60 -19.30
N VAL A 447 35.90 17.28 -19.13
CA VAL A 447 35.51 16.31 -20.14
C VAL A 447 34.69 15.15 -19.62
N VAL A 448 35.08 13.90 -19.92
CA VAL A 448 34.53 12.69 -19.30
C VAL A 448 35.65 11.66 -19.30
N SER A 449 35.51 10.61 -18.49
CA SER A 449 36.57 9.60 -18.41
C SER A 449 35.96 8.20 -18.29
N LYS A 450 36.78 7.20 -18.58
CA LYS A 450 36.45 5.79 -18.39
C LYS A 450 37.28 5.20 -17.25
N ALA A 451 36.63 4.61 -16.24
CA ALA A 451 37.32 4.25 -15.01
C ALA A 451 36.78 2.95 -14.46
N PRO A 452 37.50 2.31 -13.53
CA PRO A 452 36.98 1.11 -12.87
C PRO A 452 35.91 1.48 -11.87
N SER A 453 34.92 0.60 -11.70
CA SER A 453 33.83 0.87 -10.79
C SER A 453 34.21 0.51 -9.37
N GLN A 454 33.99 1.44 -8.43
CA GLN A 454 34.33 1.16 -7.03
C GLN A 454 33.57 -0.05 -6.51
N LYS A 455 32.56 -0.49 -7.25
CA LYS A 455 31.73 -1.62 -6.85
C LYS A 455 31.66 -2.65 -7.97
N GLY A 456 32.64 -2.68 -8.86
CA GLY A 456 32.62 -3.64 -9.95
C GLY A 456 32.38 -5.08 -9.52
N ASN A 457 31.77 -5.86 -10.40
CA ASN A 457 31.54 -7.27 -10.16
C ASN A 457 30.75 -7.55 -8.89
N GLU A 458 30.29 -6.50 -8.20
CA GLU A 458 29.40 -6.66 -7.06
C GLU A 458 27.95 -6.60 -7.52
N ASN A 460 25.12 -5.08 -6.99
CA ASN A 460 24.15 -3.96 -7.01
C ASN A 460 23.16 -3.89 -5.86
N HIS A 461 23.56 -3.27 -4.75
CA HIS A 461 22.82 -3.27 -3.50
C HIS A 461 21.31 -3.41 -3.66
N PHE A 462 20.70 -2.69 -4.62
CA PHE A 462 19.24 -2.59 -4.68
C PHE A 462 18.54 -3.79 -5.34
N SER A 463 19.22 -4.53 -6.18
CA SER A 463 18.58 -5.66 -6.91
C SER A 463 17.63 -6.41 -6.00
N ASN A 464 16.49 -6.88 -6.52
CA ASN A 464 15.49 -7.62 -5.70
C ASN A 464 16.12 -8.92 -5.18
N TRP A 465 15.34 -9.92 -4.82
CA TRP A 465 15.96 -11.09 -4.17
C TRP A 465 14.90 -12.00 -3.62
N GLY A 466 15.32 -12.91 -2.79
CA GLY A 466 14.43 -13.70 -1.96
C GLY A 466 13.46 -14.51 -2.76
N LEU A 467 12.64 -15.30 -2.09
CA LEU A 467 11.70 -16.07 -2.87
C LEU A 467 10.55 -15.18 -3.39
N THR A 468 9.70 -15.76 -4.25
CA THR A 468 8.42 -15.11 -4.49
C THR A 468 7.62 -15.07 -3.20
N SER A 469 6.48 -14.43 -3.24
CA SER A 469 5.65 -14.47 -2.05
C SER A 469 5.10 -15.87 -1.79
N ASP A 470 4.88 -16.67 -2.85
CA ASP A 470 4.35 -18.02 -2.66
C ASP A 470 5.45 -19.07 -2.69
N GLY A 471 6.71 -18.64 -2.61
CA GLY A 471 7.83 -19.52 -2.30
C GLY A 471 8.57 -20.13 -3.48
N TYR A 472 8.70 -19.41 -4.59
CA TYR A 472 9.27 -19.97 -5.81
C TYR A 472 10.57 -19.21 -6.09
N LEU A 473 11.44 -19.81 -6.91
CA LEU A 473 12.78 -19.27 -7.06
C LEU A 473 12.81 -18.28 -8.20
N LYS A 474 12.89 -16.99 -7.88
CA LYS A 474 13.16 -15.96 -8.86
C LYS A 474 14.01 -14.90 -8.19
N PRO A 475 14.76 -14.11 -8.96
CA PRO A 475 14.90 -13.95 -10.40
C PRO A 475 15.37 -15.23 -11.13
N ASP A 476 15.60 -15.11 -12.43
CA ASP A 476 16.00 -16.26 -13.22
C ASP A 476 17.41 -16.18 -13.73
N ILE A 477 17.92 -14.97 -13.94
CA ILE A 477 19.23 -14.76 -14.52
C ILE A 477 19.69 -13.37 -14.13
N THR A 478 20.98 -13.20 -13.97
CA THR A 478 21.52 -11.88 -13.73
C THR A 478 22.15 -11.43 -15.03
N ALA A 479 22.17 -10.14 -15.25
CA ALA A 479 22.83 -9.46 -16.36
C ALA A 479 23.32 -8.14 -15.80
N PRO A 480 24.05 -7.30 -16.54
CA PRO A 480 24.66 -6.14 -15.89
C PRO A 480 23.74 -5.11 -15.24
N GLY A 481 22.96 -4.30 -15.95
CA GLY A 481 22.42 -3.16 -15.20
C GLY A 481 23.59 -2.49 -14.50
N GLY A 482 23.46 -2.17 -13.22
CA GLY A 482 24.66 -1.49 -12.69
C GLY A 482 24.90 -0.16 -13.39
N ASP A 483 26.15 0.32 -13.41
CA ASP A 483 26.42 1.61 -14.06
C ASP A 483 26.51 1.38 -15.56
N ILE A 484 25.38 1.32 -16.24
CA ILE A 484 25.35 1.17 -17.70
C ILE A 484 25.44 2.54 -18.36
N TYR A 485 25.81 2.53 -19.64
CA TYR A 485 25.85 3.68 -20.52
C TYR A 485 24.95 3.38 -21.70
N SER A 486 24.01 4.28 -22.05
CA SER A 486 23.09 3.96 -23.16
C SER A 486 22.46 5.22 -23.76
N THR A 487 21.45 4.99 -24.61
CA THR A 487 20.87 5.98 -25.51
C THR A 487 19.94 6.95 -24.76
N TYR A 488 20.38 8.20 -24.55
CA TYR A 488 19.61 9.26 -23.91
C TYR A 488 18.88 10.13 -24.94
N ASN A 489 18.39 11.30 -24.48
CA ASN A 489 17.32 12.07 -25.12
C ASN A 489 17.48 12.26 -26.63
N ASP A 490 18.53 12.96 -27.07
CA ASP A 490 18.78 13.16 -28.50
C ASP A 490 20.28 13.34 -28.69
N ASN A 491 20.91 12.33 -29.27
CA ASN A 491 22.35 12.25 -29.49
C ASN A 491 23.16 12.27 -28.18
N HIS A 492 22.56 11.96 -27.03
CA HIS A 492 23.26 11.97 -25.74
C HIS A 492 23.35 10.56 -25.16
N TYR A 493 24.21 10.45 -24.18
CA TYR A 493 24.49 9.06 -23.75
C TYR A 493 24.29 8.90 -22.25
N GLY A 494 24.08 7.64 -21.91
CA GLY A 494 23.65 7.08 -20.62
C GLY A 494 24.34 7.38 -19.31
N SER A 495 23.84 6.60 -18.41
CA SER A 495 24.13 6.43 -16.97
C SER A 495 23.15 5.37 -16.47
N GLN A 496 23.25 4.91 -15.27
CA GLN A 496 22.16 3.95 -14.99
C GLN A 496 22.01 3.65 -13.51
N THR A 497 22.46 2.46 -13.13
CA THR A 497 22.31 1.82 -11.81
C THR A 497 20.83 1.46 -11.71
N GLY A 498 20.49 0.27 -12.09
CA GLY A 498 19.08 -0.09 -11.98
C GLY A 498 18.82 -1.42 -12.60
N THR A 499 18.00 -2.20 -11.97
CA THR A 499 17.57 -3.48 -12.54
C THR A 499 16.87 -3.26 -13.88
N SER A 500 16.22 -2.09 -14.05
CA SER A 500 15.62 -1.71 -15.32
C SER A 500 16.61 -1.81 -16.47
N ALA A 502 19.33 -3.96 -16.50
CA ALA A 502 19.73 -5.35 -16.73
C ALA A 502 18.76 -6.05 -17.67
N SER A 503 17.46 -6.00 -17.36
CA SER A 503 16.49 -6.77 -18.13
C SER A 503 16.58 -6.57 -19.62
N PRO A 504 16.85 -5.37 -20.14
CA PRO A 504 17.03 -5.26 -21.58
C PRO A 504 18.21 -6.09 -22.11
N GLN A 505 19.31 -6.23 -21.34
CA GLN A 505 20.37 -7.14 -21.75
C GLN A 505 19.75 -8.45 -22.18
N ILE A 506 19.04 -9.11 -21.25
CA ILE A 506 18.44 -10.40 -21.55
C ILE A 506 17.52 -10.32 -22.76
N ALA A 507 16.85 -9.19 -22.96
CA ALA A 507 16.05 -9.03 -24.17
C ALA A 507 16.88 -9.39 -25.39
N GLY A 508 17.92 -8.59 -25.63
CA GLY A 508 18.85 -8.87 -26.71
C GLY A 508 19.24 -10.34 -26.73
N ALA A 509 19.72 -10.84 -25.58
CA ALA A 509 20.18 -12.22 -25.55
C ALA A 509 19.08 -13.14 -26.04
N SER A 510 17.86 -12.95 -25.52
CA SER A 510 16.75 -13.83 -25.89
C SER A 510 16.50 -13.77 -27.40
N LEU A 511 16.59 -12.55 -27.96
CA LEU A 511 16.54 -12.36 -29.41
C LEU A 511 17.54 -13.28 -30.10
N LEU A 512 18.82 -13.07 -29.77
CA LEU A 512 19.91 -13.77 -30.44
C LEU A 512 19.74 -15.26 -30.32
N VAL A 513 19.61 -15.75 -29.09
CA VAL A 513 19.40 -17.18 -28.89
C VAL A 513 18.27 -17.67 -29.77
N LYS A 514 17.18 -16.90 -29.87
CA LYS A 514 16.06 -17.37 -30.69
C LYS A 514 16.50 -17.60 -32.14
N GLN A 515 17.18 -16.60 -32.73
CA GLN A 515 17.80 -16.81 -34.04
C GLN A 515 18.45 -18.17 -34.11
N TYR A 516 19.42 -18.36 -33.22
CA TYR A 516 20.15 -19.60 -33.10
C TYR A 516 19.18 -20.78 -33.24
N LEU A 517 18.20 -20.85 -32.33
CA LEU A 517 17.31 -22.01 -32.30
C LEU A 517 16.59 -22.18 -33.65
N GLU A 518 16.11 -21.07 -34.23
CA GLU A 518 15.45 -21.10 -35.53
C GLU A 518 16.31 -21.81 -36.55
N LYS A 519 17.57 -21.39 -36.63
CA LYS A 519 18.56 -22.06 -37.49
C LYS A 519 18.71 -23.53 -37.07
N THR A 520 19.04 -23.78 -35.80
CA THR A 520 19.56 -25.08 -35.40
C THR A 520 18.47 -26.12 -35.11
N GLN A 521 17.26 -25.70 -34.75
CA GLN A 521 16.19 -26.63 -34.39
C GLN A 521 14.88 -26.16 -35.00
N PRO A 522 14.76 -26.18 -36.33
CA PRO A 522 13.58 -25.58 -36.98
C PRO A 522 12.34 -26.49 -36.96
N ASN A 523 12.45 -27.73 -36.49
CA ASN A 523 11.26 -28.48 -36.12
C ASN A 523 10.77 -28.16 -34.69
N LEU A 524 11.23 -27.07 -34.09
CA LEU A 524 10.80 -26.71 -32.73
C LEU A 524 9.63 -25.74 -32.80
N PRO A 525 8.46 -26.13 -32.29
CA PRO A 525 7.25 -25.32 -32.45
C PRO A 525 7.25 -24.06 -31.57
N LYS A 526 6.53 -23.02 -32.03
CA LYS A 526 6.39 -21.78 -31.26
C LYS A 526 5.75 -22.02 -29.89
N GLU A 527 5.22 -23.23 -29.65
CA GLU A 527 4.69 -23.62 -28.36
C GLU A 527 5.78 -23.89 -27.33
N LYS A 528 6.94 -24.38 -27.77
CA LYS A 528 8.03 -24.70 -26.87
C LYS A 528 9.27 -23.83 -27.10
N ILE A 529 9.10 -22.70 -27.82
CA ILE A 529 10.24 -21.85 -28.16
C ILE A 529 10.81 -21.15 -26.94
N ALA A 530 9.96 -20.42 -26.20
CA ALA A 530 10.44 -19.37 -25.33
C ALA A 530 10.98 -19.92 -24.02
N ASP A 531 10.30 -20.93 -23.46
CA ASP A 531 10.85 -21.66 -22.32
C ASP A 531 12.26 -22.17 -22.63
N ILE A 532 12.51 -22.59 -23.88
CA ILE A 532 13.85 -23.04 -24.24
C ILE A 532 14.82 -21.86 -24.25
N VAL A 533 14.59 -20.85 -25.12
CA VAL A 533 15.53 -19.69 -25.16
C VAL A 533 15.86 -19.20 -23.75
N LYS A 534 14.89 -19.26 -22.84
CA LYS A 534 15.19 -19.04 -21.43
C LYS A 534 16.15 -20.11 -20.92
N ASN A 535 15.75 -21.39 -20.99
CA ASN A 535 16.48 -22.48 -20.34
C ASN A 535 17.93 -22.58 -20.78
N LEU A 536 18.22 -22.26 -22.06
CA LEU A 536 19.61 -22.07 -22.47
C LEU A 536 20.21 -20.84 -21.79
N LEU A 537 19.51 -19.71 -21.82
CA LEU A 537 20.03 -18.46 -21.21
C LEU A 537 20.43 -18.70 -19.74
N SER A 539 20.74 -21.96 -17.98
CA SER A 539 21.69 -23.05 -17.75
C SER A 539 23.10 -22.70 -18.21
N ASN A 540 23.24 -21.88 -19.24
CA ASN A 540 24.56 -21.46 -19.71
C ASN A 540 24.87 -20.09 -19.13
N ALA A 541 25.41 -20.09 -17.92
CA ALA A 541 25.69 -18.84 -17.24
C ALA A 541 26.73 -19.09 -16.15
N GLN A 542 27.51 -18.07 -15.85
CA GLN A 542 28.58 -18.25 -14.87
C GLN A 542 28.02 -17.95 -13.50
N ILE A 543 27.98 -18.96 -12.62
CA ILE A 543 27.66 -18.67 -11.22
C ILE A 543 28.56 -17.53 -10.78
N HIS A 544 27.96 -16.40 -10.44
CA HIS A 544 28.70 -15.29 -9.89
C HIS A 544 29.22 -15.66 -8.51
N VAL A 545 30.26 -14.94 -8.09
CA VAL A 545 30.94 -15.24 -6.84
C VAL A 545 31.29 -13.93 -6.13
N ASN A 546 30.79 -13.77 -4.91
CA ASN A 546 30.81 -12.49 -4.23
C ASN A 546 32.22 -12.04 -3.86
N PRO A 547 32.75 -11.00 -4.49
CA PRO A 547 34.17 -10.67 -4.30
C PRO A 547 34.57 -10.33 -2.87
N GLU A 548 33.69 -9.72 -2.07
CA GLU A 548 34.15 -9.35 -0.74
C GLU A 548 34.31 -10.57 0.15
N THR A 549 33.50 -11.61 -0.08
CA THR A 549 33.52 -12.81 0.74
C THR A 549 34.20 -14.00 0.09
N LYS A 550 34.37 -13.98 -1.23
CA LYS A 550 34.86 -15.16 -1.96
C LYS A 550 33.98 -16.38 -1.69
N THR A 551 32.67 -16.15 -1.63
CA THR A 551 31.63 -17.16 -1.59
C THR A 551 30.73 -16.96 -2.81
N THR A 552 30.02 -18.00 -3.25
CA THR A 552 29.16 -17.83 -4.43
C THR A 552 27.90 -17.09 -3.99
N THR A 553 27.50 -16.06 -4.73
CA THR A 553 26.34 -15.26 -4.33
C THR A 553 25.07 -16.09 -4.36
N SER A 554 24.18 -15.86 -3.39
CA SER A 554 23.04 -16.75 -3.19
C SER A 554 22.26 -16.89 -4.48
N PRO A 555 21.70 -18.06 -4.78
CA PRO A 555 20.90 -18.16 -6.02
C PRO A 555 19.74 -17.18 -6.00
N ARG A 556 19.03 -17.10 -4.86
CA ARG A 556 17.95 -16.13 -4.60
C ARG A 556 18.31 -14.69 -4.93
N GLN A 557 19.60 -14.37 -5.11
CA GLN A 557 20.01 -13.04 -5.53
C GLN A 557 20.48 -12.94 -6.98
N GLN A 558 20.93 -14.05 -7.59
CA GLN A 558 21.51 -14.00 -8.93
C GLN A 558 20.82 -14.92 -9.91
N GLY A 559 19.83 -15.68 -9.47
CA GLY A 559 19.19 -16.60 -10.39
C GLY A 559 20.18 -17.69 -10.70
N ALA A 560 20.32 -18.01 -11.97
CA ALA A 560 21.27 -19.02 -12.39
C ALA A 560 22.56 -18.39 -12.94
N GLY A 561 22.90 -17.20 -12.47
CA GLY A 561 24.23 -16.68 -12.71
C GLY A 561 24.25 -15.59 -13.75
N LEU A 562 25.45 -15.10 -14.01
CA LEU A 562 25.60 -14.01 -14.96
C LEU A 562 25.36 -14.49 -16.38
N LEU A 563 24.88 -13.56 -17.19
CA LEU A 563 24.60 -13.79 -18.60
C LEU A 563 25.85 -14.21 -19.36
N ASN A 564 25.79 -15.38 -19.96
CA ASN A 564 26.78 -15.86 -20.91
C ASN A 564 26.03 -16.21 -22.19
N ILE A 565 26.21 -15.41 -23.24
CA ILE A 565 25.37 -15.66 -24.43
C ILE A 565 26.06 -16.62 -25.38
N ASP A 566 27.39 -16.52 -25.49
CA ASP A 566 28.13 -17.51 -26.26
C ASP A 566 27.82 -18.91 -25.76
N GLY A 567 28.05 -19.14 -24.47
CA GLY A 567 27.73 -20.45 -23.90
C GLY A 567 26.32 -20.92 -24.25
N ALA A 568 25.40 -19.97 -24.41
CA ALA A 568 24.01 -20.30 -24.69
C ALA A 568 23.76 -20.61 -26.16
N VAL A 569 24.59 -20.07 -27.07
CA VAL A 569 24.50 -20.43 -28.50
C VAL A 569 25.59 -21.39 -28.96
N THR A 570 26.58 -21.70 -28.13
CA THR A 570 27.61 -22.66 -28.53
C THR A 570 27.59 -23.86 -27.61
N SER A 571 26.45 -24.28 -27.14
CA SER A 571 26.59 -25.50 -26.35
C SER A 571 25.65 -26.60 -26.75
N GLY A 572 24.42 -26.27 -27.16
CA GLY A 572 23.42 -27.31 -27.32
C GLY A 572 23.08 -28.04 -26.04
N LEU A 573 23.53 -27.54 -24.90
CA LEU A 573 23.17 -28.07 -23.58
C LEU A 573 22.40 -27.05 -22.74
N TYR A 574 21.29 -27.51 -22.17
CA TYR A 574 20.63 -26.81 -21.07
C TYR A 574 20.28 -27.83 -19.98
N VAL A 575 19.82 -27.35 -18.84
CA VAL A 575 19.53 -28.19 -17.70
C VAL A 575 18.15 -27.85 -17.13
N THR A 576 17.47 -28.87 -16.62
CA THR A 576 16.21 -28.71 -15.93
C THR A 576 16.19 -29.59 -14.70
N GLY A 577 15.29 -29.28 -13.79
CA GLY A 577 14.92 -30.18 -12.71
C GLY A 577 13.71 -31.00 -13.11
N LYS A 578 12.88 -31.33 -12.11
CA LYS A 578 11.69 -32.14 -12.34
C LYS A 578 10.58 -31.37 -13.05
N ASP A 579 10.38 -30.09 -12.67
CA ASP A 579 9.36 -29.21 -13.25
C ASP A 579 9.64 -28.82 -14.70
N ASN A 580 10.72 -29.34 -15.29
CA ASN A 580 11.18 -28.94 -16.62
C ASN A 580 11.51 -27.45 -16.66
N TYR A 581 11.94 -26.90 -15.52
CA TYR A 581 12.34 -25.50 -15.45
C TYR A 581 13.84 -25.41 -15.19
N GLY A 582 14.47 -24.38 -15.78
CA GLY A 582 15.85 -24.03 -15.52
C GLY A 582 16.29 -23.75 -14.08
N SER A 583 15.41 -23.84 -13.09
CA SER A 583 15.84 -23.89 -11.69
C SER A 583 14.97 -24.91 -10.98
N ILE A 584 15.26 -25.17 -9.71
CA ILE A 584 14.50 -26.15 -8.95
C ILE A 584 14.01 -25.49 -7.67
N SER A 585 12.70 -25.39 -7.48
CA SER A 585 12.15 -24.85 -6.25
C SER A 585 11.64 -26.03 -5.43
N LEU A 586 12.39 -26.39 -4.40
CA LEU A 586 12.12 -27.63 -3.69
C LEU A 586 11.08 -27.48 -2.61
N GLY A 587 10.79 -26.25 -2.21
CA GLY A 587 9.85 -26.09 -1.12
C GLY A 587 10.47 -26.51 0.20
N ASN A 588 9.73 -27.27 0.97
CA ASN A 588 10.22 -27.59 2.28
C ASN A 588 11.17 -28.78 2.20
N ILE A 589 12.10 -28.83 3.19
CA ILE A 589 13.32 -29.64 3.24
C ILE A 589 13.49 -30.27 4.62
N THR A 590 13.77 -31.57 4.64
CA THR A 590 13.96 -32.40 5.82
C THR A 590 15.47 -32.60 6.06
N ASP A 591 15.84 -33.58 6.89
CA ASP A 591 17.25 -33.90 7.14
C ASP A 591 17.99 -34.36 5.90
N THR A 592 17.30 -34.89 4.88
CA THR A 592 17.94 -35.28 3.64
C THR A 592 17.26 -34.63 2.45
N THR A 594 16.86 -34.83 -1.54
CA THR A 594 17.06 -35.70 -2.69
C THR A 594 16.30 -35.14 -3.88
N PHE A 595 16.92 -35.10 -5.05
CA PHE A 595 16.15 -34.56 -6.17
C PHE A 595 16.81 -34.84 -7.51
N ASP A 596 16.00 -35.00 -8.55
CA ASP A 596 16.45 -35.35 -9.90
C ASP A 596 16.82 -34.12 -10.71
N VAL A 597 18.02 -34.11 -11.27
CA VAL A 597 18.41 -33.14 -12.29
C VAL A 597 18.43 -33.87 -13.62
N THR A 598 18.22 -33.12 -14.71
CA THR A 598 18.14 -33.73 -16.03
C THR A 598 18.80 -32.80 -17.04
N VAL A 599 19.84 -33.32 -17.72
CA VAL A 599 20.60 -32.52 -18.69
C VAL A 599 20.16 -32.88 -20.08
N HIS A 600 20.04 -31.85 -20.91
CA HIS A 600 19.45 -31.94 -22.23
C HIS A 600 20.49 -31.51 -23.27
N ASN A 601 20.61 -32.32 -24.32
CA ASN A 601 21.60 -32.23 -25.39
C ASN A 601 20.88 -32.13 -26.74
N LEU A 602 21.13 -31.04 -27.46
CA LEU A 602 20.55 -30.69 -28.76
C LEU A 602 21.42 -31.13 -29.94
N SER A 603 22.74 -30.99 -29.81
CA SER A 603 23.69 -31.33 -30.86
C SER A 603 23.63 -32.83 -31.17
N ASN A 604 24.12 -33.17 -32.36
CA ASN A 604 24.20 -34.58 -32.78
C ASN A 604 25.49 -35.25 -32.28
N LYS A 605 26.21 -34.61 -31.36
CA LYS A 605 27.49 -35.10 -30.78
C LYS A 605 27.32 -35.28 -29.26
N ASP A 606 26.96 -36.49 -28.85
CA ASP A 606 26.74 -36.80 -27.43
C ASP A 606 27.91 -36.31 -26.58
N LYS A 607 27.66 -36.03 -25.30
CA LYS A 607 28.75 -35.47 -24.51
C LYS A 607 28.81 -36.14 -23.14
N THR A 608 29.93 -35.93 -22.47
CA THR A 608 30.16 -36.56 -21.19
C THR A 608 30.61 -35.48 -20.22
N LEU A 609 30.05 -35.52 -19.00
CA LEU A 609 30.22 -34.39 -18.08
C LEU A 609 30.31 -34.89 -16.65
N ARG A 610 31.28 -34.34 -15.94
CA ARG A 610 31.40 -34.47 -14.51
C ARG A 610 30.67 -33.31 -13.85
N TYR A 611 29.98 -33.63 -12.75
CA TYR A 611 29.18 -32.68 -12.01
C TYR A 611 29.50 -32.72 -10.52
N ASP A 612 29.10 -31.65 -9.84
CA ASP A 612 29.16 -31.59 -8.39
C ASP A 612 28.06 -30.65 -7.90
N THR A 613 27.92 -30.54 -6.59
CA THR A 613 26.84 -29.75 -6.01
C THR A 613 27.42 -28.88 -4.91
N GLU A 614 27.35 -27.56 -5.05
CA GLU A 614 27.68 -26.68 -3.93
C GLU A 614 26.42 -26.32 -3.14
N LEU A 615 26.49 -26.50 -1.81
CA LEU A 615 25.39 -26.26 -0.90
C LEU A 615 25.66 -25.02 -0.05
N LEU A 616 24.78 -24.01 -0.12
CA LEU A 616 24.96 -22.77 0.63
C LEU A 616 23.88 -22.56 1.66
N THR A 617 24.11 -21.59 2.52
CA THR A 617 23.09 -21.11 3.46
C THR A 617 23.42 -19.67 3.79
N ASP A 618 22.78 -19.15 4.85
CA ASP A 618 22.81 -17.71 5.09
C ASP A 618 23.76 -17.40 6.24
N HIS A 619 24.70 -16.50 5.98
CA HIS A 619 25.58 -16.01 7.04
C HIS A 619 24.82 -15.10 7.96
N VAL A 620 24.99 -15.29 9.26
CA VAL A 620 24.44 -14.36 10.23
C VAL A 620 25.59 -13.71 10.99
N ASP A 621 25.56 -12.38 11.08
CA ASP A 621 26.25 -11.59 12.10
C ASP A 621 25.83 -12.08 13.48
N PRO A 622 26.71 -12.76 14.23
CA PRO A 622 26.25 -13.40 15.46
C PRO A 622 26.17 -12.43 16.61
N GLN A 623 26.71 -11.24 16.46
CA GLN A 623 26.59 -10.29 17.53
C GLN A 623 25.29 -9.49 17.44
N LYS A 624 24.73 -9.34 16.24
CA LYS A 624 23.50 -8.58 16.03
C LYS A 624 22.28 -9.45 15.70
N GLY A 625 22.47 -10.75 15.43
CA GLY A 625 21.36 -11.64 15.14
C GLY A 625 20.59 -11.33 13.88
N ARG A 626 21.18 -10.57 12.96
CA ARG A 626 20.56 -10.19 11.71
C ARG A 626 21.23 -10.93 10.56
N PHE A 627 20.49 -11.22 9.49
CA PHE A 627 21.15 -11.75 8.30
C PHE A 627 22.15 -10.73 7.83
N THR A 628 23.21 -11.20 7.18
CA THR A 628 24.16 -10.28 6.57
C THR A 628 23.97 -10.21 5.06
N LEU A 629 23.10 -11.04 4.51
CA LEU A 629 22.78 -10.99 3.10
C LEU A 629 23.94 -11.46 2.26
N THR A 630 24.69 -12.39 2.84
CA THR A 630 25.85 -13.02 2.24
C THR A 630 25.79 -14.49 2.59
N SER A 631 26.24 -15.34 1.70
CA SER A 631 26.07 -16.77 1.95
C SER A 631 27.30 -17.39 2.60
N ARG A 632 27.10 -18.60 3.14
CA ARG A 632 28.17 -19.49 3.60
C ARG A 632 28.13 -20.74 2.74
N SER A 633 29.25 -21.09 2.11
CA SER A 633 29.43 -22.45 1.62
C SER A 633 29.51 -23.38 2.81
N LEU A 634 28.77 -24.47 2.76
CA LEU A 634 28.72 -25.41 3.87
C LEU A 634 29.56 -26.65 3.61
N LYS A 635 29.44 -27.18 2.39
CA LYS A 635 30.09 -28.40 1.94
C LYS A 635 29.86 -28.44 0.44
N THR A 636 30.89 -28.60 -0.39
CA THR A 636 30.62 -29.06 -1.74
C THR A 636 30.40 -30.55 -1.68
N TYR A 637 29.30 -31.04 -2.26
CA TYR A 637 29.10 -32.46 -2.47
C TYR A 637 29.36 -32.78 -3.94
N GLN A 638 30.25 -33.73 -4.20
CA GLN A 638 30.45 -34.20 -5.55
C GLN A 638 29.62 -35.47 -5.73
N GLY A 639 29.18 -35.70 -6.95
CA GLY A 639 28.31 -36.83 -7.17
C GLY A 639 28.82 -37.79 -8.21
N GLY A 640 29.67 -37.30 -9.10
CA GLY A 640 30.26 -38.14 -10.13
C GLY A 640 30.08 -37.54 -11.52
N GLU A 641 30.10 -38.40 -12.52
CA GLU A 641 29.87 -37.94 -13.88
C GLU A 641 28.89 -38.87 -14.56
N VAL A 642 28.26 -38.34 -15.60
CA VAL A 642 27.42 -39.13 -16.48
C VAL A 642 27.50 -38.57 -17.89
N THR A 643 26.81 -39.23 -18.80
CA THR A 643 26.91 -39.02 -20.24
C THR A 643 25.53 -38.72 -20.79
N VAL A 644 25.42 -37.71 -21.65
CA VAL A 644 24.14 -37.29 -22.19
C VAL A 644 24.12 -37.59 -23.69
N PRO A 645 23.15 -38.36 -24.17
CA PRO A 645 23.13 -38.75 -25.58
C PRO A 645 22.87 -37.58 -26.51
N ALA A 646 23.23 -37.80 -27.77
CA ALA A 646 23.08 -36.78 -28.79
C ALA A 646 21.61 -36.67 -29.19
N ASN A 647 21.09 -35.44 -29.18
CA ASN A 647 19.65 -35.18 -29.29
C ASN A 647 18.89 -36.03 -28.29
N GLY A 648 19.18 -35.79 -27.00
CA GLY A 648 18.69 -36.62 -25.93
C GLY A 648 18.78 -35.96 -24.56
N LYS A 649 18.49 -36.76 -23.54
CA LYS A 649 18.41 -36.26 -22.18
C LYS A 649 18.95 -37.35 -21.26
N VAL A 650 19.28 -36.97 -20.02
CA VAL A 650 19.62 -37.98 -19.03
C VAL A 650 19.38 -37.41 -17.65
N THR A 651 18.95 -38.29 -16.76
CA THR A 651 18.31 -37.93 -15.51
C THR A 651 19.13 -38.49 -14.34
N VAL A 652 20.00 -37.67 -13.75
CA VAL A 652 20.83 -38.07 -12.60
C VAL A 652 20.18 -37.57 -11.30
N ARG A 653 20.61 -38.12 -10.16
CA ARG A 653 19.94 -37.86 -8.89
C ARG A 653 20.89 -37.32 -7.82
N VAL A 654 20.87 -36.00 -7.60
CA VAL A 654 21.58 -35.44 -6.47
C VAL A 654 20.95 -35.93 -5.18
N THR A 655 21.77 -36.18 -4.16
CA THR A 655 21.28 -36.50 -2.83
C THR A 655 22.31 -36.02 -1.83
N ASP A 657 23.05 -35.29 2.77
CA ASP A 657 22.62 -35.44 4.16
C ASP A 657 23.12 -34.24 4.95
N VAL A 658 22.20 -33.46 5.49
CA VAL A 658 22.56 -32.19 6.09
C VAL A 658 22.20 -32.18 7.57
N SER A 659 22.24 -33.36 8.18
CA SER A 659 22.03 -33.48 9.62
C SER A 659 23.09 -32.71 10.39
N GLN A 660 24.34 -32.76 9.94
CA GLN A 660 25.42 -32.15 10.70
C GLN A 660 25.14 -30.67 10.95
N PHE A 661 24.85 -29.94 9.89
CA PHE A 661 24.72 -28.49 9.99
C PHE A 661 23.50 -28.08 10.79
N THR A 662 22.61 -29.02 11.09
CA THR A 662 21.29 -28.62 11.54
C THR A 662 21.32 -27.99 12.92
N LYS A 663 22.18 -28.47 13.83
CA LYS A 663 22.17 -27.89 15.18
C LYS A 663 22.73 -26.48 15.16
N GLU A 664 23.80 -26.26 14.38
CA GLU A 664 24.44 -24.95 14.32
C GLU A 664 23.55 -23.93 13.62
N LEU A 665 23.06 -24.27 12.42
CA LEU A 665 22.16 -23.42 11.67
C LEU A 665 20.90 -23.16 12.50
N THR A 666 20.12 -24.22 12.74
CA THR A 666 18.89 -24.08 13.51
C THR A 666 19.11 -23.29 14.79
N LYS A 667 20.32 -23.29 15.35
CA LYS A 667 20.52 -22.43 16.51
C LYS A 667 20.53 -20.96 16.13
N GLN A 668 21.26 -20.63 15.05
CA GLN A 668 21.39 -19.25 14.60
C GLN A 668 20.09 -18.70 14.01
N PRO A 670 16.38 -19.63 14.30
CA PRO A 670 15.43 -20.51 15.00
C PRO A 670 14.24 -20.98 14.18
N ASN A 671 13.81 -20.18 13.20
CA ASN A 671 12.52 -20.38 12.57
C ASN A 671 12.67 -20.96 11.19
N GLY A 672 13.74 -21.68 10.94
CA GLY A 672 14.01 -22.18 9.62
C GLY A 672 15.07 -21.35 8.96
N TYR A 673 15.55 -21.87 7.83
CA TYR A 673 16.66 -21.26 7.12
C TYR A 673 16.71 -21.90 5.73
N TYR A 674 17.27 -21.16 4.76
CA TYR A 674 17.39 -21.66 3.41
C TYR A 674 18.61 -22.57 3.25
N LEU A 675 18.46 -23.64 2.48
CA LEU A 675 19.58 -24.49 2.06
C LEU A 675 19.52 -24.54 0.55
N GLU A 676 20.40 -23.80 -0.10
CA GLU A 676 20.34 -23.54 -1.54
C GLU A 676 21.71 -23.77 -2.15
N GLY A 677 21.74 -23.92 -3.46
CA GLY A 677 23.05 -23.93 -4.12
C GLY A 677 22.94 -24.30 -5.59
N PHE A 678 24.09 -24.61 -6.17
CA PHE A 678 24.15 -24.91 -7.59
C PHE A 678 24.64 -26.31 -7.81
N VAL A 679 24.00 -27.01 -8.74
CA VAL A 679 24.61 -28.17 -9.36
C VAL A 679 25.40 -27.67 -10.57
N ARG A 680 26.71 -27.95 -10.57
CA ARG A 680 27.65 -27.46 -11.57
C ARG A 680 28.11 -28.58 -12.48
N PHE A 681 28.19 -28.27 -13.78
CA PHE A 681 28.36 -29.28 -14.82
C PHE A 681 29.46 -28.84 -15.80
N ARG A 682 30.49 -29.69 -15.92
CA ARG A 682 31.65 -29.47 -16.80
C ARG A 682 31.96 -30.76 -17.56
N ASP A 683 32.67 -30.63 -18.69
CA ASP A 683 33.12 -31.82 -19.42
C ASP A 683 34.31 -32.46 -18.71
N SER A 684 34.19 -33.76 -18.38
CA SER A 684 35.22 -34.47 -17.64
C SER A 684 36.57 -34.40 -18.35
N GLN A 685 36.56 -34.53 -19.68
CA GLN A 685 37.72 -34.22 -20.51
C GLN A 685 37.67 -32.74 -20.90
N ASP A 686 38.79 -32.03 -20.75
CA ASP A 686 38.87 -30.59 -21.00
C ASP A 686 37.82 -29.84 -20.17
N ASP A 687 38.15 -29.73 -18.88
CA ASP A 687 37.32 -29.08 -17.86
C ASP A 687 36.52 -27.88 -18.36
N GLN A 688 37.18 -26.91 -18.99
CA GLN A 688 36.50 -25.64 -19.25
C GLN A 688 35.54 -25.66 -20.46
N LEU A 689 35.12 -26.83 -20.96
CA LEU A 689 34.11 -26.93 -22.02
C LEU A 689 32.80 -27.46 -21.47
N ASN A 690 31.70 -26.90 -22.01
CA ASN A 690 30.34 -27.25 -21.60
C ASN A 690 30.13 -26.97 -20.11
N ARG A 691 30.32 -25.68 -19.75
CA ARG A 691 30.00 -25.18 -18.41
C ARG A 691 28.52 -24.81 -18.37
N VAL A 692 27.73 -25.63 -17.66
CA VAL A 692 26.29 -25.43 -17.55
C VAL A 692 25.84 -25.79 -16.15
N ASN A 693 24.86 -25.04 -15.61
CA ASN A 693 24.55 -25.09 -14.19
C ASN A 693 23.06 -24.92 -13.97
N ILE A 694 22.61 -25.42 -12.82
CA ILE A 694 21.21 -25.21 -12.44
C ILE A 694 21.15 -24.84 -10.97
N PRO A 695 20.43 -23.78 -10.60
CA PRO A 695 20.28 -23.43 -9.19
C PRO A 695 19.07 -24.06 -8.56
N PHE A 696 19.20 -24.32 -7.26
CA PHE A 696 18.13 -24.91 -6.47
C PHE A 696 18.05 -24.20 -5.13
N VAL A 697 16.87 -24.31 -4.51
CA VAL A 697 16.61 -23.73 -3.19
C VAL A 697 15.47 -24.49 -2.54
N GLY A 698 15.55 -24.60 -1.23
CA GLY A 698 14.64 -25.38 -0.43
C GLY A 698 14.79 -24.79 0.93
N PHE A 699 13.86 -25.16 1.82
CA PHE A 699 13.73 -24.48 3.11
C PHE A 699 13.60 -25.52 4.22
N LYS A 700 14.53 -25.47 5.16
CA LYS A 700 14.61 -26.44 6.25
C LYS A 700 13.64 -25.97 7.31
N GLY A 701 12.42 -26.48 7.24
CA GLY A 701 11.41 -26.10 8.21
C GLY A 701 10.01 -26.14 7.63
N GLN A 702 9.29 -25.02 7.70
CA GLN A 702 7.98 -24.86 7.06
C GLN A 702 7.86 -23.46 6.50
N PHE A 703 8.16 -23.25 5.22
CA PHE A 703 8.01 -21.91 4.66
C PHE A 703 6.55 -21.49 4.63
N GLU A 704 5.65 -22.46 4.49
CA GLU A 704 4.23 -22.23 4.68
C GLU A 704 3.91 -21.45 5.94
N ASN A 705 4.47 -21.81 7.10
CA ASN A 705 3.94 -21.30 8.36
C ASN A 705 4.83 -20.29 9.06
N LEU A 706 5.80 -19.68 8.38
CA LEU A 706 6.55 -18.59 9.01
C LEU A 706 5.59 -17.49 9.47
N ALA A 707 5.98 -16.80 10.53
CA ALA A 707 5.10 -15.82 11.17
C ALA A 707 4.72 -14.72 10.20
N VAL A 708 3.43 -14.43 10.15
CA VAL A 708 2.97 -13.39 9.24
C VAL A 708 3.12 -12.00 9.85
N ALA A 709 2.92 -11.86 11.14
CA ALA A 709 2.99 -10.56 11.78
C ALA A 709 4.03 -10.57 12.89
N GLU A 710 4.77 -9.45 13.02
CA GLU A 710 5.71 -9.29 14.11
C GLU A 710 4.92 -9.29 15.41
N GLU A 711 5.52 -9.85 16.45
CA GLU A 711 4.77 -10.04 17.69
C GLU A 711 4.36 -8.72 18.31
N SER A 712 3.29 -8.81 19.10
CA SER A 712 2.69 -7.68 19.76
C SER A 712 3.73 -6.91 20.54
N ILE A 713 3.75 -5.59 20.35
CA ILE A 713 4.69 -4.77 21.12
C ILE A 713 4.55 -5.10 22.60
N TYR A 714 3.33 -5.36 23.08
CA TYR A 714 3.14 -5.64 24.51
C TYR A 714 3.87 -6.91 24.92
N ARG A 715 3.80 -7.96 24.09
CA ARG A 715 4.47 -9.20 24.42
C ARG A 715 5.99 -9.02 24.32
N LEU A 716 6.47 -8.30 23.30
CA LEU A 716 7.90 -8.08 23.18
C LEU A 716 8.46 -7.32 24.38
N LYS A 717 7.75 -6.29 24.83
CA LYS A 717 8.25 -5.61 26.01
C LYS A 717 8.13 -6.48 27.26
N SER A 718 7.08 -7.30 27.37
CA SER A 718 7.04 -8.35 28.39
C SER A 718 8.21 -9.34 28.31
N GLN A 719 8.85 -9.48 27.15
CA GLN A 719 10.06 -10.27 27.05
C GLN A 719 11.30 -9.39 27.00
N GLY A 720 11.12 -8.08 27.14
CA GLY A 720 12.24 -7.20 27.04
C GLY A 720 12.91 -7.25 25.69
N LYS A 721 12.25 -7.85 24.69
CA LYS A 721 12.66 -7.73 23.30
C LYS A 721 11.97 -6.49 22.73
N THR A 722 12.08 -6.29 21.41
CA THR A 722 11.64 -5.04 20.80
C THR A 722 11.20 -5.29 19.35
N GLY A 723 10.48 -4.31 18.78
CA GLY A 723 10.05 -4.41 17.40
C GLY A 723 11.18 -4.16 16.42
N PHE A 724 10.93 -4.56 15.16
CA PHE A 724 11.96 -4.45 14.13
C PHE A 724 12.12 -3.03 13.65
N TYR A 725 10.99 -2.32 13.52
CA TYR A 725 10.94 -0.91 13.17
C TYR A 725 10.61 -0.03 14.35
N PHE A 726 10.60 -0.59 15.57
CA PHE A 726 10.25 0.21 16.74
C PHE A 726 11.39 1.17 17.08
N ASP A 727 11.02 2.30 17.70
CA ASP A 727 11.98 3.34 18.09
C ASP A 727 11.88 3.57 19.60
N GLU A 728 12.79 2.94 20.40
CA GLU A 728 12.71 2.97 21.86
C GLU A 728 13.16 4.32 22.43
N SER A 729 13.27 5.31 21.54
CA SER A 729 13.63 6.66 21.93
C SER A 729 12.50 7.34 22.70
N GLY A 730 12.84 7.88 23.87
CA GLY A 730 11.91 8.55 24.73
C GLY A 730 11.87 7.85 26.07
N PRO A 731 10.95 8.26 26.94
CA PRO A 731 10.82 7.63 28.26
C PRO A 731 10.69 6.15 28.16
N LYS A 732 10.95 5.44 29.26
CA LYS A 732 10.74 4.00 29.27
C LYS A 732 9.30 3.69 28.87
N ASP A 733 9.12 2.67 28.05
CA ASP A 733 7.80 2.22 27.65
C ASP A 733 6.97 3.33 27.00
N ASP A 734 7.56 4.03 26.02
CA ASP A 734 6.85 5.13 25.35
C ASP A 734 6.36 4.64 24.01
N ILE A 735 5.08 4.29 23.93
CA ILE A 735 4.58 3.79 22.66
C ILE A 735 3.68 4.87 22.07
N TYR A 736 4.30 5.89 21.49
CA TYR A 736 3.57 6.91 20.76
C TYR A 736 2.87 6.25 19.59
N VAL A 737 1.58 6.54 19.41
CA VAL A 737 0.82 5.77 18.41
C VAL A 737 1.44 5.95 17.02
N GLY A 738 2.20 7.04 16.82
CA GLY A 738 2.89 7.26 15.56
C GLY A 738 3.96 6.21 15.23
N LYS A 739 4.54 5.58 16.24
CA LYS A 739 5.60 4.60 16.01
C LYS A 739 5.06 3.36 15.29
N HIS A 740 5.96 2.46 14.90
CA HIS A 740 5.63 1.32 14.05
C HIS A 740 5.80 0.02 14.81
N PHE A 741 4.71 -0.76 14.94
CA PHE A 741 4.70 -1.94 15.78
C PHE A 741 3.41 -2.71 15.55
N THR A 742 3.19 -3.75 16.31
CA THR A 742 1.94 -4.47 16.30
C THR A 742 1.31 -4.25 17.64
N GLY A 743 0.12 -3.71 17.66
CA GLY A 743 -0.67 -3.62 18.87
C GLY A 743 -2.13 -3.27 18.60
N LEU A 744 -2.76 -2.65 19.57
CA LEU A 744 -4.11 -2.15 19.41
C LEU A 744 -4.08 -0.62 19.48
N VAL A 745 -4.95 0.04 18.72
CA VAL A 745 -5.12 1.48 18.84
C VAL A 745 -6.54 1.79 19.29
N THR A 746 -6.67 2.97 19.88
CA THR A 746 -7.96 3.47 20.32
C THR A 746 -7.95 4.99 20.30
N LEU A 747 -9.01 5.59 20.83
CA LEU A 747 -9.29 7.00 20.61
C LEU A 747 -9.48 7.67 21.95
N GLY A 748 -8.80 8.81 22.16
CA GLY A 748 -8.81 9.49 23.43
C GLY A 748 -9.71 10.72 23.50
N SER A 749 -10.30 10.95 24.68
CA SER A 749 -11.09 12.16 24.91
C SER A 749 -11.05 12.62 26.36
N GLU A 750 -10.47 13.81 26.61
CA GLU A 750 -10.31 14.34 27.97
C GLU A 750 -11.66 14.64 28.64
N THR A 751 -11.61 14.75 29.97
CA THR A 751 -12.81 14.95 30.78
C THR A 751 -12.73 16.29 31.47
N ASN A 752 -13.69 17.15 31.21
CA ASN A 752 -13.66 18.50 31.72
C ASN A 752 -14.77 18.75 32.73
N VAL A 753 -14.51 19.63 33.70
CA VAL A 753 -15.48 19.95 34.73
C VAL A 753 -15.97 21.39 34.65
N SER A 754 -15.40 22.24 33.80
CA SER A 754 -16.09 23.52 33.66
C SER A 754 -16.96 23.61 32.42
N THR A 755 -16.60 22.95 31.32
CA THR A 755 -17.47 22.91 30.14
C THR A 755 -17.60 21.53 29.57
N LYS A 756 -18.20 21.45 28.39
CA LYS A 756 -18.26 20.21 27.65
C LYS A 756 -17.07 20.19 26.68
N THR A 757 -16.39 19.04 26.63
CA THR A 757 -15.36 18.81 25.62
C THR A 757 -15.90 19.15 24.24
N ILE A 758 -15.03 19.63 23.38
CA ILE A 758 -15.41 20.00 22.02
C ILE A 758 -14.75 19.12 20.97
N SER A 759 -13.71 18.38 21.34
CA SER A 759 -12.66 17.88 20.46
C SER A 759 -12.31 16.45 20.90
N ASP A 760 -11.15 15.96 20.49
CA ASP A 760 -10.65 14.68 20.99
C ASP A 760 -9.16 14.57 20.71
N ASN A 761 -8.46 13.81 21.55
CA ASN A 761 -7.01 13.66 21.40
C ASN A 761 -6.60 12.89 20.15
N GLY A 762 -7.52 12.34 19.37
CA GLY A 762 -7.08 11.46 18.29
C GLY A 762 -6.72 10.06 18.77
N LEU A 763 -5.93 9.40 17.94
CA LEU A 763 -5.57 8.01 18.20
C LEU A 763 -4.44 7.92 19.22
N HIS A 764 -4.41 6.80 19.94
CA HIS A 764 -3.27 6.47 20.77
C HIS A 764 -3.24 4.98 21.01
N THR A 765 -2.06 4.49 21.38
CA THR A 765 -1.90 3.05 21.55
C THR A 765 -2.67 2.61 22.77
N LEU A 766 -3.50 1.57 22.63
CA LEU A 766 -4.28 1.08 23.76
C LEU A 766 -3.34 0.52 24.79
N GLY A 767 -3.70 0.69 26.06
CA GLY A 767 -2.84 0.35 27.20
C GLY A 767 -1.85 1.44 27.58
N THR A 768 -1.74 2.47 26.78
CA THR A 768 -0.88 3.62 26.95
C THR A 768 -1.68 4.76 27.52
N PHE A 769 -1.03 5.65 28.27
CA PHE A 769 -1.70 6.81 28.81
C PHE A 769 -0.70 7.94 28.94
N LYS A 770 -1.22 9.17 28.85
CA LYS A 770 -0.38 10.36 28.86
C LYS A 770 0.19 10.63 30.26
N ASN A 771 1.52 10.74 30.36
CA ASN A 771 2.20 11.07 31.62
C ASN A 771 2.26 12.60 31.77
N ALA A 772 3.11 13.09 32.67
CA ALA A 772 3.13 14.52 32.96
C ALA A 772 3.59 15.34 31.76
N ASP A 773 4.62 14.88 31.06
CA ASP A 773 5.25 15.61 29.98
C ASP A 773 4.56 15.38 28.64
N GLY A 774 3.39 14.73 28.67
CA GLY A 774 2.66 14.47 27.44
C GLY A 774 3.18 13.30 26.64
N LYS A 775 4.01 12.45 27.24
CA LYS A 775 4.45 11.24 26.58
C LYS A 775 3.45 10.13 26.87
N PHE A 776 3.07 9.39 25.84
CA PHE A 776 2.14 8.30 26.06
C PHE A 776 2.93 7.09 26.52
N ILE A 777 2.55 6.51 27.67
CA ILE A 777 3.38 5.50 28.33
C ILE A 777 2.57 4.25 28.64
N LEU A 778 3.22 3.09 28.59
CA LEU A 778 2.55 1.81 28.81
C LEU A 778 2.50 1.53 30.31
N GLU A 779 1.55 2.18 30.99
CA GLU A 779 1.42 2.11 32.43
C GLU A 779 1.05 0.72 32.91
N LYS A 780 1.46 0.38 34.15
CA LYS A 780 1.37 -1.00 34.66
C LYS A 780 0.54 -1.09 35.93
N ASN A 781 -0.14 -2.23 36.08
CA ASN A 781 -0.94 -2.59 37.24
C ASN A 781 -0.03 -3.20 38.31
N ALA A 782 -0.61 -3.49 39.48
CA ALA A 782 0.20 -3.89 40.64
C ALA A 782 1.08 -5.12 40.37
N GLN A 783 0.66 -6.04 39.52
CA GLN A 783 1.49 -7.19 39.17
C GLN A 783 2.47 -6.88 38.06
N GLY A 784 2.61 -5.61 37.68
CA GLY A 784 3.60 -5.24 36.70
C GLY A 784 3.25 -5.50 35.26
N ASN A 785 1.97 -5.76 34.94
CA ASN A 785 1.57 -5.91 33.56
C ASN A 785 0.87 -4.66 33.07
N PRO A 786 0.84 -4.43 31.76
CA PRO A 786 -0.07 -3.42 31.23
C PRO A 786 -1.39 -4.11 30.98
N VAL A 787 -2.44 -3.30 30.84
CA VAL A 787 -3.79 -3.86 30.70
C VAL A 787 -4.47 -3.28 29.47
N LEU A 788 -5.12 -4.16 28.69
CA LEU A 788 -5.80 -3.78 27.47
C LEU A 788 -7.30 -3.73 27.77
N ALA A 789 -7.83 -2.53 27.98
CA ALA A 789 -9.24 -2.48 28.39
C ALA A 789 -9.96 -1.32 27.70
N ILE A 790 -11.13 -1.59 27.15
CA ILE A 790 -11.90 -0.53 26.52
C ILE A 790 -13.19 -0.42 27.28
N SER A 791 -13.85 0.72 27.07
CA SER A 791 -14.98 1.16 27.87
C SER A 791 -16.02 1.71 26.92
N PRO A 792 -16.79 0.83 26.28
CA PRO A 792 -17.82 1.15 25.27
C PRO A 792 -19.08 1.79 25.85
N ASN A 793 -18.94 3.06 26.24
CA ASN A 793 -19.92 3.84 26.97
C ASN A 793 -20.49 4.98 26.14
N GLY A 794 -19.89 5.28 25.00
CA GLY A 794 -20.35 6.38 24.20
C GLY A 794 -19.73 7.70 24.55
N ASP A 795 -18.64 7.74 25.30
CA ASP A 795 -18.00 8.99 25.67
C ASP A 795 -16.79 9.36 24.81
N ASN A 796 -16.42 8.51 23.85
CA ASN A 796 -15.27 8.76 23.00
C ASN A 796 -13.96 8.68 23.73
N ASN A 797 -13.94 8.06 24.91
CA ASN A 797 -12.69 7.71 25.56
C ASN A 797 -12.60 6.19 25.59
N GLN A 798 -11.65 5.67 24.81
CA GLN A 798 -11.37 4.25 24.69
C GLN A 798 -12.65 3.46 24.50
N ASP A 799 -13.46 3.90 23.51
CA ASP A 799 -14.71 3.19 23.28
C ASP A 799 -14.53 1.95 22.42
N PHE A 800 -13.47 1.90 21.60
CA PHE A 800 -13.24 0.79 20.68
C PHE A 800 -11.77 0.41 20.67
N ALA A 801 -11.47 -0.70 20.01
CA ALA A 801 -10.10 -1.18 19.92
C ALA A 801 -9.89 -1.73 18.53
N ALA A 802 -8.79 -1.38 17.89
CA ALA A 802 -8.57 -1.75 16.48
C ALA A 802 -7.14 -2.21 16.28
N PHE A 803 -6.94 -3.21 15.40
CA PHE A 803 -5.62 -3.85 15.27
C PHE A 803 -4.68 -3.02 14.41
N LYS A 804 -3.43 -3.02 14.74
CA LYS A 804 -2.40 -2.31 13.97
C LYS A 804 -1.27 -3.29 13.81
N GLY A 805 -0.72 -3.52 12.65
CA GLY A 805 0.33 -4.53 12.58
C GLY A 805 1.57 -4.12 11.82
N VAL A 806 2.62 -4.84 12.06
CA VAL A 806 3.88 -4.76 11.28
C VAL A 806 3.93 -6.16 10.73
N PHE A 807 3.61 -6.29 9.48
CA PHE A 807 3.55 -7.59 8.85
C PHE A 807 4.91 -7.91 8.25
N LEU A 808 5.35 -9.15 8.43
CA LEU A 808 6.61 -9.63 7.85
C LEU A 808 6.43 -10.36 6.54
N ARG A 809 5.27 -10.96 6.29
CA ARG A 809 4.97 -11.55 5.00
C ARG A 809 3.63 -11.06 4.47
N LYS A 810 3.43 -11.20 3.17
CA LYS A 810 2.16 -10.89 2.57
C LYS A 810 1.06 -11.73 3.22
N TYR A 811 -0.02 -11.05 3.61
CA TYR A 811 -1.16 -11.64 4.32
C TYR A 811 -2.43 -11.54 3.49
N GLN A 812 -3.43 -12.32 3.94
CA GLN A 812 -4.77 -12.34 3.38
C GLN A 812 -5.66 -13.10 4.35
N GLY A 813 -6.96 -12.83 4.30
CA GLY A 813 -7.86 -13.50 5.20
C GLY A 813 -7.95 -12.87 6.58
N LEU A 814 -7.27 -11.76 6.81
CA LEU A 814 -7.17 -11.15 8.14
C LEU A 814 -8.48 -10.56 8.63
N LYS A 815 -8.94 -11.02 9.78
CA LYS A 815 -10.18 -10.55 10.38
C LYS A 815 -10.00 -10.43 11.89
N ALA A 816 -10.92 -9.78 12.56
CA ALA A 816 -10.84 -9.68 14.00
C ALA A 816 -12.08 -10.34 14.59
N SER A 817 -11.91 -11.29 15.47
CA SER A 817 -13.03 -11.89 16.16
C SER A 817 -12.93 -11.60 17.67
N VAL A 818 -14.04 -11.66 18.38
CA VAL A 818 -13.99 -11.51 19.83
C VAL A 818 -14.70 -12.69 20.45
N TYR A 819 -13.97 -13.47 21.26
CA TYR A 819 -14.57 -14.56 22.02
C TYR A 819 -14.59 -14.25 23.50
N HIS A 820 -15.42 -14.99 24.23
CA HIS A 820 -15.31 -14.88 25.68
C HIS A 820 -14.11 -15.69 26.12
N ALA A 821 -13.33 -15.22 27.10
CA ALA A 821 -12.08 -15.96 27.32
C ALA A 821 -12.31 -17.35 27.89
N SER A 822 -13.44 -17.57 28.57
CA SER A 822 -13.85 -18.93 28.90
C SER A 822 -13.80 -19.84 27.69
N ASP A 823 -14.08 -19.27 26.50
CA ASP A 823 -14.12 -19.99 25.23
C ASP A 823 -12.71 -20.36 24.80
N LYS A 824 -12.05 -21.25 25.53
CA LYS A 824 -10.60 -21.39 25.38
C LYS A 824 -10.22 -21.84 23.97
N GLU A 825 -11.04 -22.70 23.36
CA GLU A 825 -10.70 -23.16 22.01
C GLU A 825 -11.00 -22.11 20.93
N HIS A 826 -11.69 -21.02 21.26
CA HIS A 826 -12.18 -20.02 20.32
C HIS A 826 -13.15 -20.62 19.31
N LYS A 827 -14.28 -21.11 19.81
CA LYS A 827 -15.19 -21.84 18.96
C LYS A 827 -16.58 -21.24 18.78
N ASN A 828 -16.95 -20.23 19.56
CA ASN A 828 -18.22 -19.52 19.43
C ASN A 828 -17.92 -18.03 19.43
N PRO A 829 -17.64 -17.47 18.26
CA PRO A 829 -17.33 -16.04 18.17
C PRO A 829 -18.51 -15.19 18.55
N LEU A 830 -18.23 -14.17 19.32
CA LEU A 830 -19.27 -13.26 19.68
C LEU A 830 -19.39 -12.10 18.72
N TRP A 831 -18.33 -11.82 17.96
CA TRP A 831 -18.32 -10.68 17.05
C TRP A 831 -17.18 -10.84 16.07
N VAL A 832 -17.45 -10.62 14.79
CA VAL A 832 -16.41 -10.70 13.78
C VAL A 832 -16.39 -9.40 13.02
N SER A 833 -15.21 -8.90 12.69
CA SER A 833 -15.16 -7.70 11.89
C SER A 833 -15.82 -8.02 10.56
N PRO A 834 -16.62 -7.09 10.03
CA PRO A 834 -17.50 -7.46 8.93
C PRO A 834 -16.75 -7.62 7.65
N GLU A 835 -15.63 -6.93 7.50
CA GLU A 835 -14.74 -7.13 6.38
C GLU A 835 -13.59 -8.04 6.76
N SER A 836 -12.96 -8.61 5.75
CA SER A 836 -11.70 -9.31 5.90
C SER A 836 -10.67 -8.56 5.07
N PHE A 837 -9.40 -8.80 5.34
CA PHE A 837 -8.38 -7.87 4.88
C PHE A 837 -7.18 -8.61 4.32
N LYS A 838 -6.63 -8.09 3.24
CA LYS A 838 -5.42 -8.64 2.65
C LYS A 838 -4.45 -7.49 2.47
N GLY A 839 -3.17 -7.82 2.31
CA GLY A 839 -2.17 -6.76 2.18
C GLY A 839 -0.75 -7.31 2.21
N ASP A 840 0.18 -6.38 1.98
CA ASP A 840 1.59 -6.67 1.76
C ASP A 840 2.45 -6.66 3.02
N LYS A 841 3.65 -7.25 2.91
CA LYS A 841 4.75 -6.99 3.84
C LYS A 841 4.88 -5.51 4.09
N ASN A 842 5.29 -5.15 5.28
CA ASN A 842 5.78 -3.79 5.45
C ASN A 842 7.28 -3.84 5.19
N PHE A 843 7.70 -3.70 3.93
CA PHE A 843 9.12 -3.85 3.71
C PHE A 843 9.91 -2.56 3.78
N ASN A 844 9.31 -1.38 3.60
CA ASN A 844 10.03 -0.12 3.76
C ASN A 844 11.27 -0.05 2.87
N SER A 845 11.06 -0.08 1.56
CA SER A 845 12.20 0.12 0.68
C SER A 845 12.71 1.55 0.72
N ASP A 846 11.82 2.50 0.96
CA ASP A 846 12.13 3.92 1.14
C ASP A 846 10.93 4.56 1.83
N ILE A 847 10.96 5.89 2.00
CA ILE A 847 9.95 6.54 2.86
C ILE A 847 8.54 6.32 2.32
N ARG A 848 8.39 6.12 1.00
CA ARG A 848 7.08 5.92 0.36
C ARG A 848 6.45 4.57 0.71
N PHE A 849 7.08 3.73 1.52
CA PHE A 849 6.56 2.41 1.86
C PHE A 849 6.39 2.32 3.38
N ALA A 850 5.21 1.96 3.82
CA ALA A 850 4.89 2.11 5.23
C ALA A 850 5.50 0.98 6.04
N LYS A 851 5.96 1.31 7.24
CA LYS A 851 6.59 0.32 8.12
C LYS A 851 5.56 -0.43 8.94
N SER A 852 4.35 0.09 9.05
CA SER A 852 3.27 -0.58 9.74
C SER A 852 2.01 -0.24 8.97
N THR A 853 0.95 -0.98 9.23
CA THR A 853 -0.33 -0.57 8.69
C THR A 853 -1.41 -0.78 9.74
N THR A 854 -2.15 0.28 10.01
CA THR A 854 -3.27 0.29 10.94
C THR A 854 -4.54 -0.14 10.23
N LEU A 855 -5.27 -1.09 10.79
CA LEU A 855 -6.46 -1.59 10.11
C LEU A 855 -7.69 -1.22 10.92
N LEU A 856 -8.17 0.02 10.74
CA LEU A 856 -9.33 0.47 11.51
C LEU A 856 -10.58 -0.32 11.17
N GLY A 857 -10.55 -1.11 10.10
CA GLY A 857 -11.68 -1.98 9.81
C GLY A 857 -11.85 -3.10 10.80
N THR A 858 -10.87 -3.31 11.68
CA THR A 858 -10.91 -4.37 12.66
C THR A 858 -11.46 -3.88 13.97
N ALA A 859 -11.90 -2.63 14.04
CA ALA A 859 -12.32 -2.03 15.30
C ALA A 859 -13.45 -2.79 15.97
N PHE A 860 -13.31 -3.04 17.28
CA PHE A 860 -14.29 -3.73 18.10
C PHE A 860 -14.89 -2.75 19.11
N SER A 861 -16.20 -2.90 19.41
CA SER A 861 -16.91 -1.92 20.23
C SER A 861 -17.85 -2.56 21.23
N GLY A 862 -17.56 -3.80 21.64
CA GLY A 862 -18.37 -4.39 22.66
C GLY A 862 -19.78 -4.66 22.21
N LYS A 863 -20.01 -4.73 20.92
CA LYS A 863 -21.29 -5.14 20.40
C LYS A 863 -21.19 -6.56 19.84
N SER A 864 -22.21 -7.37 20.12
CA SER A 864 -22.22 -8.74 19.61
C SER A 864 -22.52 -8.73 18.12
N LEU A 865 -22.63 -9.92 17.56
CA LEU A 865 -23.03 -10.05 16.17
C LEU A 865 -24.44 -9.55 15.92
N THR A 866 -25.22 -9.29 16.96
CA THR A 866 -26.61 -8.89 16.80
C THR A 866 -26.82 -7.47 17.20
N GLY A 867 -25.75 -6.76 17.50
CA GLY A 867 -25.87 -5.41 17.98
C GLY A 867 -26.16 -5.27 19.45
N ALA A 868 -26.54 -6.35 20.14
CA ALA A 868 -26.66 -6.27 21.59
C ALA A 868 -25.31 -5.91 22.20
N GLU A 869 -25.34 -5.31 23.38
CA GLU A 869 -24.07 -4.90 23.97
C GLU A 869 -23.44 -6.07 24.72
N LEU A 870 -22.17 -6.23 24.55
CA LEU A 870 -21.50 -7.33 25.18
C LEU A 870 -21.17 -6.94 26.61
N PRO A 871 -21.60 -7.73 27.59
CA PRO A 871 -21.46 -7.34 29.00
C PRO A 871 -20.01 -7.18 29.40
N ASP A 872 -19.78 -6.35 30.43
CA ASP A 872 -18.44 -6.23 31.00
C ASP A 872 -17.90 -7.60 31.38
N GLY A 873 -16.60 -7.79 31.24
CA GLY A 873 -16.03 -9.11 31.42
C GLY A 873 -14.65 -9.22 30.80
N TYR A 874 -14.14 -10.43 30.79
CA TYR A 874 -12.83 -10.71 30.23
C TYR A 874 -12.99 -11.45 28.91
N TYR A 875 -12.46 -10.88 27.82
CA TYR A 875 -12.64 -11.40 26.47
C TYR A 875 -11.31 -11.54 25.74
N HIS A 876 -11.32 -12.31 24.65
CA HIS A 876 -10.21 -12.42 23.72
C HIS A 876 -10.56 -11.71 22.41
N TYR A 877 -9.72 -10.78 22.00
CA TYR A 877 -9.75 -10.12 20.70
C TYR A 877 -8.73 -10.81 19.81
N VAL A 878 -9.17 -11.79 19.02
CA VAL A 878 -8.27 -12.60 18.21
C VAL A 878 -8.19 -12.01 16.82
N VAL A 879 -7.02 -11.54 16.40
CA VAL A 879 -6.75 -11.15 15.02
C VAL A 879 -6.19 -12.37 14.31
N SER A 880 -6.91 -12.93 13.31
CA SER A 880 -6.35 -14.06 12.55
C SER A 880 -6.08 -13.71 11.10
N TYR A 881 -5.17 -14.47 10.47
CA TYR A 881 -4.80 -14.26 9.07
C TYR A 881 -4.13 -15.49 8.49
N TYR A 882 -3.67 -15.37 7.24
CA TYR A 882 -3.02 -16.45 6.50
C TYR A 882 -1.88 -15.88 5.68
N PRO A 883 -0.73 -16.54 5.61
CA PRO A 883 0.28 -16.13 4.63
C PRO A 883 -0.22 -16.55 3.27
N ASP A 884 0.49 -16.06 2.26
CA ASP A 884 0.06 -16.36 0.90
C ASP A 884 0.69 -17.62 0.32
N VAL A 885 0.76 -18.77 1.00
CA VAL A 885 1.15 -19.97 0.27
C VAL A 885 0.09 -21.01 0.54
N VAL A 886 -0.34 -21.70 -0.52
CA VAL A 886 -1.45 -22.63 -0.39
C VAL A 886 -1.10 -23.68 0.66
N GLY A 887 -2.07 -24.11 1.46
CA GLY A 887 -1.85 -25.08 2.51
C GLY A 887 -1.47 -24.53 3.88
N ALA A 888 -1.01 -23.29 3.97
CA ALA A 888 -0.54 -22.75 5.23
C ALA A 888 -1.56 -22.92 6.34
N LYS A 889 -1.09 -22.99 7.57
CA LYS A 889 -1.97 -23.07 8.72
C LYS A 889 -2.35 -21.65 9.07
N ARG A 890 -3.53 -21.51 9.66
CA ARG A 890 -4.08 -20.19 9.89
C ARG A 890 -3.52 -19.61 11.18
N GLN A 891 -2.79 -18.52 11.06
CA GLN A 891 -2.15 -17.92 12.23
C GLN A 891 -3.14 -17.06 13.00
N GLU A 892 -3.04 -17.08 14.34
CA GLU A 892 -3.85 -16.29 15.25
C GLU A 892 -2.98 -15.34 16.05
N THR A 894 -3.88 -13.43 19.83
CA THR A 894 -4.94 -13.20 20.82
C THR A 894 -4.55 -12.08 21.76
N PHE A 895 -5.42 -11.12 21.96
CA PHE A 895 -5.16 -10.01 22.89
C PHE A 895 -6.14 -10.12 24.05
N ASP A 896 -5.66 -9.94 25.27
CA ASP A 896 -6.57 -10.09 26.38
C ASP A 896 -7.31 -8.78 26.49
N ILE A 898 -10.47 -6.45 28.33
CA ILE A 898 -11.46 -6.24 29.35
C ILE A 898 -12.44 -5.19 28.85
N LEU A 899 -13.71 -5.49 29.02
CA LEU A 899 -14.76 -4.50 28.92
C LEU A 899 -15.11 -4.08 30.32
N ASP A 900 -14.95 -2.80 30.60
CA ASP A 900 -15.20 -2.20 31.91
C ASP A 900 -15.92 -0.91 31.61
N ARG A 901 -17.21 -0.85 31.92
CA ARG A 901 -17.96 0.34 31.60
C ARG A 901 -18.36 1.15 32.82
N GLN A 902 -17.75 0.87 33.98
CA GLN A 902 -18.17 1.36 35.29
C GLN A 902 -17.05 2.19 35.89
N LYS A 903 -17.40 3.35 36.45
CA LYS A 903 -16.39 4.25 37.00
C LYS A 903 -15.80 3.68 38.30
N PRO A 904 -14.57 4.06 38.69
CA PRO A 904 -14.03 3.58 39.98
C PRO A 904 -14.77 4.26 41.13
N VAL A 905 -14.55 3.76 42.43
CA VAL A 905 -15.43 4.21 43.51
C VAL A 905 -14.94 5.48 44.19
N LEU A 906 -15.92 6.28 44.61
CA LEU A 906 -15.75 7.53 45.34
C LEU A 906 -16.75 7.55 46.49
N SER A 907 -16.33 7.03 47.66
CA SER A 907 -17.20 6.98 48.84
C SER A 907 -16.98 8.16 49.77
N GLN A 908 -15.79 8.27 50.36
CA GLN A 908 -15.50 9.30 51.34
C GLN A 908 -13.99 9.45 51.47
N ALA A 909 -13.57 10.48 52.22
CA ALA A 909 -12.17 10.78 52.44
C ALA A 909 -12.02 11.48 53.79
N THR A 910 -10.82 11.35 54.38
CA THR A 910 -10.51 11.92 55.70
C THR A 910 -9.71 13.21 55.52
N PHE A 911 -10.25 14.32 56.00
CA PHE A 911 -9.58 15.61 55.89
C PHE A 911 -9.23 16.16 57.27
N ASP A 912 -7.93 16.41 57.50
CA ASP A 912 -7.44 17.06 58.72
C ASP A 912 -7.13 18.53 58.47
N PRO A 913 -7.93 19.48 59.03
CA PRO A 913 -7.77 20.90 58.67
C PRO A 913 -6.51 21.52 59.22
N GLU A 914 -5.82 20.85 60.14
CA GLU A 914 -4.62 21.43 60.71
C GLU A 914 -3.48 21.40 59.71
N THR A 915 -3.34 20.29 58.97
CA THR A 915 -2.29 20.19 57.97
C THR A 915 -2.84 20.19 56.55
N ASN A 916 -4.16 20.27 56.38
CA ASN A 916 -4.81 20.18 55.06
C ASN A 916 -4.57 18.82 54.42
N ARG A 917 -4.77 17.76 55.21
CA ARG A 917 -4.48 16.41 54.72
C ARG A 917 -5.75 15.74 54.21
N PHE A 918 -5.70 15.38 52.91
CA PHE A 918 -6.78 14.73 52.18
C PHE A 918 -6.35 13.27 51.94
N LYS A 919 -6.84 12.34 52.76
CA LYS A 919 -6.54 10.95 52.47
C LYS A 919 -7.80 10.32 51.90
N PRO A 920 -7.79 9.89 50.64
CA PRO A 920 -9.05 9.52 50.00
C PRO A 920 -9.62 8.24 50.56
N GLU A 921 -8.92 7.13 50.31
CA GLU A 921 -9.24 5.80 50.81
C GLU A 921 -8.32 4.84 50.06
N PRO A 922 -8.34 3.54 50.37
CA PRO A 922 -7.81 2.60 49.39
C PRO A 922 -8.57 2.74 48.08
N LEU A 923 -7.84 2.61 46.96
CA LEU A 923 -8.40 2.78 45.62
C LEU A 923 -9.14 1.52 45.16
N LYS A 924 -10.45 1.64 44.90
CA LYS A 924 -11.25 0.53 44.41
C LYS A 924 -11.94 0.89 43.10
N ASP A 925 -11.71 0.07 42.08
CA ASP A 925 -12.42 0.18 40.81
C ASP A 925 -13.60 -0.79 40.81
N ARG A 926 -14.66 -0.37 40.11
CA ARG A 926 -15.73 -1.28 39.69
C ARG A 926 -15.42 -1.82 38.29
N GLY A 927 -15.49 -3.14 38.13
CA GLY A 927 -15.09 -3.78 36.88
C GLY A 927 -13.64 -4.21 36.92
N LEU A 928 -13.20 -4.90 35.87
CA LEU A 928 -11.96 -5.65 35.90
C LEU A 928 -10.78 -4.83 35.37
N ALA A 929 -10.99 -3.55 35.08
CA ALA A 929 -9.90 -2.78 34.52
C ALA A 929 -8.87 -2.46 35.57
N GLY A 930 -9.32 -2.07 36.75
CA GLY A 930 -8.40 -1.65 37.78
C GLY A 930 -8.13 -0.16 37.75
N VAL A 931 -7.96 0.41 38.94
CA VAL A 931 -7.54 1.79 39.03
C VAL A 931 -6.08 1.91 38.61
N ARG A 932 -5.75 3.01 37.95
CA ARG A 932 -4.37 3.28 37.62
C ARG A 932 -3.89 4.65 38.04
N LYS A 933 -4.77 5.60 38.34
CA LYS A 933 -4.26 6.90 38.76
C LYS A 933 -5.27 7.65 39.64
N ASP A 934 -4.69 8.34 40.61
CA ASP A 934 -5.34 9.10 41.66
C ASP A 934 -5.01 10.57 41.46
N SER A 935 -5.99 11.46 41.55
CA SER A 935 -5.55 12.82 41.34
C SER A 935 -6.42 13.83 42.07
N VAL A 936 -5.79 14.95 42.41
CA VAL A 936 -6.48 16.10 42.96
C VAL A 936 -6.04 17.30 42.15
N PHE A 937 -6.99 18.12 41.74
CA PHE A 937 -6.68 19.34 41.05
C PHE A 937 -7.70 20.38 41.47
N TYR A 938 -7.33 21.65 41.25
CA TYR A 938 -8.24 22.78 41.31
C TYR A 938 -8.13 23.56 40.01
N LEU A 939 -9.12 24.41 39.79
CA LEU A 939 -9.26 25.12 38.53
C LEU A 939 -8.66 26.50 38.62
N GLU A 940 -7.50 26.68 37.99
CA GLU A 940 -6.80 27.97 38.02
C GLU A 940 -7.43 28.92 37.02
N ARG A 941 -8.21 29.88 37.53
CA ARG A 941 -8.86 30.86 36.66
C ARG A 941 -7.85 31.81 36.03
N LYS A 942 -7.94 31.97 34.72
CA LYS A 942 -7.12 32.89 33.94
C LYS A 942 -8.03 33.60 32.94
N ASP A 943 -7.80 34.90 32.74
CA ASP A 943 -8.65 35.70 31.86
C ASP A 943 -10.13 35.48 32.17
N ASN A 944 -10.45 35.45 33.46
CA ASN A 944 -11.80 35.44 34.00
C ASN A 944 -12.55 34.13 33.73
N LYS A 945 -11.87 33.07 33.27
CA LYS A 945 -12.50 31.82 32.85
C LYS A 945 -11.78 30.58 33.40
N PRO A 946 -12.53 29.55 33.82
CA PRO A 946 -11.91 28.33 34.34
C PRO A 946 -11.35 27.40 33.27
N TYR A 947 -11.43 27.77 32.01
CA TYR A 947 -10.91 26.99 30.90
C TYR A 947 -10.19 27.93 29.95
N THR A 948 -9.52 27.35 28.96
CA THR A 948 -8.92 28.14 27.91
C THR A 948 -9.36 27.58 26.56
N VAL A 949 -9.54 28.50 25.62
CA VAL A 949 -10.13 28.25 24.33
C VAL A 949 -9.06 28.53 23.30
N THR A 950 -8.42 27.49 22.80
CA THR A 950 -7.38 27.65 21.79
C THR A 950 -8.01 27.66 20.41
N ILE A 951 -7.61 28.62 19.58
CA ILE A 951 -8.04 28.69 18.20
C ILE A 951 -6.82 28.49 17.29
N ASN A 952 -6.78 27.35 16.64
CA ASN A 952 -5.81 27.09 15.58
C ASN A 952 -6.29 27.72 14.30
N ASP A 953 -5.63 28.79 13.88
CA ASP A 953 -5.99 29.49 12.66
C ASP A 953 -5.46 28.82 11.39
N SER A 954 -4.65 27.78 11.50
CA SER A 954 -4.21 27.15 10.27
C SER A 954 -5.07 25.95 9.90
N TYR A 955 -5.42 25.11 10.87
CA TYR A 955 -6.38 24.03 10.63
C TYR A 955 -7.82 24.52 10.68
N LYS A 956 -8.03 25.77 11.09
CA LYS A 956 -9.35 26.32 11.37
C LYS A 956 -10.09 25.39 12.33
N TYR A 957 -9.54 25.34 13.55
CA TYR A 957 -9.93 24.36 14.56
C TYR A 957 -9.94 24.99 15.94
N VAL A 958 -10.91 24.60 16.76
CA VAL A 958 -11.06 25.18 18.09
C VAL A 958 -11.13 24.07 19.13
N SER A 959 -10.29 24.19 20.16
CA SER A 959 -10.24 23.20 21.22
C SER A 959 -10.42 23.88 22.56
N VAL A 960 -11.13 23.22 23.48
CA VAL A 960 -11.44 23.80 24.78
C VAL A 960 -10.92 22.88 25.88
N GLU A 961 -10.34 23.50 26.92
CA GLU A 961 -9.50 22.81 27.91
C GLU A 961 -9.81 23.32 29.32
N ASP A 962 -10.18 22.41 30.23
CA ASP A 962 -10.13 22.74 31.65
C ASP A 962 -8.77 23.31 32.05
N ASN A 963 -8.78 24.29 32.94
CA ASN A 963 -7.51 24.80 33.49
C ASN A 963 -7.13 24.08 34.77
N LYS A 964 -7.13 22.74 34.74
CA LYS A 964 -6.68 21.96 35.88
C LYS A 964 -5.24 22.31 36.23
N THR A 965 -4.97 22.46 37.54
CA THR A 965 -3.63 22.33 38.10
C THR A 965 -3.70 21.35 39.24
N PHE A 966 -2.65 20.56 39.35
CA PHE A 966 -2.64 19.33 40.13
C PHE A 966 -2.10 19.57 41.54
N VAL A 967 -2.38 18.62 42.42
CA VAL A 967 -1.88 18.63 43.80
C VAL A 967 -1.00 17.41 43.97
N GLU A 968 0.25 17.62 44.37
CA GLU A 968 1.21 16.53 44.42
C GLU A 968 0.64 15.35 45.20
N ARG A 969 1.00 14.14 44.80
CA ARG A 969 0.60 12.95 45.53
C ARG A 969 1.77 12.48 46.40
N GLN A 970 1.52 12.30 47.69
CA GLN A 970 2.59 11.80 48.56
C GLN A 970 2.52 10.28 48.69
N ALA A 971 3.68 9.69 48.98
CA ALA A 971 3.85 8.26 48.79
C ALA A 971 2.87 7.44 49.60
N ASP A 972 2.24 8.02 50.62
CA ASP A 972 1.24 7.33 51.43
C ASP A 972 -0.16 7.48 50.85
N GLY A 973 -0.32 8.22 49.77
CA GLY A 973 -1.58 8.29 49.07
C GLY A 973 -2.49 9.41 49.48
N SER A 974 -1.97 10.47 50.12
CA SER A 974 -2.79 11.60 50.51
C SER A 974 -2.27 12.91 49.90
N PHE A 975 -3.05 13.98 50.11
CA PHE A 975 -2.92 15.21 49.33
C PHE A 975 -2.97 16.42 50.23
N ILE A 976 -1.89 17.21 50.20
CA ILE A 976 -1.77 18.44 50.99
C ILE A 976 -2.25 19.59 50.10
N LEU A 977 -3.51 19.97 50.26
CA LEU A 977 -4.15 20.91 49.35
C LEU A 977 -3.63 22.32 49.58
N PRO A 978 -3.17 23.02 48.55
CA PRO A 978 -2.87 24.44 48.75
C PRO A 978 -4.14 25.29 48.83
N LEU A 979 -4.66 25.39 50.07
CA LEU A 979 -5.76 26.28 50.42
C LEU A 979 -5.47 27.74 50.11
N ASP A 980 -4.19 28.10 49.95
CA ASP A 980 -3.85 29.48 49.59
C ASP A 980 -4.27 29.81 48.16
N LYS A 981 -4.24 28.84 47.24
CA LYS A 981 -4.39 29.13 45.81
C LYS A 981 -5.80 28.90 45.27
N ALA A 982 -6.65 28.17 45.99
CA ALA A 982 -8.09 28.20 45.72
C ALA A 982 -8.80 27.45 46.84
N LYS A 983 -10.09 27.79 47.01
CA LYS A 983 -10.89 27.37 48.15
C LYS A 983 -10.92 25.84 48.25
N LEU A 984 -11.09 25.33 49.47
CA LEU A 984 -11.40 23.92 49.62
C LEU A 984 -12.84 23.69 49.23
N GLY A 985 -13.09 22.60 48.51
CA GLY A 985 -14.40 22.37 47.94
C GLY A 985 -14.56 22.88 46.53
N ASP A 986 -13.60 23.67 46.06
CA ASP A 986 -13.27 23.81 44.64
C ASP A 986 -12.02 23.00 44.28
N PHE A 987 -11.65 22.06 45.12
CA PHE A 987 -10.74 20.99 44.74
C PHE A 987 -11.59 19.83 44.23
N TYR A 988 -11.14 19.22 43.13
CA TYR A 988 -11.77 18.00 42.64
C TYR A 988 -10.85 16.82 42.93
N TYR A 989 -11.49 15.69 43.23
CA TYR A 989 -10.81 14.42 43.39
C TYR A 989 -11.20 13.55 42.22
N VAL A 991 -10.33 9.86 40.15
CA VAL A 991 -9.82 8.51 40.07
C VAL A 991 -10.06 8.00 38.67
N GLU A 992 -9.11 7.22 38.15
CA GLU A 992 -9.10 6.85 36.74
C GLU A 992 -9.04 5.34 36.55
N ASP A 993 -10.02 4.83 35.79
CA ASP A 993 -10.00 3.49 35.21
C ASP A 993 -8.74 3.21 34.41
N PHE A 994 -8.50 1.93 34.14
CA PHE A 994 -7.60 1.57 33.07
C PHE A 994 -8.31 1.59 31.72
N ALA A 995 -9.57 1.15 31.69
CA ALA A 995 -10.31 1.24 30.45
C ALA A 995 -10.75 2.66 30.15
N GLY A 996 -10.51 3.63 31.03
CA GLY A 996 -10.79 5.01 30.69
C GLY A 996 -12.09 5.58 31.24
N ASN A 997 -12.84 4.83 32.02
CA ASN A 997 -13.85 5.52 32.80
C ASN A 997 -13.18 6.42 33.83
N VAL A 998 -13.84 7.52 34.17
CA VAL A 998 -13.26 8.53 35.04
C VAL A 998 -14.28 8.97 36.09
N ALA A 999 -13.96 8.77 37.36
CA ALA A 999 -14.73 9.31 38.46
C ALA A 999 -14.12 10.63 38.91
N ILE A 1000 -14.99 11.60 39.18
CA ILE A 1000 -14.58 12.93 39.63
C ILE A 1000 -15.62 13.39 40.63
N ALA A 1001 -15.20 13.59 41.88
CA ALA A 1001 -16.00 14.27 42.90
C ALA A 1001 -15.49 15.69 43.09
N LYS A 1002 -16.43 16.63 43.14
CA LYS A 1002 -16.19 17.96 43.71
C LYS A 1002 -16.58 17.91 45.17
N LEU A 1003 -15.80 18.58 46.02
CA LEU A 1003 -16.10 18.67 47.45
C LEU A 1003 -17.17 19.74 47.67
N GLY A 1004 -18.38 19.41 47.23
CA GLY A 1004 -19.57 20.23 47.41
C GLY A 1004 -20.63 19.33 48.01
N ASP A 1005 -20.21 18.10 48.33
CA ASP A 1005 -21.02 17.17 49.12
C ASP A 1005 -20.68 17.41 50.59
N HIS A 1006 -21.10 18.58 51.06
CA HIS A 1006 -20.49 19.25 52.20
C HIS A 1006 -21.51 19.55 53.29
N LEU A 1007 -20.97 19.93 54.49
CA LEU A 1007 -21.65 20.37 55.71
C LEU A 1007 -21.43 21.88 55.91
N PRO A 1008 -22.42 22.61 56.53
CA PRO A 1008 -22.59 24.06 56.23
C PRO A 1008 -21.38 24.97 56.40
N GLN A 1009 -20.80 25.13 57.60
CA GLN A 1009 -19.57 25.92 57.71
C GLN A 1009 -18.38 25.14 58.25
N THR A 1010 -18.42 24.64 59.50
CA THR A 1010 -17.54 23.59 60.03
C THR A 1010 -16.02 23.85 59.84
N LEU A 1011 -15.64 25.02 59.31
CA LEU A 1011 -14.35 25.24 58.65
C LEU A 1011 -13.19 25.32 59.65
N GLY A 1012 -12.58 24.17 59.96
CA GLY A 1012 -11.33 24.14 60.69
C GLY A 1012 -11.35 23.48 62.06
N LYS A 1013 -12.46 22.87 62.48
CA LYS A 1013 -12.52 22.28 63.81
C LYS A 1013 -11.44 21.23 64.02
N THR A 1014 -11.50 20.14 63.27
CA THR A 1014 -10.97 18.85 63.70
C THR A 1014 -11.12 17.87 62.52
N PRO A 1015 -10.36 16.73 62.51
CA PRO A 1015 -10.56 15.71 61.46
C PRO A 1015 -12.02 15.43 61.09
N ILE A 1016 -12.33 15.43 59.78
CA ILE A 1016 -13.69 15.21 59.29
C ILE A 1016 -13.70 14.05 58.31
N LYS A 1017 -14.77 13.26 58.37
CA LYS A 1017 -15.08 12.28 57.33
C LYS A 1017 -15.98 12.95 56.32
N LEU A 1018 -15.62 12.85 55.03
CA LEU A 1018 -16.12 13.71 53.98
C LEU A 1018 -16.71 12.86 52.86
N LYS A 1019 -17.98 13.10 52.54
CA LYS A 1019 -18.67 12.32 51.53
C LYS A 1019 -18.25 12.79 50.15
N LEU A 1020 -18.16 11.83 49.23
CA LEU A 1020 -17.66 12.01 47.88
C LEU A 1020 -18.69 11.42 46.92
N THR A 1021 -19.08 12.21 45.93
CA THR A 1021 -19.98 11.64 44.93
C THR A 1021 -19.46 12.09 43.57
N ASP A 1022 -19.55 11.17 42.60
CA ASP A 1022 -19.17 11.46 41.22
C ASP A 1022 -20.18 12.38 40.56
N GLY A 1023 -19.68 13.50 40.03
CA GLY A 1023 -20.55 14.49 39.41
C GLY A 1023 -20.95 14.24 37.97
N ASN A 1024 -20.81 13.01 37.49
CA ASN A 1024 -20.96 12.65 36.07
C ASN A 1024 -20.42 13.76 35.17
N TYR A 1025 -19.14 14.02 35.34
CA TYR A 1025 -18.47 14.94 34.44
C TYR A 1025 -18.07 14.27 33.14
N GLN A 1026 -17.93 12.94 33.16
CA GLN A 1026 -17.76 12.13 31.96
C GLN A 1026 -19.12 11.48 31.73
N THR A 1027 -19.78 11.82 30.60
CA THR A 1027 -21.23 11.71 30.55
C THR A 1027 -21.82 10.98 29.37
N LYS A 1028 -21.07 10.73 28.30
CA LYS A 1028 -21.59 10.11 27.06
C LYS A 1028 -22.61 11.02 26.35
N GLU A 1029 -22.10 12.15 25.87
CA GLU A 1029 -22.85 13.31 25.33
C GLU A 1029 -24.10 12.91 24.54
N THR A 1030 -25.23 13.56 24.86
CA THR A 1030 -26.46 13.33 24.11
C THR A 1030 -26.99 14.60 23.50
N LEU A 1031 -27.99 14.37 22.65
CA LEU A 1031 -28.48 15.34 21.68
C LEU A 1031 -29.62 16.18 22.22
N LYS A 1032 -29.53 17.49 21.98
CA LYS A 1032 -30.54 18.47 22.40
C LYS A 1032 -31.92 18.09 21.90
N ASP A 1033 -32.84 17.76 22.83
CA ASP A 1033 -34.16 17.23 22.44
C ASP A 1033 -35.15 18.36 22.15
N ASN A 1034 -35.62 19.07 23.18
CA ASN A 1034 -36.45 20.28 23.00
C ASN A 1034 -37.67 20.08 22.09
N LEU A 1035 -38.18 18.84 21.98
CA LEU A 1035 -39.25 18.55 21.02
C LEU A 1035 -40.50 18.10 21.77
N GLU A 1036 -41.67 18.41 21.21
CA GLU A 1036 -42.96 18.06 21.83
C GLU A 1036 -43.83 17.34 20.81
N THR A 1038 -47.02 15.32 18.99
CA THR A 1038 -48.48 15.39 19.05
C THR A 1038 -49.08 14.37 18.08
N GLN A 1039 -50.30 13.92 18.41
CA GLN A 1039 -50.92 12.80 17.67
C GLN A 1039 -50.83 12.97 16.16
N SER A 1040 -50.79 14.21 15.66
CA SER A 1040 -50.67 14.43 14.23
C SER A 1040 -49.26 14.16 13.68
N ASP A 1041 -48.31 13.72 14.51
CA ASP A 1041 -46.94 13.46 14.09
C ASP A 1041 -46.76 11.98 13.77
N THR A 1042 -45.76 11.72 12.92
CA THR A 1042 -45.38 10.33 12.67
C THR A 1042 -44.76 9.71 13.90
N GLY A 1043 -44.06 10.50 14.70
CA GLY A 1043 -43.25 9.97 15.75
C GLY A 1043 -41.83 9.69 15.31
N LEU A 1044 -41.54 9.77 14.03
CA LEU A 1044 -40.19 9.64 13.57
C LEU A 1044 -39.44 10.92 13.90
N VAL A 1045 -38.21 10.79 14.36
CA VAL A 1045 -37.35 11.95 14.55
C VAL A 1045 -35.99 11.63 13.99
N THR A 1046 -35.27 12.66 13.60
CA THR A 1046 -33.92 12.47 13.09
C THR A 1046 -33.12 13.64 13.60
N ASN A 1047 -31.93 13.85 13.05
CA ASN A 1047 -31.10 14.89 13.61
C ASN A 1047 -30.75 15.88 12.51
N GLN A 1048 -30.27 17.05 12.93
CA GLN A 1048 -30.19 18.16 12.00
C GLN A 1048 -28.99 19.02 12.33
N ALA A 1049 -28.28 19.47 11.29
CA ALA A 1049 -27.03 20.20 11.45
C ALA A 1049 -26.60 20.82 10.12
N GLN A 1050 -25.88 21.93 10.22
CA GLN A 1050 -25.32 22.49 9.01
C GLN A 1050 -23.95 21.89 8.75
N LEU A 1051 -23.37 22.19 7.58
CA LEU A 1051 -22.05 21.71 7.20
C LEU A 1051 -21.07 22.86 7.15
N ALA A 1052 -20.00 22.78 7.91
CA ALA A 1052 -19.11 23.93 7.93
C ALA A 1052 -18.46 24.12 6.57
N VAL A 1053 -18.09 25.35 6.26
CA VAL A 1053 -17.38 25.57 5.02
C VAL A 1053 -15.92 25.85 5.32
N VAL A 1054 -15.61 26.43 6.48
CA VAL A 1054 -14.24 26.78 6.81
C VAL A 1054 -13.76 26.12 8.10
N HIS A 1055 -14.46 26.34 9.20
CA HIS A 1055 -14.01 25.74 10.43
C HIS A 1055 -14.16 24.22 10.32
N ARG A 1056 -13.47 23.51 11.21
CA ARG A 1056 -13.39 22.05 11.12
C ARG A 1056 -13.77 21.43 12.45
N ASN A 1057 -14.65 22.08 13.18
CA ASN A 1057 -15.22 21.46 14.36
C ASN A 1057 -16.53 20.75 14.03
N GLN A 1058 -17.02 19.96 14.95
CA GLN A 1058 -18.24 19.27 14.65
C GLN A 1058 -19.40 20.21 14.84
N PRO A 1059 -20.15 20.55 13.80
CA PRO A 1059 -21.15 21.63 13.93
C PRO A 1059 -22.36 21.19 14.73
N GLN A 1060 -22.98 22.16 15.39
CA GLN A 1060 -24.01 21.89 16.39
C GLN A 1060 -25.18 21.20 15.72
N SER A 1061 -25.83 20.27 16.42
CA SER A 1061 -26.95 19.57 15.81
C SER A 1061 -28.01 19.28 16.86
N GLN A 1062 -29.25 19.15 16.40
CA GLN A 1062 -30.35 18.96 17.33
C GLN A 1062 -31.35 18.01 16.74
N LEU A 1063 -32.08 17.36 17.63
CA LEU A 1063 -33.13 16.49 17.17
C LEU A 1063 -34.20 17.33 16.48
N THR A 1064 -34.87 16.74 15.52
CA THR A 1064 -35.94 17.43 14.80
C THR A 1064 -36.99 16.40 14.43
N LYS A 1065 -38.20 16.87 14.18
CA LYS A 1065 -39.21 15.91 13.79
C LYS A 1065 -38.93 15.43 12.38
N ASN A 1067 -41.70 14.32 9.65
CA ASN A 1067 -43.03 13.94 9.18
C ASN A 1067 -43.15 13.95 7.67
N GLN A 1068 -42.07 14.26 6.98
CA GLN A 1068 -41.97 14.17 5.54
C GLN A 1068 -40.64 13.56 5.22
N ASP A 1069 -40.45 13.25 3.94
CA ASP A 1069 -39.11 13.16 3.38
C ASP A 1069 -38.23 12.20 4.21
N PHE A 1070 -38.66 10.92 4.17
CA PHE A 1070 -38.08 9.81 4.94
C PHE A 1070 -36.84 9.31 4.19
N PHE A 1071 -35.76 10.04 4.35
CA PHE A 1071 -34.50 9.68 3.72
C PHE A 1071 -33.37 10.06 4.65
N ILE A 1072 -32.48 9.13 4.92
CA ILE A 1072 -31.34 9.42 5.77
C ILE A 1072 -30.08 9.29 4.96
N SER A 1073 -29.12 10.16 5.25
CA SER A 1073 -27.74 10.07 4.80
C SER A 1073 -26.91 9.74 6.03
N PRO A 1074 -26.64 8.42 6.31
CA PRO A 1074 -25.74 8.02 7.41
C PRO A 1074 -24.28 8.20 7.09
N ASN A 1075 -23.79 9.38 7.43
CA ASN A 1075 -22.53 9.94 7.00
C ASN A 1075 -21.89 10.63 8.18
N GLU A 1076 -22.40 10.41 9.40
CA GLU A 1076 -21.95 11.09 10.62
C GLU A 1076 -21.63 12.57 10.40
N ASP A 1077 -22.59 13.31 9.84
CA ASP A 1077 -22.46 14.76 9.77
C ASP A 1077 -23.49 15.41 10.68
N GLY A 1078 -24.27 14.62 11.39
CA GLY A 1078 -25.26 15.14 12.27
C GLY A 1078 -26.54 15.59 11.61
N ASN A 1079 -26.66 15.44 10.29
CA ASN A 1079 -27.85 15.86 9.57
C ASN A 1079 -28.48 14.62 8.93
N LYS A 1080 -29.66 14.23 9.39
CA LYS A 1080 -30.42 13.11 8.84
C LYS A 1080 -29.57 11.85 8.76
N ASP A 1081 -28.95 11.47 9.87
CA ASP A 1081 -28.14 10.27 9.91
C ASP A 1081 -28.85 9.05 10.43
N PHE A 1082 -30.12 9.16 10.84
CA PHE A 1082 -30.80 8.01 11.43
C PHE A 1082 -32.28 8.26 11.54
N VAL A 1083 -33.02 7.18 11.72
CA VAL A 1083 -34.43 7.23 12.05
C VAL A 1083 -34.61 6.73 13.47
N ALA A 1084 -35.28 7.52 14.32
CA ALA A 1084 -35.64 7.11 15.67
C ALA A 1084 -37.13 7.32 15.91
N PHE A 1085 -37.59 6.87 17.06
CA PHE A 1085 -39.01 6.97 17.40
C PHE A 1085 -39.19 7.66 18.74
N LYS A 1086 -39.91 8.77 18.75
CA LYS A 1086 -40.24 9.44 20.00
C LYS A 1086 -41.73 9.38 20.22
N GLY A 1087 -42.15 9.16 21.47
CA GLY A 1087 -43.55 9.03 21.82
C GLY A 1087 -44.11 10.26 22.55
N LEU A 1088 -45.44 10.31 22.58
CA LEU A 1088 -46.14 11.38 23.28
C LEU A 1088 -45.95 11.25 24.79
N GLU A 1089 -45.84 12.40 25.48
CA GLU A 1089 -45.38 12.42 26.88
C GLU A 1089 -46.35 11.73 27.83
N ASN A 1090 -47.66 11.91 27.62
CA ASN A 1090 -48.68 11.36 28.50
C ASN A 1090 -49.13 9.97 28.10
N ASN A 1091 -48.50 9.38 27.09
CA ASN A 1091 -48.84 8.04 26.61
C ASN A 1091 -47.80 7.05 27.14
N VAL A 1092 -48.08 5.74 26.96
CA VAL A 1092 -47.12 4.71 27.40
C VAL A 1092 -46.76 3.82 26.22
N TYR A 1093 -45.53 3.30 26.24
CA TYR A 1093 -44.98 2.43 25.19
C TYR A 1093 -44.25 1.27 25.84
N ASN A 1094 -44.97 0.17 26.07
CA ASN A 1094 -44.43 -1.01 26.71
C ASN A 1094 -43.87 -1.96 25.65
N ASP A 1095 -42.73 -2.59 25.98
CA ASP A 1095 -42.07 -3.58 25.10
C ASP A 1095 -41.91 -3.00 23.70
N LEU A 1096 -41.32 -1.80 23.66
CA LEU A 1096 -41.08 -1.08 22.42
C LEU A 1096 -39.89 -1.72 21.72
N THR A 1097 -40.11 -2.17 20.50
CA THR A 1097 -39.08 -2.86 19.72
C THR A 1097 -39.16 -2.35 18.28
N VAL A 1098 -38.02 -1.97 17.73
CA VAL A 1098 -37.95 -1.49 16.35
C VAL A 1098 -37.22 -2.55 15.55
N ASN A 1099 -37.74 -2.86 14.35
CA ASN A 1099 -37.07 -3.80 13.46
C ASN A 1099 -37.05 -3.24 12.04
N VAL A 1100 -35.86 -3.11 11.46
CA VAL A 1100 -35.70 -2.72 10.07
C VAL A 1100 -35.58 -3.99 9.25
N TYR A 1101 -36.63 -4.29 8.49
CA TYR A 1101 -36.66 -5.37 7.49
C TYR A 1101 -36.20 -4.90 6.12
N ALA A 1102 -35.69 -5.86 5.36
CA ALA A 1102 -35.22 -5.64 4.01
C ALA A 1102 -36.38 -5.51 3.05
N LYS A 1103 -36.05 -4.94 1.89
CA LYS A 1103 -36.99 -4.83 0.78
C LYS A 1103 -37.73 -6.14 0.55
N ASP A 1104 -36.98 -7.23 0.45
CA ASP A 1104 -37.45 -8.48 -0.12
C ASP A 1104 -38.35 -9.28 0.79
N ASP A 1105 -38.52 -8.83 2.04
CA ASP A 1105 -39.03 -9.65 3.14
C ASP A 1105 -40.54 -9.45 3.32
N HIS A 1106 -41.31 -10.07 2.42
CA HIS A 1106 -42.75 -9.81 2.35
C HIS A 1106 -43.42 -10.00 3.68
N GLN A 1107 -42.95 -10.94 4.47
CA GLN A 1107 -43.59 -11.31 5.72
C GLN A 1107 -42.92 -10.71 6.94
N LYS A 1108 -41.92 -9.84 6.77
CA LYS A 1108 -41.10 -9.34 7.87
C LYS A 1108 -40.72 -10.48 8.81
N GLN A 1109 -39.95 -11.42 8.26
CA GLN A 1109 -39.50 -12.62 8.95
C GLN A 1109 -38.13 -12.47 9.60
N THR A 1110 -37.20 -11.75 8.97
CA THR A 1110 -35.82 -11.73 9.47
C THR A 1110 -35.28 -10.30 9.42
N PRO A 1111 -35.41 -9.56 10.52
CA PRO A 1111 -34.85 -8.21 10.57
C PRO A 1111 -33.42 -8.22 10.11
N ILE A 1112 -33.04 -7.15 9.41
CA ILE A 1112 -31.63 -6.91 9.21
C ILE A 1112 -31.10 -5.97 10.27
N TRP A 1113 -31.99 -5.43 11.12
CA TRP A 1113 -31.50 -4.69 12.28
C TRP A 1113 -32.59 -4.64 13.34
N SER A 1114 -32.18 -4.69 14.60
CA SER A 1114 -33.20 -4.67 15.63
C SER A 1114 -32.74 -3.83 16.80
N SER A 1115 -33.71 -3.30 17.53
CA SER A 1115 -33.43 -2.48 18.70
C SER A 1115 -33.08 -3.37 19.88
N GLN A 1116 -32.11 -2.95 20.68
CA GLN A 1116 -31.76 -3.81 21.81
C GLN A 1116 -32.78 -3.72 22.96
N ALA A 1117 -32.68 -4.72 23.85
CA ALA A 1117 -33.60 -4.83 24.98
C ALA A 1117 -33.52 -3.60 25.89
N GLY A 1118 -34.69 -3.12 26.31
CA GLY A 1118 -34.77 -1.93 27.13
C GLY A 1118 -34.91 -0.63 26.37
N ALA A 1119 -35.63 -0.64 25.25
CA ALA A 1119 -35.75 0.50 24.35
C ALA A 1119 -37.11 1.15 24.55
N GLY A 1120 -37.16 2.25 25.31
CA GLY A 1120 -38.37 3.01 25.52
C GLY A 1120 -38.47 4.21 24.59
N ALA A 1121 -39.71 4.62 24.30
CA ALA A 1121 -39.93 5.74 23.36
C ALA A 1121 -39.36 7.06 23.86
N SER A 1122 -38.74 7.08 25.04
CA SER A 1122 -38.08 8.27 25.56
C SER A 1122 -36.58 8.26 25.25
N ALA A 1123 -35.87 7.16 25.52
CA ALA A 1123 -34.51 7.00 25.02
C ALA A 1123 -34.63 6.81 23.51
N ILE A 1124 -34.43 7.88 22.74
CA ILE A 1124 -34.53 7.74 21.29
C ILE A 1124 -33.39 6.88 20.78
N GLU A 1125 -32.18 7.04 21.36
CA GLU A 1125 -30.99 6.35 20.87
C GLU A 1125 -31.25 4.87 20.69
N SER A 1126 -31.97 4.28 21.65
CA SER A 1126 -32.36 2.88 21.63
C SER A 1126 -33.27 2.51 20.49
N THR A 1127 -33.77 3.48 19.73
CA THR A 1127 -34.57 3.15 18.55
C THR A 1127 -33.97 3.77 17.29
N ALA A 1128 -32.72 4.23 17.36
CA ALA A 1128 -32.10 5.00 16.30
C ALA A 1128 -31.45 4.06 15.32
N TRP A 1129 -31.82 4.16 14.06
CA TRP A 1129 -31.30 3.28 13.02
C TRP A 1129 -30.35 4.08 12.19
N TYR A 1130 -29.07 3.84 12.33
CA TYR A 1130 -28.11 4.57 11.50
C TYR A 1130 -27.85 3.86 10.18
N GLY A 1131 -28.83 3.10 9.69
CA GLY A 1131 -28.77 2.51 8.37
C GLY A 1131 -27.68 1.47 8.23
N ILE A 1132 -27.67 0.52 9.16
CA ILE A 1132 -26.63 -0.48 9.27
C ILE A 1132 -27.29 -1.79 9.63
N THR A 1133 -26.54 -2.87 9.42
CA THR A 1133 -27.02 -4.19 9.82
C THR A 1133 -26.76 -4.47 11.30
N ALA A 1134 -27.35 -5.54 11.79
CA ALA A 1134 -27.02 -5.95 13.15
C ALA A 1134 -25.51 -5.98 13.38
N ARG A 1135 -24.73 -6.43 12.39
CA ARG A 1135 -23.28 -6.56 12.54
C ARG A 1135 -22.56 -5.24 12.45
N GLY A 1136 -23.20 -4.21 11.93
CA GLY A 1136 -22.61 -2.90 12.00
C GLY A 1136 -21.94 -2.40 10.75
N SER A 1137 -22.20 -2.98 9.60
CA SER A 1137 -21.76 -2.34 8.37
C SER A 1137 -22.94 -1.57 7.76
N LYS A 1138 -22.64 -0.67 6.81
CA LYS A 1138 -23.68 0.18 6.23
C LYS A 1138 -24.58 -0.63 5.28
N VAL A 1139 -25.91 -0.47 5.36
CA VAL A 1139 -26.79 -1.07 4.35
C VAL A 1139 -26.56 -0.41 2.99
N PRO A 1141 -27.64 1.49 -0.51
CA PRO A 1141 -28.61 2.55 -0.77
C PRO A 1141 -29.91 1.94 -1.29
N GLY A 1142 -31.03 2.35 -0.73
CA GLY A 1142 -32.30 1.73 -1.14
C GLY A 1142 -33.38 1.93 -0.08
N ASP A 1143 -34.44 1.13 -0.19
CA ASP A 1143 -35.63 1.26 0.65
C ASP A 1143 -35.68 0.13 1.66
N TYR A 1144 -35.97 0.46 2.92
CA TYR A 1144 -36.16 -0.54 3.95
C TYR A 1144 -37.41 -0.22 4.74
N GLN A 1145 -38.01 -1.23 5.34
CA GLN A 1145 -39.16 -1.02 6.21
C GLN A 1145 -38.71 -0.88 7.65
N TYR A 1146 -39.16 0.19 8.30
CA TYR A 1146 -38.82 0.54 9.68
C TYR A 1146 -40.07 0.30 10.50
N VAL A 1147 -40.08 -0.71 11.35
CA VAL A 1147 -41.33 -1.08 12.01
C VAL A 1147 -41.23 -0.94 13.52
N VAL A 1148 -42.08 -0.05 14.10
CA VAL A 1148 -42.13 0.19 15.53
C VAL A 1148 -43.29 -0.60 16.09
N THR A 1149 -43.05 -1.27 17.22
CA THR A 1149 -44.10 -2.03 17.89
C THR A 1149 -44.00 -1.83 19.40
N TYR A 1150 -45.10 -1.34 19.96
CA TYR A 1150 -45.24 -1.16 21.40
C TYR A 1150 -46.47 -1.91 21.83
N ARG A 1151 -46.47 -2.37 23.07
CA ARG A 1151 -47.56 -3.14 23.57
C ARG A 1151 -48.45 -2.26 24.40
N ASP A 1152 -47.83 -1.29 25.07
CA ASP A 1152 -48.54 -0.54 26.10
C ASP A 1152 -49.60 0.40 25.57
N GLU A 1153 -50.63 -0.16 24.93
CA GLU A 1153 -51.92 0.49 24.92
C GLU A 1153 -52.78 -0.13 26.01
N HIS A 1154 -52.12 -0.47 27.12
CA HIS A 1154 -52.75 -1.11 28.27
C HIS A 1154 -53.64 -2.26 27.82
N GLY A 1155 -53.07 -3.09 26.95
CA GLY A 1155 -53.84 -4.13 26.30
C GLY A 1155 -53.42 -4.34 24.86
N LYS A 1156 -54.35 -4.19 23.92
CA LYS A 1156 -54.04 -4.37 22.52
C LYS A 1156 -52.86 -3.47 22.15
N GLU A 1157 -52.05 -3.94 21.21
CA GLU A 1157 -50.82 -3.27 20.80
C GLU A 1157 -50.88 -2.95 19.31
N HIS A 1158 -49.95 -2.10 18.86
CA HIS A 1158 -50.00 -1.58 17.49
C HIS A 1158 -48.61 -1.67 16.88
N GLN A 1159 -48.54 -1.32 15.60
CA GLN A 1159 -47.33 -1.51 14.81
C GLN A 1159 -47.26 -0.41 13.76
N LYS A 1160 -46.12 0.26 13.65
CA LYS A 1160 -46.06 1.52 12.92
C LYS A 1160 -45.72 1.36 11.44
N GLN A 1161 -44.51 0.89 11.11
CA GLN A 1161 -44.15 0.62 9.71
C GLN A 1161 -44.02 1.79 8.73
N TYR A 1162 -42.92 2.51 8.75
CA TYR A 1162 -42.62 3.53 7.76
C TYR A 1162 -41.58 3.05 6.75
N THR A 1163 -41.66 3.52 5.49
CA THR A 1163 -40.68 3.09 4.50
C THR A 1163 -39.50 4.05 4.48
N ILE A 1164 -38.41 3.81 5.24
CA ILE A 1164 -37.23 4.71 5.22
C ILE A 1164 -36.38 4.41 4.01
N SER A 1165 -35.79 5.44 3.43
CA SER A 1165 -34.96 5.31 2.25
C SER A 1165 -33.58 5.87 2.50
N VAL A 1166 -32.53 5.13 2.17
CA VAL A 1166 -31.18 5.44 2.57
C VAL A 1166 -30.44 5.85 1.33
N ASN A 1167 -29.80 7.03 1.38
CA ASN A 1167 -28.98 7.46 0.26
C ASN A 1167 -28.03 8.58 0.67
N ASP A 1168 -26.76 8.46 0.30
CA ASP A 1168 -25.69 9.33 0.75
C ASP A 1168 -24.90 9.73 -0.48
N LYS A 1169 -25.41 10.72 -1.19
CA LYS A 1169 -24.80 11.17 -2.43
C LYS A 1169 -24.76 12.70 -2.38
N LYS A 1170 -23.56 13.25 -2.24
CA LYS A 1170 -23.30 14.66 -2.44
C LYS A 1170 -24.03 15.16 -3.70
N PRO A 1171 -24.93 16.12 -3.60
CA PRO A 1171 -25.63 16.57 -4.81
C PRO A 1171 -24.67 17.38 -5.65
N ILE A 1173 -23.44 20.40 -7.89
CA ILE A 1173 -23.74 21.81 -8.14
C ILE A 1173 -23.29 22.28 -9.52
N THR A 1174 -24.25 22.69 -10.35
CA THR A 1174 -23.94 23.22 -11.67
C THR A 1174 -23.70 24.71 -11.58
N GLN A 1175 -23.34 25.35 -12.71
CA GLN A 1175 -22.64 26.61 -12.56
C GLN A 1175 -23.53 27.83 -12.59
N GLY A 1176 -24.75 27.75 -13.07
CA GLY A 1176 -25.59 28.93 -13.04
C GLY A 1176 -25.04 30.07 -13.90
N ARG A 1177 -25.76 31.19 -13.84
CA ARG A 1177 -25.47 32.37 -14.63
C ARG A 1177 -24.98 33.48 -13.72
N PHE A 1178 -24.24 34.43 -14.29
CA PHE A 1178 -23.76 35.62 -13.56
C PHE A 1178 -23.99 36.87 -14.39
N ASP A 1179 -25.04 37.62 -14.10
CA ASP A 1179 -25.30 38.85 -14.84
C ASP A 1179 -25.06 40.05 -13.95
N THR A 1180 -24.83 41.19 -14.55
CA THR A 1180 -24.47 42.41 -13.78
C THR A 1180 -25.58 43.46 -13.91
N ILE A 1181 -26.37 43.63 -12.86
CA ILE A 1181 -27.53 44.57 -12.83
C ILE A 1181 -27.18 45.76 -11.96
N ASN A 1182 -27.45 46.93 -12.47
CA ASN A 1182 -27.08 48.20 -11.81
C ASN A 1182 -25.57 48.17 -11.71
N GLY A 1183 -24.94 48.40 -10.59
CA GLY A 1183 -23.48 48.28 -10.64
C GLY A 1183 -22.99 47.06 -9.92
N VAL A 1184 -23.87 46.15 -9.58
CA VAL A 1184 -23.53 45.01 -8.69
C VAL A 1184 -23.65 43.67 -9.40
N ASP A 1185 -22.95 42.67 -8.91
CA ASP A 1185 -23.01 41.32 -9.47
C ASP A 1185 -24.28 40.59 -9.02
N HIS A 1186 -24.99 40.01 -9.97
CA HIS A 1186 -26.20 39.23 -9.69
C HIS A 1186 -26.01 37.79 -10.10
N PHE A 1187 -26.08 36.86 -9.14
CA PHE A 1187 -25.87 35.45 -9.45
C PHE A 1187 -27.20 34.72 -9.49
N THR A 1188 -27.41 33.91 -10.53
CA THR A 1188 -28.64 33.12 -10.63
C THR A 1188 -28.33 31.63 -10.78
N PRO A 1189 -28.54 30.84 -9.75
CA PRO A 1189 -28.27 29.42 -9.85
C PRO A 1189 -29.20 28.80 -10.88
N ASP A 1190 -28.77 27.69 -11.47
CA ASP A 1190 -29.73 26.96 -12.30
C ASP A 1190 -30.86 26.37 -11.44
N LYS A 1191 -32.01 26.13 -12.06
CA LYS A 1191 -33.16 25.67 -11.28
C LYS A 1191 -32.93 24.26 -10.78
N THR A 1192 -33.31 24.00 -9.55
CA THR A 1192 -33.06 22.70 -8.95
C THR A 1192 -34.31 21.84 -9.08
N LYS A 1193 -34.14 20.57 -9.42
CA LYS A 1193 -35.29 19.67 -9.48
C LYS A 1193 -35.53 19.04 -8.10
N ALA A 1194 -36.77 18.65 -7.83
CA ALA A 1194 -37.11 18.18 -6.49
C ALA A 1194 -37.63 16.75 -6.50
N LEU A 1195 -37.53 16.07 -7.64
CA LEU A 1195 -37.88 14.67 -7.73
C LEU A 1195 -36.85 13.80 -7.01
N GLY A 1196 -37.32 12.86 -6.21
CA GLY A 1196 -36.46 11.80 -5.72
C GLY A 1196 -35.85 12.06 -4.36
N SER A 1197 -34.89 11.20 -4.02
CA SER A 1197 -34.13 11.37 -2.78
C SER A 1197 -33.12 12.49 -2.92
N SER A 1198 -32.56 12.68 -4.11
CA SER A 1198 -31.56 13.71 -4.28
C SER A 1198 -32.14 15.01 -4.80
N GLY A 1199 -33.46 15.18 -4.71
CA GLY A 1199 -34.06 16.47 -5.04
C GLY A 1199 -33.87 17.51 -3.95
N ILE A 1200 -33.58 18.76 -4.37
CA ILE A 1200 -33.15 19.80 -3.44
C ILE A 1200 -34.31 20.40 -2.67
N VAL A 1201 -34.08 20.64 -1.37
CA VAL A 1201 -35.08 21.27 -0.51
C VAL A 1201 -34.55 22.42 0.34
N ARG A 1202 -33.30 22.83 0.12
CA ARG A 1202 -32.81 24.06 0.72
C ARG A 1202 -31.87 24.71 -0.29
N GLU A 1203 -31.94 26.02 -0.45
CA GLU A 1203 -31.05 26.71 -1.35
C GLU A 1203 -30.53 27.93 -0.64
N GLU A 1204 -29.22 28.12 -0.66
CA GLU A 1204 -28.61 29.18 0.11
C GLU A 1204 -27.53 29.87 -0.71
N VAL A 1205 -27.52 31.19 -0.68
CA VAL A 1205 -26.35 31.96 -1.03
C VAL A 1205 -25.98 32.74 0.20
N PHE A 1206 -24.71 32.76 0.54
CA PHE A 1206 -24.27 33.49 1.70
C PHE A 1206 -22.85 33.97 1.50
N TYR A 1207 -22.37 34.77 2.46
CA TYR A 1207 -20.94 35.06 2.50
C TYR A 1207 -20.52 35.04 3.96
N LEU A 1208 -19.22 35.09 4.19
CA LEU A 1208 -18.66 34.96 5.53
C LEU A 1208 -17.91 36.23 5.90
N ALA A 1209 -18.35 36.90 6.96
CA ALA A 1209 -17.71 38.14 7.35
C ALA A 1209 -16.49 37.82 8.17
N LYS A 1210 -15.43 38.61 8.00
CA LYS A 1210 -14.25 38.42 8.84
C LYS A 1210 -14.49 39.11 10.18
N LYS A 1211 -14.59 38.35 11.26
CA LYS A 1211 -14.80 38.97 12.58
C LYS A 1211 -13.47 39.30 13.22
N ASN A 1212 -12.71 38.28 13.59
CA ASN A 1212 -11.51 38.58 14.35
C ASN A 1212 -10.35 38.22 13.46
N GLY A 1213 -10.43 38.66 12.21
CA GLY A 1213 -9.60 38.04 11.22
C GLY A 1213 -9.94 36.61 10.96
N ARG A 1214 -10.94 36.06 11.65
CA ARG A 1214 -11.42 34.72 11.39
C ARG A 1214 -12.73 34.78 10.62
N LYS A 1215 -12.93 33.80 9.76
CA LYS A 1215 -14.24 33.60 9.15
C LYS A 1215 -15.13 32.67 9.97
N PHE A 1216 -14.75 32.38 11.21
CA PHE A 1216 -15.55 31.52 12.08
C PHE A 1216 -15.41 32.05 13.49
N ASP A 1217 -16.10 31.42 14.43
CA ASP A 1217 -16.23 32.15 15.68
C ASP A 1217 -16.75 31.21 16.74
N VAL A 1218 -16.29 31.43 17.96
CA VAL A 1218 -16.69 30.68 19.14
C VAL A 1218 -17.78 31.43 19.87
N THR A 1219 -18.82 30.72 20.30
CA THR A 1219 -19.87 31.37 21.08
C THR A 1219 -20.09 30.59 22.37
N GLU A 1220 -20.04 31.31 23.49
CA GLU A 1220 -19.94 30.72 24.81
C GLU A 1220 -21.32 30.63 25.45
N GLY A 1221 -21.72 29.43 25.83
CA GLY A 1221 -22.93 29.22 26.61
C GLY A 1221 -22.63 28.33 27.80
N LYS A 1222 -23.68 28.11 28.61
CA LYS A 1222 -23.65 27.07 29.63
C LYS A 1222 -23.71 25.69 28.99
N ASP A 1223 -24.37 25.63 27.83
CA ASP A 1223 -24.45 24.47 26.94
C ASP A 1223 -23.08 24.04 26.44
N GLY A 1224 -22.03 24.76 26.85
CA GLY A 1224 -20.68 24.60 26.35
C GLY A 1224 -20.39 25.61 25.25
N ILE A 1225 -19.18 25.50 24.70
CA ILE A 1225 -18.78 26.33 23.57
C ILE A 1225 -19.30 25.70 22.30
N THR A 1226 -19.73 26.52 21.34
CA THR A 1226 -20.04 26.01 20.02
C THR A 1226 -19.22 26.79 19.00
N VAL A 1227 -18.84 26.12 17.89
CA VAL A 1227 -18.07 26.75 16.82
C VAL A 1227 -18.95 26.87 15.58
N SER A 1228 -18.80 28.00 14.90
CA SER A 1228 -19.71 28.28 13.80
C SER A 1228 -19.05 29.16 12.75
N ASP A 1229 -19.49 28.98 11.51
CA ASP A 1229 -19.08 29.89 10.48
C ASP A 1229 -19.78 31.23 10.65
N ASN A 1230 -19.17 32.26 10.09
CA ASN A 1230 -19.70 33.61 10.13
C ASN A 1230 -20.59 33.84 8.92
N LYS A 1231 -21.74 33.17 8.97
CA LYS A 1231 -22.63 33.11 7.83
C LYS A 1231 -23.53 34.33 7.79
N VAL A 1232 -23.66 34.92 6.61
CA VAL A 1232 -24.50 36.07 6.35
C VAL A 1232 -25.27 35.78 5.07
N TYR A 1233 -26.56 35.50 5.20
CA TYR A 1233 -27.30 35.01 4.05
C TYR A 1233 -27.75 36.18 3.14
N ILE A 1234 -28.12 35.85 1.91
CA ILE A 1234 -28.45 36.85 0.90
C ILE A 1234 -29.84 36.52 0.36
N PRO A 1235 -30.83 37.37 0.57
CA PRO A 1235 -32.18 36.99 0.17
C PRO A 1235 -32.25 36.82 -1.32
N LYS A 1236 -33.16 35.95 -1.74
CA LYS A 1236 -33.37 35.68 -3.15
C LYS A 1236 -34.26 36.78 -3.69
N ASN A 1237 -33.90 37.33 -4.82
CA ASN A 1237 -34.74 38.31 -5.49
C ASN A 1237 -35.85 37.59 -6.22
N PRO A 1238 -36.94 38.28 -6.57
CA PRO A 1238 -37.94 37.65 -7.44
C PRO A 1238 -37.41 37.30 -8.80
N ASP A 1239 -36.39 38.02 -9.24
CA ASP A 1239 -35.55 37.79 -10.39
C ASP A 1239 -35.16 36.34 -10.49
N GLY A 1240 -35.16 35.66 -9.35
CA GLY A 1240 -34.42 34.42 -9.19
C GLY A 1240 -32.94 34.61 -8.93
N SER A 1241 -32.42 35.82 -9.03
CA SER A 1241 -31.03 36.11 -8.71
C SER A 1241 -30.83 36.26 -7.20
N TYR A 1242 -29.56 36.19 -6.80
CA TYR A 1242 -29.08 36.65 -5.50
C TYR A 1242 -28.13 37.80 -5.77
N THR A 1243 -28.10 38.76 -4.87
CA THR A 1243 -27.39 40.00 -5.11
C THR A 1243 -26.07 39.96 -4.37
N ILE A 1244 -24.99 39.84 -5.12
CA ILE A 1244 -23.66 39.70 -4.55
C ILE A 1244 -23.02 41.08 -4.55
N SER A 1245 -23.21 41.81 -3.46
CA SER A 1245 -22.69 43.16 -3.37
C SER A 1245 -21.25 43.10 -2.95
N LYS A 1246 -20.40 43.89 -3.58
CA LYS A 1246 -18.99 43.90 -3.18
C LYS A 1246 -18.90 44.85 -2.00
N ARG A 1247 -19.07 44.27 -0.82
CA ARG A 1247 -19.10 44.97 0.45
C ARG A 1247 -17.66 45.29 0.86
N ASP A 1248 -17.51 45.65 2.13
CA ASP A 1248 -16.29 46.23 2.68
C ASP A 1248 -15.18 45.19 2.69
N GLY A 1249 -14.37 45.16 1.65
CA GLY A 1249 -13.35 44.12 1.57
C GLY A 1249 -13.91 42.73 1.77
N VAL A 1250 -15.02 42.41 1.11
CA VAL A 1250 -15.50 41.05 1.00
C VAL A 1250 -15.44 40.65 -0.47
N THR A 1251 -14.90 39.47 -0.72
CA THR A 1251 -14.57 39.07 -2.08
C THR A 1251 -15.43 37.92 -2.54
N LEU A 1252 -15.51 37.80 -3.87
CA LEU A 1252 -16.30 36.77 -4.51
C LEU A 1252 -15.93 35.38 -4.01
N SER A 1253 -14.69 35.19 -3.54
CA SER A 1253 -14.30 33.89 -3.00
C SER A 1253 -14.83 33.64 -1.60
N ASP A 1254 -15.57 34.60 -1.03
CA ASP A 1254 -16.20 34.43 0.27
C ASP A 1254 -17.71 34.38 0.18
N TYR A 1255 -18.26 34.37 -1.04
CA TYR A 1255 -19.66 34.05 -1.26
C TYR A 1255 -19.79 32.60 -1.69
N TYR A 1256 -20.84 31.95 -1.24
CA TYR A 1256 -21.02 30.52 -1.36
C TYR A 1256 -22.43 30.21 -1.85
N TYR A 1257 -22.56 29.25 -2.74
CA TYR A 1257 -23.86 28.66 -3.05
C TYR A 1257 -23.89 27.31 -2.35
N LEU A 1258 -25.04 26.94 -1.76
CA LEU A 1258 -25.11 25.73 -0.95
C LEU A 1258 -26.46 25.11 -1.12
N VAL A 1259 -26.54 23.77 -1.21
CA VAL A 1259 -27.80 23.06 -1.42
C VAL A 1259 -27.84 21.80 -0.57
N GLU A 1260 -29.06 21.34 -0.25
CA GLU A 1260 -29.27 20.18 0.62
C GLU A 1260 -30.49 19.44 0.10
N ASP A 1261 -30.36 18.13 -0.14
CA ASP A 1261 -31.41 17.35 -0.79
C ASP A 1261 -32.28 16.67 0.27
N ARG A 1262 -33.29 15.91 -0.22
CA ARG A 1262 -34.34 15.38 0.66
C ARG A 1262 -33.79 14.39 1.66
N ALA A 1263 -32.58 13.91 1.44
CA ALA A 1263 -31.94 12.93 2.28
C ALA A 1263 -30.89 13.55 3.16
N GLY A 1264 -30.67 14.84 3.02
CA GLY A 1264 -29.80 15.55 3.92
C GLY A 1264 -28.38 15.67 3.45
N ASN A 1265 -28.08 15.23 2.25
CA ASN A 1265 -26.76 15.43 1.71
C ASN A 1265 -26.58 16.89 1.38
N VAL A 1266 -25.37 17.39 1.45
CA VAL A 1266 -25.18 18.83 1.38
C VAL A 1266 -23.95 19.17 0.58
N SER A 1267 -24.09 20.03 -0.42
CA SER A 1267 -22.90 20.46 -1.17
C SER A 1267 -22.82 21.97 -1.27
N PHE A 1268 -21.60 22.49 -1.47
CA PHE A 1268 -21.50 23.92 -1.66
C PHE A 1268 -20.31 24.26 -2.53
N ALA A 1269 -20.43 25.35 -3.28
CA ALA A 1269 -19.32 25.89 -4.04
C ALA A 1269 -19.15 27.36 -3.70
N THR A 1270 -18.02 27.95 -4.11
CA THR A 1270 -17.84 29.38 -3.92
C THR A 1270 -18.30 30.11 -5.16
N LEU A 1271 -18.79 31.33 -4.99
CA LEU A 1271 -19.29 31.98 -6.18
C LEU A 1271 -18.18 32.30 -7.15
N ARG A 1272 -16.92 32.44 -6.69
CA ARG A 1272 -15.85 32.65 -7.68
C ARG A 1272 -15.62 31.41 -8.53
N ASP A 1273 -15.61 30.24 -7.91
CA ASP A 1273 -15.52 29.04 -8.73
C ASP A 1273 -16.65 29.00 -9.74
N LEU A 1274 -17.91 29.07 -9.27
CA LEU A 1274 -19.06 28.98 -10.18
C LEU A 1274 -19.02 30.01 -11.30
N LYS A 1275 -18.12 30.98 -11.25
CA LYS A 1275 -18.07 32.02 -12.27
C LYS A 1275 -16.91 31.85 -13.25
N ALA A 1276 -15.93 30.99 -12.96
CA ALA A 1276 -14.90 30.77 -13.96
C ALA A 1276 -15.46 30.09 -15.21
N VAL A 1277 -16.71 29.67 -15.21
CA VAL A 1277 -17.33 29.29 -16.46
C VAL A 1277 -17.68 30.58 -17.17
N GLY A 1278 -17.22 30.74 -18.40
CA GLY A 1278 -17.72 31.81 -19.25
C GLY A 1278 -19.24 31.69 -19.46
N LYS A 1279 -19.82 32.69 -20.15
CA LYS A 1279 -21.26 32.65 -20.45
C LYS A 1279 -21.56 31.85 -21.72
N ASP A 1280 -20.61 31.83 -22.63
CA ASP A 1280 -20.51 31.01 -23.82
C ASP A 1280 -20.15 29.55 -23.54
N LYS A 1281 -19.69 29.21 -22.34
CA LYS A 1281 -19.04 27.93 -22.09
C LYS A 1281 -19.97 26.99 -21.35
N ALA A 1282 -19.66 25.69 -21.44
CA ALA A 1282 -20.38 24.66 -20.70
C ALA A 1282 -19.40 23.83 -19.86
N VAL A 1283 -19.98 22.94 -19.05
CA VAL A 1283 -19.19 22.11 -18.15
C VAL A 1283 -19.69 20.67 -18.23
N VAL A 1284 -18.75 19.73 -18.23
CA VAL A 1284 -19.08 18.32 -18.25
C VAL A 1284 -18.37 17.67 -17.07
N ASN A 1285 -19.07 16.75 -16.42
CA ASN A 1285 -18.58 16.06 -15.24
C ASN A 1285 -18.76 14.55 -15.39
N PHE A 1286 -17.64 13.81 -15.30
CA PHE A 1286 -17.65 12.37 -15.44
C PHE A 1286 -17.54 11.70 -14.08
N GLY A 1287 -18.17 10.53 -13.96
CA GLY A 1287 -18.13 9.84 -12.68
C GLY A 1287 -18.55 8.40 -12.78
N LEU A 1288 -18.15 7.64 -11.77
CA LEU A 1288 -18.38 6.21 -11.73
C LEU A 1288 -19.60 5.92 -10.88
N ASP A 1289 -20.44 5.01 -11.34
CA ASP A 1289 -21.67 4.69 -10.62
C ASP A 1289 -21.51 3.37 -9.89
N LEU A 1290 -21.05 3.45 -8.64
CA LEU A 1290 -20.98 2.21 -7.90
C LEU A 1290 -22.20 2.06 -6.99
N PRO A 1291 -22.74 0.85 -6.93
CA PRO A 1291 -23.96 0.59 -6.14
C PRO A 1291 -23.70 0.37 -4.64
N VAL A 1292 -22.59 0.93 -4.15
CA VAL A 1292 -22.13 0.80 -2.78
C VAL A 1292 -22.11 2.14 -2.06
N PRO A 1293 -22.13 2.18 -0.72
CA PRO A 1293 -22.10 3.46 0.02
C PRO A 1293 -20.93 4.36 -0.37
N GLU A 1294 -21.16 5.69 -0.41
CA GLU A 1294 -20.21 6.58 -1.09
C GLU A 1294 -19.02 6.97 -0.20
N ASP A 1295 -18.46 5.95 0.46
CA ASP A 1295 -17.20 5.96 1.20
C ASP A 1295 -16.32 4.75 0.90
N LYS A 1296 -16.93 3.62 0.51
CA LYS A 1296 -16.24 2.39 0.15
C LYS A 1296 -16.22 2.20 -1.37
N GLN A 1297 -16.05 3.32 -2.11
CA GLN A 1297 -16.10 3.35 -3.57
C GLN A 1297 -14.77 3.86 -4.14
N ILE A 1298 -14.40 3.36 -5.34
CA ILE A 1298 -13.25 3.88 -6.08
C ILE A 1298 -13.48 5.37 -6.35
N VAL A 1299 -12.39 6.12 -6.43
CA VAL A 1299 -12.55 7.47 -6.95
C VAL A 1299 -11.45 7.70 -8.00
N ASN A 1300 -10.80 6.61 -8.42
CA ASN A 1300 -9.64 6.72 -9.30
C ASN A 1300 -9.97 6.12 -10.64
N PHE A 1301 -9.78 6.92 -11.68
CA PHE A 1301 -9.91 6.52 -13.07
C PHE A 1301 -9.42 7.68 -13.92
N THR A 1302 -9.31 7.43 -15.22
CA THR A 1302 -8.89 8.47 -16.15
C THR A 1302 -9.66 8.33 -17.45
N TYR A 1303 -9.78 9.43 -18.17
CA TYR A 1303 -10.65 9.52 -19.33
C TYR A 1303 -9.96 10.32 -20.41
N LEU A 1304 -10.48 10.23 -21.63
CA LEU A 1304 -10.01 11.10 -22.69
C LEU A 1304 -11.20 11.70 -23.42
N VAL A 1305 -11.26 13.03 -23.44
CA VAL A 1305 -12.27 13.77 -24.17
C VAL A 1305 -11.70 14.10 -25.53
N ARG A 1306 -12.46 13.77 -26.57
CA ARG A 1306 -12.14 14.16 -27.93
C ARG A 1306 -13.21 15.11 -28.46
N ASP A 1307 -12.74 16.14 -29.16
CA ASP A 1307 -13.57 17.09 -29.88
C ASP A 1307 -14.32 16.36 -30.99
N ALA A 1308 -15.19 17.10 -31.68
CA ALA A 1308 -16.09 16.46 -32.63
C ALA A 1308 -15.37 15.90 -33.85
N ASP A 1309 -14.07 16.15 -33.99
CA ASP A 1309 -13.23 15.60 -35.05
C ASP A 1309 -12.47 14.36 -34.63
N GLY A 1310 -12.46 14.03 -33.34
CA GLY A 1310 -11.60 12.97 -32.88
C GLY A 1310 -10.26 13.42 -32.34
N LYS A 1311 -9.91 14.70 -32.43
CA LYS A 1311 -8.69 15.16 -31.78
C LYS A 1311 -8.87 15.16 -30.27
N PRO A 1312 -7.87 14.73 -29.50
CA PRO A 1312 -7.90 14.98 -28.06
C PRO A 1312 -8.07 16.46 -27.81
N ILE A 1313 -9.01 16.80 -26.90
CA ILE A 1313 -9.06 18.18 -26.50
C ILE A 1313 -7.72 18.49 -25.82
N GLU A 1314 -7.39 19.78 -25.81
CA GLU A 1314 -6.13 20.25 -25.27
C GLU A 1314 -6.42 21.41 -24.34
N ASN A 1315 -5.45 21.71 -23.48
CA ASN A 1315 -5.54 22.86 -22.57
C ASN A 1315 -6.75 22.75 -21.65
N LEU A 1316 -6.73 21.72 -20.82
CA LEU A 1316 -7.86 21.46 -19.95
C LEU A 1316 -8.06 22.59 -18.94
N GLU A 1317 -9.33 22.99 -18.72
CA GLU A 1317 -9.71 23.81 -17.57
C GLU A 1317 -10.71 23.07 -16.67
N TYR A 1318 -10.39 22.97 -15.38
CA TYR A 1318 -11.21 22.20 -14.47
C TYR A 1318 -12.21 23.10 -13.74
N TYR A 1319 -13.31 22.49 -13.28
CA TYR A 1319 -14.46 23.18 -12.73
C TYR A 1319 -14.73 22.79 -11.28
N ASN A 1320 -14.83 23.79 -10.41
CA ASN A 1320 -15.14 23.58 -9.00
C ASN A 1320 -14.11 22.66 -8.33
N ASN A 1321 -12.86 22.74 -8.78
CA ASN A 1321 -11.75 21.98 -8.20
C ASN A 1321 -11.98 20.46 -8.26
N SER A 1322 -12.59 19.97 -9.33
CA SER A 1322 -12.70 18.53 -9.54
C SER A 1322 -11.92 18.19 -10.79
N GLY A 1323 -10.90 17.35 -10.65
CA GLY A 1323 -10.28 16.82 -11.86
C GLY A 1323 -11.23 16.04 -12.75
N ASN A 1324 -12.46 15.79 -12.31
CA ASN A 1324 -13.41 15.08 -13.15
C ASN A 1324 -14.42 15.99 -13.83
N SER A 1325 -14.21 17.32 -13.80
CA SER A 1325 -15.12 18.29 -14.38
C SER A 1325 -14.36 19.29 -15.23
N LEU A 1326 -14.66 19.31 -16.52
CA LEU A 1326 -13.97 20.17 -17.46
C LEU A 1326 -14.92 21.26 -17.91
N ILE A 1327 -14.35 22.40 -18.30
CA ILE A 1327 -15.08 23.50 -18.93
C ILE A 1327 -14.75 23.51 -20.41
N LEU A 1328 -15.73 23.20 -21.26
CA LEU A 1328 -15.49 23.16 -22.70
C LEU A 1328 -16.39 24.14 -23.47
N PRO A 1329 -15.92 24.66 -24.60
CA PRO A 1329 -16.80 25.41 -25.51
C PRO A 1329 -17.86 24.48 -26.06
N TYR A 1330 -18.97 25.09 -26.50
CA TYR A 1330 -20.10 24.35 -27.03
C TYR A 1330 -19.66 23.45 -28.18
N GLY A 1331 -20.16 22.22 -28.22
CA GLY A 1331 -19.88 21.37 -29.35
C GLY A 1331 -20.15 19.91 -29.09
N LYS A 1332 -19.77 19.08 -30.07
CA LYS A 1332 -19.94 17.65 -29.99
C LYS A 1332 -18.67 17.07 -29.41
N TYR A 1333 -18.82 16.14 -28.47
CA TYR A 1333 -17.67 15.51 -27.85
C TYR A 1333 -17.91 14.02 -27.64
N THR A 1334 -16.84 13.34 -27.20
CA THR A 1334 -16.86 11.91 -26.97
C THR A 1334 -15.83 11.63 -25.86
N VAL A 1335 -16.24 10.86 -24.83
CA VAL A 1335 -15.38 10.56 -23.69
C VAL A 1335 -15.14 9.06 -23.63
N GLU A 1336 -13.89 8.67 -23.34
CA GLU A 1336 -13.47 7.27 -23.29
C GLU A 1336 -12.85 6.97 -21.93
N LEU A 1337 -13.37 5.94 -21.27
CA LEU A 1337 -12.88 5.52 -19.96
C LEU A 1337 -11.57 4.76 -20.16
N LEU A 1338 -10.45 5.40 -19.83
CA LEU A 1338 -9.14 4.85 -20.16
C LEU A 1338 -8.71 3.75 -19.19
N THR A 1339 -8.64 4.09 -17.91
CA THR A 1339 -8.13 3.18 -16.92
C THR A 1339 -9.02 3.29 -15.70
N TYR A 1340 -9.14 2.19 -14.97
CA TYR A 1340 -9.66 2.27 -13.63
C TYR A 1340 -9.12 1.10 -12.86
N ASP A 1341 -9.41 1.05 -11.56
CA ASP A 1341 -8.91 -0.11 -10.84
C ASP A 1341 -9.69 -1.33 -11.29
N THR A 1342 -9.14 -1.98 -12.31
CA THR A 1342 -9.73 -3.17 -12.87
C THR A 1342 -9.73 -4.32 -11.88
N ASN A 1343 -8.98 -4.20 -10.78
CA ASN A 1343 -9.04 -5.18 -9.69
C ASN A 1343 -10.35 -5.05 -8.91
N ALA A 1344 -10.67 -3.83 -8.50
CA ALA A 1344 -11.83 -3.60 -7.63
C ALA A 1344 -13.16 -3.59 -8.38
N ALA A 1345 -13.19 -3.08 -9.61
CA ALA A 1345 -14.44 -2.95 -10.31
C ALA A 1345 -14.34 -3.48 -11.72
N LYS A 1346 -15.52 -3.70 -12.31
CA LYS A 1346 -15.69 -4.15 -13.68
C LYS A 1346 -16.68 -3.22 -14.38
N LEU A 1347 -16.24 -2.55 -15.46
CA LEU A 1347 -17.13 -1.70 -16.27
C LEU A 1347 -18.25 -2.50 -16.95
N GLU A 1348 -19.49 -2.04 -16.81
CA GLU A 1348 -20.65 -2.64 -17.48
C GLU A 1348 -21.38 -1.74 -18.48
N SER A 1349 -21.19 -0.42 -18.44
CA SER A 1349 -21.76 0.45 -19.45
C SER A 1349 -20.72 0.73 -20.55
N ASP A 1350 -21.17 1.39 -21.62
CA ASP A 1350 -20.30 1.73 -22.73
C ASP A 1350 -19.06 2.46 -22.24
N LYS A 1351 -17.89 2.07 -22.74
CA LYS A 1351 -16.68 2.81 -22.36
C LYS A 1351 -16.49 4.04 -23.22
N ILE A 1352 -17.18 4.16 -24.33
CA ILE A 1352 -17.25 5.41 -25.07
C ILE A 1352 -18.64 5.98 -24.91
N VAL A 1353 -18.73 7.24 -24.49
CA VAL A 1353 -20.00 7.95 -24.44
C VAL A 1353 -19.89 9.21 -25.28
N SER A 1354 -20.93 9.52 -26.04
CA SER A 1354 -20.98 10.78 -26.78
C SER A 1354 -21.82 11.78 -26.00
N PHE A 1355 -21.51 13.05 -26.16
CA PHE A 1355 -22.32 14.08 -25.54
C PHE A 1355 -22.12 15.35 -26.35
N THR A 1356 -23.15 16.22 -26.40
CA THR A 1356 -23.02 17.56 -26.98
C THR A 1356 -23.26 18.62 -25.93
N LEU A 1357 -22.39 19.60 -25.85
CA LEU A 1357 -22.61 20.73 -24.98
C LEU A 1357 -23.16 21.88 -25.80
N SER A 1358 -24.19 22.53 -25.26
CA SER A 1358 -24.90 23.57 -25.99
C SER A 1358 -25.40 24.61 -25.01
N ALA A 1359 -25.78 25.76 -25.59
CA ALA A 1359 -26.44 26.82 -24.84
C ALA A 1359 -27.50 26.28 -23.88
N ASP A 1360 -28.35 25.36 -24.33
CA ASP A 1360 -29.47 24.85 -23.54
C ASP A 1360 -29.09 23.68 -22.60
N ASN A 1361 -28.18 22.82 -23.06
CA ASN A 1361 -27.52 21.79 -22.25
C ASN A 1361 -26.09 22.21 -21.96
N ASN A 1362 -25.90 23.14 -21.02
CA ASN A 1362 -24.55 23.58 -20.75
C ASN A 1362 -23.95 22.91 -19.53
N PHE A 1363 -24.57 21.83 -19.07
CA PHE A 1363 -24.00 20.94 -18.06
C PHE A 1363 -24.42 19.52 -18.37
N GLN A 1364 -23.42 18.65 -18.63
CA GLN A 1364 -23.67 17.24 -18.87
C GLN A 1364 -22.97 16.40 -17.81
N GLN A 1365 -23.72 15.56 -17.11
CA GLN A 1365 -23.09 14.49 -16.37
C GLN A 1365 -23.00 13.30 -17.30
N VAL A 1366 -21.82 12.64 -17.35
CA VAL A 1366 -21.75 11.30 -17.92
C VAL A 1366 -21.20 10.38 -16.85
N THR A 1367 -21.78 9.19 -16.82
CA THR A 1367 -21.61 8.27 -15.71
C THR A 1367 -21.33 6.90 -16.27
N PHE A 1368 -20.16 6.34 -15.95
CA PHE A 1368 -19.87 4.96 -16.30
C PHE A 1368 -20.40 4.07 -15.20
N LYS A 1369 -21.26 3.11 -15.55
CA LYS A 1369 -21.91 2.29 -14.54
C LYS A 1369 -21.05 1.08 -14.25
N THR A 1371 -19.67 -2.45 -11.58
CA THR A 1371 -19.95 -3.56 -10.68
C THR A 1371 -18.69 -4.00 -9.94
N LEU A 1373 -16.04 -6.36 -7.57
CA LEU A 1373 -15.43 -7.67 -7.74
C LEU A 1373 -15.00 -8.20 -6.38
N ALA A 1374 -15.44 -9.40 -6.04
CA ALA A 1374 -15.01 -10.03 -4.80
C ALA A 1374 -14.29 -11.34 -5.08
N THR A 1375 -13.12 -11.48 -4.46
CA THR A 1375 -12.29 -12.66 -4.56
C THR A 1375 -12.33 -13.41 -3.25
N SER A 1376 -12.15 -14.72 -3.29
CA SER A 1376 -11.95 -15.48 -2.07
C SER A 1376 -10.93 -16.54 -2.37
N GLN A 1377 -10.40 -17.12 -1.32
CA GLN A 1377 -9.41 -18.16 -1.50
C GLN A 1377 -10.09 -19.48 -1.12
N ILE A 1378 -9.82 -20.53 -1.86
CA ILE A 1378 -10.32 -21.85 -1.49
C ILE A 1378 -9.14 -22.82 -1.52
N THR A 1379 -9.14 -23.73 -0.55
CA THR A 1379 -8.06 -24.68 -0.34
C THR A 1379 -8.68 -25.99 0.08
N ALA A 1380 -8.51 -27.00 -0.74
CA ALA A 1380 -8.89 -28.36 -0.39
C ALA A 1380 -7.68 -29.01 0.24
N HIS A 1381 -7.85 -29.51 1.46
CA HIS A 1381 -6.82 -30.13 2.27
C HIS A 1381 -7.22 -31.58 2.45
N PHE A 1382 -6.41 -32.52 1.94
CA PHE A 1382 -6.78 -33.94 1.94
C PHE A 1382 -6.22 -34.71 3.12
N ASP A 1383 -6.85 -35.86 3.40
CA ASP A 1383 -6.34 -36.80 4.40
C ASP A 1383 -4.94 -37.27 4.08
N HIS A 1384 -4.78 -37.95 2.95
CA HIS A 1384 -3.49 -38.48 2.53
C HIS A 1384 -3.19 -37.96 1.13
N LEU A 1385 -1.91 -37.92 0.77
CA LEU A 1385 -1.56 -37.54 -0.59
C LEU A 1385 -2.32 -38.41 -1.58
N LEU A 1386 -2.71 -37.79 -2.69
CA LEU A 1386 -3.57 -38.46 -3.70
C LEU A 1386 -2.72 -39.33 -4.64
N PRO A 1387 -3.28 -40.47 -5.09
CA PRO A 1387 -2.56 -41.34 -6.02
C PRO A 1387 -2.38 -40.66 -7.36
N GLU A 1388 -1.22 -40.92 -7.98
CA GLU A 1388 -0.82 -40.15 -9.16
C GLU A 1388 -1.86 -40.26 -10.26
N GLY A 1389 -1.93 -39.22 -11.09
CA GLY A 1389 -2.99 -39.13 -12.07
C GLY A 1389 -4.32 -38.69 -11.51
N SER A 1390 -4.37 -38.22 -10.27
CA SER A 1390 -5.58 -37.60 -9.78
C SER A 1390 -5.63 -36.15 -10.25
N ARG A 1391 -6.84 -35.64 -10.43
CA ARG A 1391 -7.02 -34.26 -10.89
C ARG A 1391 -8.01 -33.54 -9.99
N VAL A 1392 -7.61 -32.41 -9.42
CA VAL A 1392 -8.50 -31.69 -8.51
C VAL A 1392 -8.98 -30.43 -9.22
N SER A 1393 -10.24 -30.09 -9.00
CA SER A 1393 -10.77 -28.93 -9.69
C SER A 1393 -11.88 -28.31 -8.86
N LEU A 1394 -12.09 -27.03 -9.07
CA LEU A 1394 -13.21 -26.31 -8.50
C LEU A 1394 -14.27 -26.27 -9.59
N LYS A 1395 -15.47 -26.79 -9.31
CA LYS A 1395 -16.57 -26.82 -10.27
C LYS A 1395 -17.55 -25.71 -9.90
N THR A 1396 -17.66 -24.74 -10.80
CA THR A 1396 -18.52 -23.57 -10.67
C THR A 1396 -19.97 -23.93 -10.96
N ALA A 1397 -20.87 -23.04 -10.55
CA ALA A 1397 -22.28 -23.39 -10.56
C ALA A 1397 -22.85 -23.34 -11.96
N GLN A 1398 -22.26 -22.52 -12.85
CA GLN A 1398 -22.53 -22.64 -14.28
C GLN A 1398 -22.14 -24.03 -14.80
N GLY A 1399 -21.15 -24.68 -14.19
CA GLY A 1399 -20.86 -26.07 -14.49
C GLY A 1399 -19.43 -26.30 -14.92
N GLN A 1400 -18.67 -25.21 -15.09
CA GLN A 1400 -17.33 -25.24 -15.64
C GLN A 1400 -16.36 -25.71 -14.57
N LEU A 1401 -15.13 -26.03 -14.99
CA LEU A 1401 -14.10 -26.54 -14.08
C LEU A 1401 -12.93 -25.58 -14.04
N ILE A 1402 -12.49 -25.22 -12.83
CA ILE A 1402 -11.26 -24.49 -12.59
C ILE A 1402 -10.21 -25.49 -12.11
N PRO A 1403 -9.14 -25.72 -12.85
CA PRO A 1403 -8.22 -26.77 -12.44
C PRO A 1403 -7.29 -26.28 -11.34
N LEU A 1404 -6.93 -27.22 -10.46
CA LEU A 1404 -6.19 -26.96 -9.24
C LEU A 1404 -4.86 -27.72 -9.21
N GLU A 1405 -3.80 -27.03 -8.80
CA GLU A 1405 -2.49 -27.65 -8.70
C GLU A 1405 -2.19 -28.01 -7.25
N GLN A 1406 -1.46 -29.11 -7.11
CA GLN A 1406 -0.94 -29.48 -5.80
C GLN A 1406 -0.05 -28.37 -5.29
N SER A 1407 -0.13 -28.09 -4.00
CA SER A 1407 0.67 -27.00 -3.44
C SER A 1407 2.08 -27.45 -3.16
N LEU A 1408 3.05 -26.74 -3.72
CA LEU A 1408 4.44 -27.10 -3.47
C LEU A 1408 4.72 -27.34 -1.98
N TYR A 1409 4.61 -26.30 -1.16
CA TYR A 1409 5.00 -26.39 0.24
C TYR A 1409 4.03 -27.14 1.13
N VAL A 1410 2.88 -27.60 0.62
CA VAL A 1410 1.94 -28.45 1.39
C VAL A 1410 1.26 -29.41 0.42
N PRO A 1411 1.68 -30.66 0.35
CA PRO A 1411 1.39 -31.50 -0.80
C PRO A 1411 0.06 -32.24 -0.72
N LYS A 1412 -0.65 -32.10 0.40
CA LYS A 1412 -2.03 -32.57 0.52
C LYS A 1412 -3.04 -31.50 0.20
N ALA A 1413 -2.59 -30.28 -0.10
CA ALA A 1413 -3.46 -29.13 -0.24
C ALA A 1413 -3.45 -28.65 -1.67
N TYR A 1414 -4.63 -28.48 -2.24
CA TYR A 1414 -4.81 -27.91 -3.57
C TYR A 1414 -5.67 -26.65 -3.41
N GLY A 1415 -5.18 -25.50 -3.87
CA GLY A 1415 -5.95 -24.29 -3.69
C GLY A 1415 -5.78 -23.28 -4.79
N LYS A 1416 -6.68 -22.29 -4.80
CA LYS A 1416 -6.76 -21.27 -5.84
C LYS A 1416 -7.48 -20.06 -5.28
N THR A 1417 -7.13 -18.88 -5.78
CA THR A 1417 -7.94 -17.69 -5.55
C THR A 1417 -8.98 -17.53 -6.65
N VAL A 1418 -10.19 -17.19 -6.27
CA VAL A 1418 -11.34 -17.47 -7.10
C VAL A 1418 -12.27 -16.26 -7.03
N GLN A 1419 -13.22 -16.17 -7.95
CA GLN A 1419 -14.20 -15.08 -7.87
C GLN A 1419 -15.30 -15.47 -6.90
N GLU A 1420 -15.77 -14.51 -6.10
CA GLU A 1420 -16.70 -14.89 -5.05
C GLU A 1420 -17.85 -15.69 -5.64
N GLY A 1421 -18.17 -16.81 -5.01
CA GLY A 1421 -19.36 -17.53 -5.45
C GLY A 1421 -19.52 -18.87 -4.74
N THR A 1422 -20.07 -19.83 -5.46
CA THR A 1422 -20.28 -21.14 -4.90
C THR A 1422 -19.53 -22.17 -5.70
N TYR A 1423 -18.78 -23.03 -5.03
CA TYR A 1423 -18.00 -24.02 -5.73
C TYR A 1423 -18.14 -25.37 -5.06
N GLU A 1424 -17.93 -26.42 -5.88
CA GLU A 1424 -17.88 -27.81 -5.42
C GLU A 1424 -16.49 -28.32 -5.75
N VAL A 1425 -15.77 -28.82 -4.75
CA VAL A 1425 -14.50 -29.46 -5.05
C VAL A 1425 -14.77 -30.80 -5.72
N VAL A 1426 -14.12 -31.02 -6.85
CA VAL A 1426 -14.37 -32.16 -7.73
C VAL A 1426 -13.04 -32.84 -8.01
N VAL A 1427 -12.99 -34.16 -7.81
CA VAL A 1427 -11.73 -34.91 -7.88
C VAL A 1427 -11.89 -36.11 -8.80
N SER A 1428 -10.89 -36.34 -9.65
CA SER A 1428 -10.85 -37.48 -10.55
C SER A 1428 -9.77 -38.43 -10.06
N LEU A 1429 -10.20 -39.60 -9.58
CA LEU A 1429 -9.32 -40.58 -8.94
C LEU A 1429 -9.19 -41.84 -9.77
N PRO A 1430 -7.99 -42.21 -10.19
CA PRO A 1430 -7.83 -43.42 -10.99
C PRO A 1430 -7.73 -44.64 -10.10
N LYS A 1431 -8.89 -45.10 -9.61
CA LYS A 1431 -9.15 -46.47 -9.17
C LYS A 1431 -10.54 -46.44 -8.57
N GLY A 1432 -10.96 -47.50 -7.90
CA GLY A 1432 -11.97 -47.25 -6.88
C GLY A 1432 -11.35 -46.46 -5.73
N TYR A 1433 -11.60 -45.14 -5.68
CA TYR A 1433 -11.13 -44.31 -4.56
C TYR A 1433 -12.11 -43.37 -3.83
N ARG A 1434 -12.99 -42.64 -4.51
CA ARG A 1434 -14.15 -42.08 -3.81
C ARG A 1434 -13.77 -41.17 -2.63
N ILE A 1435 -13.31 -39.96 -2.96
CA ILE A 1435 -13.17 -38.90 -1.94
C ILE A 1435 -14.50 -38.62 -1.25
N GLU A 1436 -14.43 -38.33 0.05
CA GLU A 1436 -15.60 -38.25 0.91
C GLU A 1436 -15.61 -36.97 1.75
N GLY A 1437 -16.81 -36.39 1.91
CA GLY A 1437 -17.12 -35.41 2.93
C GLY A 1437 -17.15 -33.93 2.53
N ASN A 1438 -18.34 -33.37 2.33
CA ASN A 1438 -18.58 -31.92 2.30
C ASN A 1438 -17.63 -31.19 1.35
N THR A 1439 -17.87 -31.38 0.06
CA THR A 1439 -17.13 -30.71 -1.00
C THR A 1439 -17.69 -29.33 -1.40
N LYS A 1440 -18.76 -28.84 -0.77
CA LYS A 1440 -19.37 -27.60 -1.21
C LYS A 1440 -18.90 -26.42 -0.36
N VAL A 1441 -19.04 -25.21 -0.89
CA VAL A 1441 -18.70 -23.96 -0.20
C VAL A 1441 -19.24 -22.73 -0.90
N ASN A 1442 -19.73 -21.74 -0.13
CA ASN A 1442 -20.18 -20.45 -0.67
C ASN A 1442 -19.22 -19.41 -0.15
N THR A 1443 -18.27 -18.95 -0.95
CA THR A 1443 -17.23 -18.10 -0.37
C THR A 1443 -17.77 -16.71 0.01
N LEU A 1444 -16.95 -15.95 0.72
CA LEU A 1444 -17.22 -14.59 1.13
C LEU A 1444 -16.04 -13.71 0.77
N PRO A 1445 -16.23 -12.40 0.72
CA PRO A 1445 -15.17 -11.55 0.15
C PRO A 1445 -13.98 -11.50 1.08
N ASN A 1446 -12.81 -11.74 0.50
CA ASN A 1446 -11.54 -11.75 1.18
C ASN A 1446 -11.38 -12.86 2.18
N GLU A 1447 -12.34 -13.76 2.31
CA GLU A 1447 -12.14 -14.90 3.21
C GLU A 1447 -11.27 -15.99 2.59
N VAL A 1448 -10.67 -16.81 3.46
CA VAL A 1448 -9.98 -18.04 3.10
C VAL A 1448 -10.86 -19.19 3.52
N HIS A 1449 -11.08 -20.14 2.63
CA HIS A 1449 -11.94 -21.27 2.96
C HIS A 1449 -11.17 -22.57 2.81
N GLU A 1450 -11.08 -23.34 3.88
CA GLU A 1450 -10.43 -24.63 3.87
C GLU A 1450 -11.50 -25.70 3.78
N LEU A 1451 -11.18 -26.79 3.10
CA LEU A 1451 -12.03 -27.97 3.09
C LEU A 1451 -11.19 -29.17 3.49
N SER A 1452 -11.76 -29.99 4.35
CA SER A 1452 -11.08 -31.05 5.10
C SER A 1452 -11.32 -32.44 4.50
N LEU A 1453 -11.15 -32.59 3.19
CA LEU A 1453 -11.56 -33.80 2.48
C LEU A 1453 -10.68 -35.01 2.83
N ARG A 1454 -11.28 -36.20 2.76
CA ARG A 1454 -10.58 -37.46 3.04
C ARG A 1454 -10.61 -38.42 1.84
N LEU A 1455 -9.45 -39.07 1.56
CA LEU A 1455 -9.36 -40.13 0.55
C LEU A 1455 -9.76 -41.44 1.23
N VAL A 1456 -10.73 -42.15 0.64
CA VAL A 1456 -11.29 -43.37 1.21
C VAL A 1456 -10.91 -44.54 0.30
N LYS A 1457 -11.08 -45.77 0.81
CA LYS A 1457 -10.62 -46.97 0.08
C LYS A 1457 -11.77 -47.85 -0.40
#